data_1L8P
#
_entry.id   1L8P
#
_cell.length_a   63.200
_cell.length_b   164.100
_cell.length_c   84.600
_cell.angle_alpha   90.00
_cell.angle_beta   90.40
_cell.angle_gamma   90.00
#
_symmetry.space_group_name_H-M   'P 1 21 1'
#
loop_
_entity.id
_entity.type
_entity.pdbx_description
1 polymer 'enolase 1'
2 non-polymer 'MAGNESIUM ION'
3 non-polymer 'PHOSPHONOACETOHYDROXAMIC ACID'
4 water water
#
_entity_poly.entity_id   1
_entity_poly.type   'polypeptide(L)'
_entity_poly.pdbx_seq_one_letter_code
;AVSKVYARSVYDSRGNPTVEVELTTEKGVFRSIVPSGAATGVHEALEMRDGDKSKWMGKGVLHAVKNVNDVIAPAFVKAN
IDVKDQKAVDDFLISLDGTANKSKLGANAILGVSLAASRAAAAEKNVPLYKHLADLSKSKTSPYVLPVPFLNVLNGGSHA
GGALALQEFMIAPTGAKTFAEALRIGSEVYHNLKSLTKKRYGASAGNVGDEGGVAPNIQTAEEALDLIVDAIKAAGHDGK
VKIGLDCASSEFFKDGKYDLDFKNPNSDKSKWLTGPQLADLYHSLMKRYPIVSIEDPFAEDDWEAWSHFFKTAGIQIVAD
DLTVTNPKRIATAIEKKAADALLLKVNQIGTLSESIKAAQDSFAAGWGVMVSHRSGETEDTFIADLVVGLRTGQIKTGAP
ARSERLAKLNQLLRIEEELGDNAVFAGENFHHGDKL
;
_entity_poly.pdbx_strand_id   A,B,C,D
#
loop_
_chem_comp.id
_chem_comp.type
_chem_comp.name
_chem_comp.formula
MG non-polymer 'MAGNESIUM ION' 'Mg 2'
PAH non-polymer 'PHOSPHONOACETOHYDROXAMIC ACID' 'C2 H6 N O5 P'
#
# COMPACT_ATOMS: atom_id res chain seq x y z
N ALA A 1 -68.13 2.49 2.30
CA ALA A 1 -68.24 2.46 0.82
C ALA A 1 -67.09 3.23 0.18
N VAL A 2 -66.57 2.71 -0.92
CA VAL A 2 -65.47 3.36 -1.63
C VAL A 2 -66.06 4.42 -2.54
N SER A 3 -65.87 5.69 -2.19
CA SER A 3 -66.40 6.78 -2.97
C SER A 3 -65.43 7.27 -4.03
N LYS A 4 -64.15 6.96 -3.85
CA LYS A 4 -63.13 7.41 -4.79
C LYS A 4 -61.84 6.59 -4.79
N VAL A 5 -61.26 6.43 -5.98
CA VAL A 5 -60.00 5.72 -6.17
C VAL A 5 -59.17 6.65 -7.06
N TYR A 6 -58.02 7.08 -6.56
CA TYR A 6 -57.15 8.00 -7.28
C TYR A 6 -55.68 7.60 -7.23
N ALA A 7 -54.98 7.81 -8.33
CA ALA A 7 -53.56 7.49 -8.40
C ALA A 7 -52.78 8.69 -8.92
N ARG A 8 -51.54 8.80 -8.44
CA ARG A 8 -50.64 9.88 -8.84
C ARG A 8 -49.24 9.32 -8.87
N SER A 9 -48.34 10.05 -9.52
CA SER A 9 -46.95 9.65 -9.61
C SER A 9 -46.21 10.26 -8.41
N VAL A 10 -45.33 9.48 -7.80
CA VAL A 10 -44.50 9.96 -6.70
C VAL A 10 -43.11 9.39 -6.97
N TYR A 11 -42.12 9.75 -6.15
CA TYR A 11 -40.76 9.26 -6.34
C TYR A 11 -40.33 8.22 -5.33
N ASP A 12 -39.58 7.23 -5.78
CA ASP A 12 -39.08 6.19 -4.87
C ASP A 12 -37.70 6.61 -4.37
N SER A 13 -37.09 5.80 -3.52
CA SER A 13 -35.78 6.10 -2.95
C SER A 13 -34.62 6.32 -3.93
N ARG A 14 -34.79 5.89 -5.19
CA ARG A 14 -33.75 6.07 -6.19
C ARG A 14 -34.02 7.27 -7.08
N GLY A 15 -35.12 7.97 -6.85
CA GLY A 15 -35.42 9.14 -7.66
C GLY A 15 -36.17 8.80 -8.94
N ASN A 16 -36.78 7.63 -8.96
CA ASN A 16 -37.55 7.20 -10.12
C ASN A 16 -39.02 7.24 -9.73
N PRO A 17 -39.89 7.62 -10.66
CA PRO A 17 -41.32 7.69 -10.37
C PRO A 17 -41.94 6.34 -10.13
N THR A 18 -42.98 6.31 -9.30
CA THR A 18 -43.73 5.09 -9.04
C THR A 18 -45.18 5.49 -8.78
N VAL A 19 -46.03 4.49 -8.67
CA VAL A 19 -47.46 4.72 -8.48
C VAL A 19 -47.91 4.76 -7.02
N GLU A 20 -48.70 5.78 -6.71
CA GLU A 20 -49.27 5.94 -5.39
C GLU A 20 -50.79 5.98 -5.58
N VAL A 21 -51.50 5.21 -4.77
CA VAL A 21 -52.95 5.14 -4.85
C VAL A 21 -53.61 5.58 -3.55
N GLU A 22 -54.74 6.28 -3.66
CA GLU A 22 -55.49 6.72 -2.49
C GLU A 22 -56.92 6.24 -2.70
N LEU A 23 -57.46 5.55 -1.69
CA LEU A 23 -58.83 5.06 -1.74
C LEU A 23 -59.58 5.81 -0.65
N THR A 24 -60.73 6.37 -1.01
CA THR A 24 -61.53 7.13 -0.06
C THR A 24 -62.83 6.44 0.33
N THR A 25 -63.10 6.39 1.64
CA THR A 25 -64.31 5.79 2.18
C THR A 25 -64.77 6.71 3.30
N GLU A 26 -65.82 6.29 4.02
CA GLU A 26 -66.33 7.10 5.12
C GLU A 26 -65.31 7.20 6.25
N LYS A 27 -64.30 6.33 6.25
CA LYS A 27 -63.28 6.34 7.29
C LYS A 27 -62.13 7.28 6.96
N GLY A 28 -62.12 7.80 5.73
CA GLY A 28 -61.06 8.70 5.33
C GLY A 28 -60.34 8.34 4.04
N VAL A 29 -59.09 8.79 3.93
CA VAL A 29 -58.26 8.54 2.76
C VAL A 29 -57.12 7.59 3.11
N PHE A 30 -57.01 6.49 2.36
CA PHE A 30 -56.00 5.49 2.59
C PHE A 30 -55.08 5.40 1.39
N ARG A 31 -53.79 5.60 1.66
CA ARG A 31 -52.75 5.64 0.66
C ARG A 31 -51.78 4.47 0.68
N SER A 32 -51.39 4.00 -0.50
CA SER A 32 -50.43 2.92 -0.63
C SER A 32 -49.52 3.29 -1.79
N ILE A 33 -48.26 2.90 -1.72
CA ILE A 33 -47.30 3.20 -2.78
C ILE A 33 -46.63 1.92 -3.24
N VAL A 34 -46.46 1.79 -4.55
CA VAL A 34 -45.86 0.61 -5.14
C VAL A 34 -44.33 0.68 -5.20
N PRO A 35 -43.65 -0.37 -4.70
CA PRO A 35 -42.18 -0.45 -4.70
C PRO A 35 -41.69 -0.83 -6.09
N SER A 36 -40.37 -0.86 -6.28
CA SER A 36 -39.80 -1.19 -7.59
C SER A 36 -38.41 -1.81 -7.49
N GLY A 37 -38.25 -3.00 -8.08
CA GLY A 37 -36.95 -3.65 -8.06
C GLY A 37 -36.14 -3.26 -9.27
N ALA A 38 -34.90 -3.75 -9.34
CA ALA A 38 -33.99 -3.47 -10.47
C ALA A 38 -33.57 -4.85 -10.98
N ALA A 39 -33.28 -4.97 -12.27
CA ALA A 39 -32.90 -6.27 -12.85
C ALA A 39 -33.89 -7.31 -12.31
N THR A 40 -35.17 -6.96 -12.36
CA THR A 40 -36.25 -7.81 -11.87
C THR A 40 -36.33 -9.18 -12.52
N GLY A 41 -36.85 -10.15 -11.77
CA GLY A 41 -36.99 -11.50 -12.29
C GLY A 41 -37.81 -11.50 -13.57
N VAL A 42 -37.39 -12.32 -14.54
CA VAL A 42 -38.08 -12.41 -15.82
C VAL A 42 -39.54 -12.81 -15.68
N HIS A 43 -39.84 -13.54 -14.62
CA HIS A 43 -41.21 -14.02 -14.41
C HIS A 43 -42.07 -13.08 -13.55
N GLU A 44 -41.51 -11.98 -13.07
CA GLU A 44 -42.29 -11.06 -12.24
C GLU A 44 -43.47 -10.45 -13.01
N ALA A 45 -44.50 -10.07 -12.26
CA ALA A 45 -45.68 -9.44 -12.86
C ALA A 45 -45.19 -8.14 -13.49
N LEU A 46 -45.91 -7.64 -14.49
CA LEU A 46 -45.49 -6.44 -15.20
C LEU A 46 -45.50 -5.08 -14.50
N GLU A 47 -44.32 -4.46 -14.47
CA GLU A 47 -44.16 -3.11 -13.92
C GLU A 47 -44.20 -2.28 -15.19
N MET A 48 -45.31 -1.59 -15.45
CA MET A 48 -45.45 -0.80 -16.66
C MET A 48 -44.71 0.54 -16.57
N ARG A 49 -43.84 0.79 -17.55
CA ARG A 49 -43.07 2.03 -17.62
C ARG A 49 -43.42 2.75 -18.92
N ASP A 50 -43.42 4.09 -18.89
CA ASP A 50 -43.78 4.89 -20.06
C ASP A 50 -42.85 4.77 -21.27
N GLY A 51 -41.54 4.69 -21.05
CA GLY A 51 -40.63 4.59 -22.16
C GLY A 51 -40.50 5.88 -22.97
N ASP A 52 -40.80 7.00 -22.34
CA ASP A 52 -40.68 8.30 -23.00
C ASP A 52 -39.30 8.87 -22.61
N LYS A 53 -38.36 8.79 -23.54
CA LYS A 53 -36.98 9.23 -23.31
C LYS A 53 -36.88 10.70 -22.91
N SER A 54 -37.89 11.50 -23.25
CA SER A 54 -37.85 12.92 -22.92
C SER A 54 -38.41 13.20 -21.52
N LYS A 55 -38.80 12.15 -20.81
CA LYS A 55 -39.34 12.30 -19.47
C LYS A 55 -38.93 11.18 -18.53
N TRP A 56 -38.32 11.57 -17.41
CA TRP A 56 -37.87 10.65 -16.38
C TRP A 56 -36.94 9.54 -16.89
N MET A 57 -36.07 9.87 -17.83
CA MET A 57 -35.13 8.88 -18.38
C MET A 57 -35.91 7.73 -19.00
N GLY A 58 -37.18 7.97 -19.33
CA GLY A 58 -38.01 6.94 -19.92
C GLY A 58 -38.63 6.02 -18.87
N LYS A 59 -38.55 6.42 -17.61
CA LYS A 59 -39.07 5.62 -16.52
C LYS A 59 -40.36 6.13 -15.88
N GLY A 60 -41.15 6.91 -16.63
CA GLY A 60 -42.38 7.42 -16.08
C GLY A 60 -43.42 6.33 -15.89
N VAL A 61 -44.43 6.59 -15.06
CA VAL A 61 -45.50 5.62 -14.85
C VAL A 61 -46.86 6.21 -15.17
N LEU A 62 -46.89 7.20 -16.07
CA LEU A 62 -48.15 7.82 -16.46
C LEU A 62 -49.14 6.80 -17.02
N HIS A 63 -48.64 5.80 -17.75
CA HIS A 63 -49.54 4.79 -18.31
C HIS A 63 -50.22 4.03 -17.18
N ALA A 64 -49.44 3.60 -16.21
CA ALA A 64 -49.97 2.87 -15.07
C ALA A 64 -50.98 3.74 -14.33
N VAL A 65 -50.59 4.97 -14.06
CA VAL A 65 -51.47 5.91 -13.34
C VAL A 65 -52.80 6.09 -14.08
N LYS A 66 -52.73 6.23 -15.40
CA LYS A 66 -53.92 6.41 -16.21
C LYS A 66 -54.81 5.17 -16.13
N ASN A 67 -54.19 3.99 -16.07
CA ASN A 67 -54.97 2.76 -15.98
C ASN A 67 -55.79 2.79 -14.69
N VAL A 68 -55.19 3.30 -13.63
CA VAL A 68 -55.91 3.41 -12.36
C VAL A 68 -57.06 4.40 -12.48
N ASN A 69 -56.75 5.65 -12.81
CA ASN A 69 -57.79 6.69 -12.90
C ASN A 69 -58.82 6.53 -14.01
N ASP A 70 -58.42 6.00 -15.16
CA ASP A 70 -59.35 5.86 -16.27
C ASP A 70 -60.03 4.50 -16.40
N VAL A 71 -59.37 3.43 -15.97
CA VAL A 71 -59.96 2.10 -16.09
C VAL A 71 -60.43 1.49 -14.76
N ILE A 72 -59.50 1.34 -13.83
CA ILE A 72 -59.82 0.75 -12.53
C ILE A 72 -60.79 1.57 -11.66
N ALA A 73 -60.48 2.84 -11.43
CA ALA A 73 -61.30 3.71 -10.60
C ALA A 73 -62.81 3.70 -10.89
N PRO A 74 -63.20 4.01 -12.14
CA PRO A 74 -64.62 4.02 -12.47
C PRO A 74 -65.34 2.69 -12.22
N ALA A 75 -64.76 1.59 -12.72
CA ALA A 75 -65.35 0.27 -12.56
C ALA A 75 -65.36 -0.14 -11.09
N PHE A 76 -64.27 0.15 -10.40
CA PHE A 76 -64.16 -0.22 -9.00
C PHE A 76 -65.18 0.53 -8.14
N VAL A 77 -65.29 1.84 -8.34
CA VAL A 77 -66.24 2.64 -7.58
C VAL A 77 -67.68 2.17 -7.83
N LYS A 78 -68.02 1.91 -9.10
CA LYS A 78 -69.37 1.47 -9.43
C LYS A 78 -69.70 0.08 -8.89
N ALA A 79 -68.71 -0.79 -8.79
CA ALA A 79 -68.93 -2.14 -8.30
C ALA A 79 -69.29 -2.18 -6.81
N ASN A 80 -69.07 -1.08 -6.10
CA ASN A 80 -69.41 -1.01 -4.68
C ASN A 80 -68.97 -2.27 -3.94
N ILE A 81 -67.65 -2.48 -3.91
CA ILE A 81 -67.06 -3.65 -3.27
C ILE A 81 -66.83 -3.46 -1.77
N ASP A 82 -66.85 -4.55 -1.00
CA ASP A 82 -66.62 -4.49 0.44
C ASP A 82 -65.13 -4.67 0.67
N VAL A 83 -64.45 -3.57 0.99
CA VAL A 83 -63.02 -3.61 1.21
C VAL A 83 -62.54 -4.68 2.18
N LYS A 84 -63.38 -5.07 3.13
CA LYS A 84 -62.98 -6.10 4.09
C LYS A 84 -62.85 -7.45 3.42
N ASP A 85 -63.52 -7.61 2.28
CA ASP A 85 -63.46 -8.86 1.52
C ASP A 85 -62.30 -8.71 0.53
N GLN A 86 -61.07 -8.88 1.03
CA GLN A 86 -59.89 -8.74 0.19
C GLN A 86 -59.93 -9.67 -1.02
N LYS A 87 -60.47 -10.86 -0.84
CA LYS A 87 -60.57 -11.80 -1.96
C LYS A 87 -61.42 -11.15 -3.03
N ALA A 88 -62.58 -10.63 -2.63
CA ALA A 88 -63.47 -9.98 -3.57
C ALA A 88 -62.77 -8.82 -4.27
N VAL A 89 -62.07 -7.99 -3.49
CA VAL A 89 -61.36 -6.85 -4.04
C VAL A 89 -60.34 -7.27 -5.10
N ASP A 90 -59.54 -8.28 -4.78
CA ASP A 90 -58.52 -8.74 -5.71
C ASP A 90 -59.03 -9.54 -6.89
N ASP A 91 -60.17 -10.20 -6.73
CA ASP A 91 -60.72 -10.96 -7.83
C ASP A 91 -61.24 -9.97 -8.89
N PHE A 92 -61.79 -8.85 -8.40
CA PHE A 92 -62.31 -7.81 -9.30
C PHE A 92 -61.18 -7.16 -10.10
N LEU A 93 -60.09 -6.83 -9.43
CA LEU A 93 -58.95 -6.20 -10.09
C LEU A 93 -58.34 -7.13 -11.12
N ILE A 94 -58.13 -8.39 -10.71
CA ILE A 94 -57.54 -9.38 -11.60
C ILE A 94 -58.44 -9.64 -12.80
N SER A 95 -59.74 -9.66 -12.56
CA SER A 95 -60.71 -9.88 -13.63
C SER A 95 -60.67 -8.72 -14.61
N LEU A 96 -60.53 -7.50 -14.08
CA LEU A 96 -60.47 -6.32 -14.93
C LEU A 96 -59.25 -6.39 -15.85
N ASP A 97 -58.15 -6.94 -15.34
CA ASP A 97 -56.94 -7.06 -16.15
C ASP A 97 -57.08 -8.22 -17.14
N GLY A 98 -57.57 -9.34 -16.66
CA GLY A 98 -57.77 -10.51 -17.50
C GLY A 98 -56.53 -11.18 -18.09
N THR A 99 -55.35 -10.80 -17.63
CA THR A 99 -54.14 -11.42 -18.15
C THR A 99 -53.39 -12.17 -17.06
N ALA A 100 -52.50 -13.06 -17.48
CA ALA A 100 -51.74 -13.86 -16.53
C ALA A 100 -50.74 -13.04 -15.74
N ASN A 101 -50.01 -12.15 -16.42
CA ASN A 101 -49.01 -11.34 -15.75
C ASN A 101 -49.36 -9.87 -15.58
N LYS A 102 -50.66 -9.58 -15.61
CA LYS A 102 -51.15 -8.21 -15.45
C LYS A 102 -50.51 -7.27 -16.47
N SER A 103 -50.39 -7.77 -17.70
CA SER A 103 -49.79 -7.01 -18.80
C SER A 103 -50.72 -5.99 -19.43
N LYS A 104 -51.99 -6.05 -19.08
CA LYS A 104 -52.98 -5.12 -19.63
C LYS A 104 -53.02 -3.82 -18.84
N LEU A 105 -53.18 -3.90 -17.54
CA LEU A 105 -53.26 -2.70 -16.71
C LEU A 105 -51.94 -2.42 -16.01
N GLY A 106 -51.17 -3.48 -15.77
CA GLY A 106 -49.90 -3.33 -15.09
C GLY A 106 -50.04 -3.69 -13.62
N ALA A 107 -49.07 -4.40 -13.07
CA ALA A 107 -49.12 -4.77 -11.66
C ALA A 107 -48.96 -3.51 -10.82
N ASN A 108 -48.18 -2.55 -11.31
CA ASN A 108 -47.97 -1.32 -10.57
C ASN A 108 -49.19 -0.40 -10.58
N ALA A 109 -50.26 -0.84 -11.23
CA ALA A 109 -51.50 -0.06 -11.24
C ALA A 109 -52.49 -0.78 -10.31
N ILE A 110 -52.48 -2.11 -10.37
CA ILE A 110 -53.36 -2.93 -9.55
C ILE A 110 -52.97 -3.02 -8.08
N LEU A 111 -51.69 -3.24 -7.80
CA LEU A 111 -51.22 -3.39 -6.41
C LEU A 111 -51.58 -2.26 -5.46
N GLY A 112 -51.51 -1.01 -5.92
CA GLY A 112 -51.82 0.12 -5.05
C GLY A 112 -53.26 0.11 -4.55
N VAL A 113 -54.19 -0.35 -5.40
CA VAL A 113 -55.59 -0.42 -5.04
C VAL A 113 -55.82 -1.57 -4.08
N SER A 114 -55.17 -2.69 -4.35
CA SER A 114 -55.25 -3.88 -3.51
C SER A 114 -54.76 -3.56 -2.10
N LEU A 115 -53.62 -2.87 -2.00
CA LEU A 115 -53.07 -2.52 -0.69
C LEU A 115 -53.92 -1.47 0.03
N ALA A 116 -54.27 -0.39 -0.66
CA ALA A 116 -55.09 0.68 -0.09
C ALA A 116 -56.41 0.14 0.49
N ALA A 117 -57.03 -0.79 -0.22
CA ALA A 117 -58.29 -1.38 0.24
C ALA A 117 -58.11 -2.09 1.59
N SER A 118 -56.99 -2.77 1.76
CA SER A 118 -56.78 -3.49 3.02
C SER A 118 -56.58 -2.50 4.17
N ARG A 119 -56.06 -1.31 3.86
CA ARG A 119 -55.87 -0.29 4.89
C ARG A 119 -57.24 0.30 5.26
N ALA A 120 -58.08 0.49 4.24
CA ALA A 120 -59.41 1.04 4.44
C ALA A 120 -60.24 0.06 5.27
N ALA A 121 -60.11 -1.23 4.96
CA ALA A 121 -60.85 -2.27 5.69
C ALA A 121 -60.44 -2.31 7.17
N ALA A 122 -59.13 -2.18 7.42
CA ALA A 122 -58.63 -2.20 8.79
C ALA A 122 -59.26 -1.08 9.60
N ALA A 123 -59.40 0.08 8.96
CA ALA A 123 -60.01 1.24 9.62
C ALA A 123 -61.50 1.01 9.86
N GLU A 124 -62.17 0.36 8.91
CA GLU A 124 -63.59 0.10 9.06
C GLU A 124 -63.80 -0.80 10.27
N LYS A 125 -62.90 -1.76 10.42
CA LYS A 125 -62.94 -2.73 11.51
C LYS A 125 -62.39 -2.17 12.83
N ASN A 126 -61.82 -0.97 12.76
CA ASN A 126 -61.25 -0.35 13.95
C ASN A 126 -60.13 -1.19 14.56
N VAL A 127 -59.28 -1.77 13.72
CA VAL A 127 -58.14 -2.55 14.21
C VAL A 127 -56.89 -2.14 13.45
N PRO A 128 -55.71 -2.31 14.05
CA PRO A 128 -54.46 -1.93 13.37
C PRO A 128 -54.25 -2.82 12.14
N LEU A 129 -53.53 -2.30 11.14
CA LEU A 129 -53.31 -3.05 9.90
C LEU A 129 -52.77 -4.47 10.06
N TYR A 130 -51.77 -4.67 10.90
CA TYR A 130 -51.21 -6.01 11.08
C TYR A 130 -52.28 -6.98 11.62
N LYS A 131 -53.24 -6.42 12.34
CA LYS A 131 -54.33 -7.22 12.91
C LYS A 131 -55.26 -7.68 11.79
N HIS A 132 -55.63 -6.75 10.91
CA HIS A 132 -56.50 -7.08 9.80
C HIS A 132 -55.83 -8.07 8.84
N LEU A 133 -54.52 -7.93 8.66
CA LEU A 133 -53.80 -8.83 7.78
C LEU A 133 -53.69 -10.22 8.41
N ALA A 134 -53.66 -10.27 9.74
CA ALA A 134 -53.60 -11.55 10.44
C ALA A 134 -54.94 -12.26 10.22
N ASP A 135 -56.03 -11.49 10.20
CA ASP A 135 -57.36 -12.05 9.97
C ASP A 135 -57.49 -12.51 8.51
N LEU A 136 -57.00 -11.69 7.58
CA LEU A 136 -57.08 -12.01 6.16
C LEU A 136 -56.35 -13.31 5.83
N SER A 137 -55.23 -13.56 6.50
CA SER A 137 -54.43 -14.75 6.26
C SER A 137 -54.71 -15.86 7.26
N LYS A 138 -55.65 -15.59 8.17
CA LYS A 138 -56.01 -16.57 9.19
C LYS A 138 -54.79 -16.94 10.05
N SER A 139 -53.99 -15.95 10.42
CA SER A 139 -52.81 -16.22 11.23
C SER A 139 -53.07 -16.09 12.72
N LYS A 140 -52.29 -16.83 13.50
CA LYS A 140 -52.41 -16.83 14.95
C LYS A 140 -51.92 -15.51 15.53
N THR A 141 -52.63 -15.01 16.55
CA THR A 141 -52.27 -13.74 17.19
C THR A 141 -52.10 -13.88 18.70
N SER A 142 -52.09 -15.13 19.18
CA SER A 142 -51.97 -15.39 20.61
C SER A 142 -50.76 -16.29 20.91
N PRO A 143 -49.55 -15.73 20.88
CA PRO A 143 -49.30 -14.32 20.55
C PRO A 143 -48.80 -14.06 19.13
N TYR A 144 -48.63 -12.78 18.82
CA TYR A 144 -48.12 -12.37 17.52
C TYR A 144 -46.63 -12.71 17.57
N VAL A 145 -46.02 -12.82 16.40
CA VAL A 145 -44.60 -13.11 16.29
C VAL A 145 -43.93 -11.95 15.57
N LEU A 146 -42.95 -11.34 16.23
CA LEU A 146 -42.19 -10.22 15.68
C LEU A 146 -41.02 -10.84 14.91
N PRO A 147 -40.69 -10.27 13.74
CA PRO A 147 -39.61 -10.79 12.90
C PRO A 147 -38.18 -10.40 13.25
N VAL A 148 -37.24 -11.24 12.84
CA VAL A 148 -35.84 -10.94 13.02
C VAL A 148 -35.51 -10.17 11.76
N PRO A 149 -34.90 -8.99 11.89
CA PRO A 149 -34.54 -8.19 10.73
C PRO A 149 -33.25 -8.66 10.06
N PHE A 150 -33.27 -8.77 8.73
CA PHE A 150 -32.09 -9.14 7.95
C PHE A 150 -31.69 -7.86 7.25
N LEU A 151 -30.65 -7.22 7.77
CA LEU A 151 -30.16 -5.94 7.25
C LEU A 151 -29.02 -6.08 6.24
N ASN A 152 -29.29 -5.71 5.00
CA ASN A 152 -28.30 -5.76 3.93
C ASN A 152 -27.27 -4.65 4.18
N VAL A 153 -26.29 -4.91 5.05
CA VAL A 153 -25.28 -3.91 5.39
C VAL A 153 -24.06 -3.84 4.51
N LEU A 154 -23.87 -4.83 3.65
CA LEU A 154 -22.72 -4.85 2.75
C LEU A 154 -23.18 -5.22 1.34
N ASN A 155 -22.90 -4.31 0.40
CA ASN A 155 -23.30 -4.46 -1.00
C ASN A 155 -22.25 -5.07 -1.90
N GLY A 156 -22.69 -5.90 -2.83
CA GLY A 156 -21.80 -6.52 -3.78
C GLY A 156 -22.48 -6.75 -5.11
N GLY A 157 -21.92 -7.65 -5.91
CA GLY A 157 -22.49 -7.97 -7.20
C GLY A 157 -22.57 -6.78 -8.14
N SER A 158 -23.67 -6.68 -8.88
CA SER A 158 -23.85 -5.58 -9.82
C SER A 158 -24.03 -4.28 -9.05
N HIS A 159 -24.07 -4.36 -7.73
CA HIS A 159 -24.23 -3.19 -6.88
C HIS A 159 -22.90 -2.75 -6.29
N ALA A 160 -21.79 -3.20 -6.88
CA ALA A 160 -20.46 -2.84 -6.39
C ALA A 160 -19.49 -2.60 -7.53
N GLY A 161 -18.33 -2.01 -7.21
CA GLY A 161 -17.33 -1.73 -8.21
C GLY A 161 -16.13 -2.65 -8.17
N GLY A 162 -16.23 -3.72 -7.39
CA GLY A 162 -15.13 -4.66 -7.29
C GLY A 162 -15.41 -5.92 -8.09
N ALA A 163 -15.03 -7.06 -7.55
CA ALA A 163 -15.25 -8.34 -8.23
C ALA A 163 -16.29 -9.14 -7.46
N LEU A 164 -16.58 -8.70 -6.24
CA LEU A 164 -17.57 -9.36 -5.40
C LEU A 164 -18.80 -9.69 -6.23
N ALA A 165 -19.02 -10.98 -6.49
CA ALA A 165 -20.15 -11.44 -7.29
C ALA A 165 -21.49 -11.42 -6.55
N LEU A 166 -21.47 -11.77 -5.27
CA LEU A 166 -22.69 -11.81 -4.48
C LEU A 166 -23.27 -10.42 -4.28
N GLN A 167 -24.58 -10.29 -4.48
CA GLN A 167 -25.25 -9.00 -4.37
C GLN A 167 -25.48 -8.45 -2.97
N GLU A 168 -26.01 -9.28 -2.07
CA GLU A 168 -26.32 -8.82 -0.72
C GLU A 168 -25.73 -9.63 0.43
N PHE A 169 -25.12 -8.92 1.37
CA PHE A 169 -24.54 -9.49 2.57
C PHE A 169 -25.29 -8.89 3.74
N MET A 170 -26.14 -9.70 4.37
CA MET A 170 -26.97 -9.24 5.47
C MET A 170 -26.58 -9.76 6.85
N ILE A 171 -26.96 -9.01 7.88
CA ILE A 171 -26.73 -9.46 9.25
C ILE A 171 -28.11 -9.64 9.86
N ALA A 172 -28.26 -10.66 10.70
CA ALA A 172 -29.52 -10.97 11.36
C ALA A 172 -29.28 -11.18 12.85
N PRO A 173 -29.78 -10.26 13.68
CA PRO A 173 -29.64 -10.33 15.14
C PRO A 173 -30.58 -11.36 15.76
N THR A 174 -30.37 -12.63 15.41
CA THR A 174 -31.21 -13.70 15.91
C THR A 174 -31.04 -13.93 17.40
N GLY A 175 -29.97 -13.38 17.97
CA GLY A 175 -29.70 -13.55 19.38
C GLY A 175 -30.39 -12.54 20.29
N ALA A 176 -31.08 -11.57 19.70
CA ALA A 176 -31.77 -10.56 20.49
C ALA A 176 -33.00 -11.19 21.14
N LYS A 177 -33.51 -10.57 22.20
CA LYS A 177 -34.69 -11.10 22.88
C LYS A 177 -35.96 -10.33 22.50
N THR A 178 -35.77 -9.13 21.94
CA THR A 178 -36.91 -8.33 21.49
C THR A 178 -36.52 -7.70 20.15
N PHE A 179 -37.51 -7.22 19.40
CA PHE A 179 -37.21 -6.59 18.14
C PHE A 179 -36.40 -5.34 18.37
N ALA A 180 -36.74 -4.59 19.42
CA ALA A 180 -36.03 -3.36 19.75
C ALA A 180 -34.55 -3.61 19.98
N GLU A 181 -34.22 -4.66 20.73
CA GLU A 181 -32.82 -4.98 21.00
C GLU A 181 -32.16 -5.36 19.68
N ALA A 182 -32.86 -6.16 18.89
CA ALA A 182 -32.35 -6.61 17.60
C ALA A 182 -31.97 -5.43 16.71
N LEU A 183 -32.81 -4.40 16.67
CA LEU A 183 -32.54 -3.24 15.83
C LEU A 183 -31.38 -2.38 16.34
N ARG A 184 -31.21 -2.28 17.66
CA ARG A 184 -30.10 -1.49 18.20
C ARG A 184 -28.80 -2.22 17.89
N ILE A 185 -28.80 -3.54 18.10
CA ILE A 185 -27.63 -4.38 17.83
C ILE A 185 -27.26 -4.23 16.36
N GLY A 186 -28.26 -4.36 15.50
CA GLY A 186 -28.02 -4.24 14.08
C GLY A 186 -27.43 -2.90 13.70
N SER A 187 -27.94 -1.82 14.29
CA SER A 187 -27.42 -0.49 13.97
C SER A 187 -25.99 -0.34 14.50
N GLU A 188 -25.73 -0.90 15.69
CA GLU A 188 -24.40 -0.81 16.28
C GLU A 188 -23.37 -1.52 15.39
N VAL A 189 -23.71 -2.72 14.95
CA VAL A 189 -22.83 -3.48 14.08
C VAL A 189 -22.64 -2.65 12.80
N TYR A 190 -23.73 -2.10 12.28
CA TYR A 190 -23.66 -1.29 11.06
C TYR A 190 -22.68 -0.13 11.17
N HIS A 191 -22.77 0.63 12.25
CA HIS A 191 -21.86 1.77 12.43
C HIS A 191 -20.40 1.33 12.55
N ASN A 192 -20.16 0.18 13.17
CA ASN A 192 -18.80 -0.30 13.29
C ASN A 192 -18.29 -0.70 11.90
N LEU A 193 -19.16 -1.32 11.11
CA LEU A 193 -18.81 -1.75 9.75
C LEU A 193 -18.45 -0.55 8.88
N LYS A 194 -19.18 0.54 9.06
CA LYS A 194 -18.96 1.76 8.28
C LYS A 194 -17.59 2.37 8.53
N SER A 195 -17.25 2.65 9.79
CA SER A 195 -15.94 3.24 10.08
C SER A 195 -14.82 2.29 9.67
N LEU A 196 -14.96 1.01 9.97
CA LEU A 196 -13.94 0.03 9.60
C LEU A 196 -13.74 0.03 8.09
N THR A 197 -14.85 0.18 7.36
CA THR A 197 -14.81 0.21 5.90
C THR A 197 -14.08 1.43 5.38
N LYS A 198 -14.32 2.59 5.99
CA LYS A 198 -13.67 3.82 5.56
C LYS A 198 -12.16 3.82 5.84
N LYS A 199 -11.77 3.27 6.98
CA LYS A 199 -10.36 3.23 7.35
C LYS A 199 -9.56 2.26 6.48
N ARG A 200 -10.14 1.11 6.19
CA ARG A 200 -9.47 0.09 5.40
C ARG A 200 -9.61 0.28 3.88
N TYR A 201 -10.73 0.85 3.46
CA TYR A 201 -10.99 1.03 2.04
C TYR A 201 -11.05 2.48 1.58
N GLY A 202 -11.35 3.38 2.50
CA GLY A 202 -11.44 4.79 2.14
C GLY A 202 -12.83 5.35 2.29
N ALA A 203 -12.92 6.67 2.44
CA ALA A 203 -14.19 7.37 2.61
C ALA A 203 -15.24 6.93 1.59
N SER A 204 -14.84 6.92 0.31
CA SER A 204 -15.74 6.54 -0.77
C SER A 204 -16.44 5.22 -0.48
N ALA A 205 -15.73 4.31 0.18
CA ALA A 205 -16.30 3.01 0.52
C ALA A 205 -17.42 3.20 1.53
N GLY A 206 -17.33 4.28 2.31
CA GLY A 206 -18.33 4.57 3.31
C GLY A 206 -19.68 4.93 2.72
N ASN A 207 -19.69 5.36 1.46
CA ASN A 207 -20.94 5.73 0.79
C ASN A 207 -21.86 4.51 0.78
N VAL A 208 -23.17 4.75 0.81
CA VAL A 208 -24.13 3.65 0.84
C VAL A 208 -24.78 3.33 -0.51
N GLY A 209 -25.16 2.07 -0.68
CA GLY A 209 -25.81 1.64 -1.91
C GLY A 209 -27.29 1.93 -1.83
N ASP A 210 -28.05 1.46 -2.82
CA ASP A 210 -29.50 1.69 -2.83
C ASP A 210 -30.24 1.29 -1.55
N GLU A 211 -29.75 0.28 -0.85
CA GLU A 211 -30.41 -0.16 0.37
C GLU A 211 -29.77 0.28 1.67
N GLY A 212 -28.84 1.22 1.59
CA GLY A 212 -28.20 1.74 2.78
C GLY A 212 -26.92 1.05 3.22
N GLY A 213 -26.57 -0.06 2.59
CA GLY A 213 -25.36 -0.77 2.97
C GLY A 213 -24.11 -0.14 2.37
N VAL A 214 -22.95 -0.44 2.94
CA VAL A 214 -21.70 0.09 2.43
C VAL A 214 -21.38 -0.69 1.16
N ALA A 215 -20.59 -0.09 0.28
CA ALA A 215 -20.22 -0.73 -0.98
C ALA A 215 -18.73 -0.62 -1.30
N PRO A 216 -17.88 -1.26 -0.49
CA PRO A 216 -16.43 -1.23 -0.72
C PRO A 216 -16.04 -2.10 -1.90
N ASN A 217 -14.92 -1.78 -2.55
CA ASN A 217 -14.47 -2.59 -3.69
C ASN A 217 -13.77 -3.84 -3.17
N ILE A 218 -14.55 -4.88 -2.89
CA ILE A 218 -14.02 -6.13 -2.38
C ILE A 218 -13.92 -7.13 -3.54
N GLN A 219 -12.95 -8.03 -3.47
CA GLN A 219 -12.78 -9.00 -4.55
C GLN A 219 -13.46 -10.34 -4.32
N THR A 220 -13.36 -10.85 -3.10
CA THR A 220 -13.98 -12.14 -2.78
C THR A 220 -15.00 -12.05 -1.66
N ALA A 221 -15.88 -13.04 -1.60
CA ALA A 221 -16.91 -13.10 -0.57
C ALA A 221 -16.26 -13.27 0.80
N GLU A 222 -15.19 -14.05 0.85
CA GLU A 222 -14.48 -14.29 2.10
C GLU A 222 -14.03 -12.96 2.70
N GLU A 223 -13.47 -12.11 1.85
CA GLU A 223 -12.99 -10.80 2.30
C GLU A 223 -14.14 -9.99 2.90
N ALA A 224 -15.29 -10.01 2.23
CA ALA A 224 -16.46 -9.28 2.70
C ALA A 224 -16.97 -9.87 4.02
N LEU A 225 -17.01 -11.20 4.08
CA LEU A 225 -17.48 -11.88 5.29
C LEU A 225 -16.58 -11.64 6.49
N ASP A 226 -15.27 -11.59 6.28
CA ASP A 226 -14.35 -11.36 7.38
C ASP A 226 -14.58 -9.95 7.96
N LEU A 227 -14.87 -9.00 7.07
CA LEU A 227 -15.12 -7.62 7.50
C LEU A 227 -16.37 -7.53 8.36
N ILE A 228 -17.42 -8.23 7.93
CA ILE A 228 -18.68 -8.23 8.68
C ILE A 228 -18.43 -8.84 10.06
N VAL A 229 -17.63 -9.91 10.11
CA VAL A 229 -17.34 -10.55 11.38
C VAL A 229 -16.59 -9.58 12.31
N ASP A 230 -15.62 -8.86 11.76
CA ASP A 230 -14.87 -7.91 12.58
C ASP A 230 -15.79 -6.82 13.11
N ALA A 231 -16.79 -6.46 12.32
CA ALA A 231 -17.75 -5.42 12.74
C ALA A 231 -18.59 -5.93 13.90
N ILE A 232 -19.03 -7.18 13.78
CA ILE A 232 -19.85 -7.79 14.84
C ILE A 232 -19.06 -7.88 16.13
N LYS A 233 -17.80 -8.31 16.03
CA LYS A 233 -16.95 -8.43 17.20
C LYS A 233 -16.65 -7.07 17.79
N ALA A 234 -16.33 -6.09 16.93
CA ALA A 234 -16.02 -4.76 17.41
C ALA A 234 -17.22 -4.16 18.15
N ALA A 235 -18.43 -4.46 17.66
CA ALA A 235 -19.64 -3.95 18.29
C ALA A 235 -19.92 -4.67 19.61
N GLY A 236 -19.29 -5.83 19.77
CA GLY A 236 -19.46 -6.60 20.99
C GLY A 236 -20.68 -7.49 20.99
N HIS A 237 -21.06 -7.99 19.82
CA HIS A 237 -22.23 -8.85 19.70
C HIS A 237 -21.89 -10.23 19.14
N ASP A 238 -20.69 -10.69 19.44
CA ASP A 238 -20.24 -12.00 18.97
C ASP A 238 -21.27 -13.07 19.37
N GLY A 239 -21.59 -13.96 18.44
CA GLY A 239 -22.54 -15.02 18.74
C GLY A 239 -24.01 -14.66 18.71
N LYS A 240 -24.32 -13.36 18.72
CA LYS A 240 -25.71 -12.91 18.70
C LYS A 240 -26.19 -12.48 17.32
N VAL A 241 -25.25 -12.37 16.39
CA VAL A 241 -25.57 -11.95 15.03
C VAL A 241 -25.14 -12.97 14.00
N LYS A 242 -26.07 -13.33 13.13
CA LYS A 242 -25.80 -14.28 12.08
C LYS A 242 -25.81 -13.56 10.74
N ILE A 243 -25.39 -14.27 9.69
CA ILE A 243 -25.31 -13.68 8.37
C ILE A 243 -26.28 -14.30 7.37
N GLY A 244 -26.72 -13.48 6.42
CA GLY A 244 -27.64 -13.94 5.39
C GLY A 244 -27.05 -13.51 4.06
N LEU A 245 -27.43 -14.18 2.98
CA LEU A 245 -26.90 -13.83 1.68
C LEU A 245 -27.95 -13.84 0.57
N ASP A 246 -27.76 -12.97 -0.42
CA ASP A 246 -28.62 -12.89 -1.59
C ASP A 246 -27.64 -12.88 -2.76
N CYS A 247 -27.36 -14.07 -3.28
CA CYS A 247 -26.43 -14.23 -4.40
C CYS A 247 -26.97 -13.65 -5.70
N ALA A 248 -28.30 -13.67 -5.85
CA ALA A 248 -28.91 -13.17 -7.07
C ALA A 248 -28.14 -13.71 -8.26
N SER A 249 -27.79 -14.99 -8.17
CA SER A 249 -27.02 -15.72 -9.17
C SER A 249 -27.44 -15.53 -10.62
N SER A 250 -28.73 -15.30 -10.87
CA SER A 250 -29.22 -15.09 -12.23
C SER A 250 -28.42 -13.99 -12.92
N GLU A 251 -27.84 -13.10 -12.12
CA GLU A 251 -27.05 -11.98 -12.63
C GLU A 251 -25.76 -12.42 -13.29
N PHE A 252 -25.16 -13.50 -12.81
CA PHE A 252 -23.92 -13.98 -13.39
C PHE A 252 -24.01 -15.38 -13.97
N PHE A 253 -25.21 -15.74 -14.40
CA PHE A 253 -25.46 -17.04 -15.00
C PHE A 253 -25.40 -16.84 -16.50
N LYS A 254 -24.35 -17.37 -17.13
CA LYS A 254 -24.17 -17.24 -18.58
C LYS A 254 -23.76 -18.58 -19.21
N ASP A 255 -24.33 -18.88 -20.36
CA ASP A 255 -24.03 -20.12 -21.06
C ASP A 255 -24.10 -21.38 -20.20
N GLY A 256 -25.12 -21.45 -19.34
CA GLY A 256 -25.29 -22.60 -18.48
C GLY A 256 -24.32 -22.68 -17.32
N LYS A 257 -23.47 -21.67 -17.18
CA LYS A 257 -22.49 -21.63 -16.10
C LYS A 257 -22.61 -20.35 -15.29
N TYR A 258 -21.90 -20.31 -14.15
CA TYR A 258 -21.91 -19.16 -13.27
C TYR A 258 -20.54 -18.49 -13.25
N ASP A 259 -20.51 -17.23 -13.66
CA ASP A 259 -19.27 -16.46 -13.72
C ASP A 259 -19.13 -15.51 -12.52
N LEU A 260 -18.29 -15.92 -11.57
CA LEU A 260 -18.07 -15.13 -10.36
C LEU A 260 -17.22 -13.90 -10.65
N ASP A 261 -16.88 -13.69 -11.92
CA ASP A 261 -16.09 -12.54 -12.32
C ASP A 261 -16.80 -11.89 -13.50
N PHE A 262 -18.13 -11.86 -13.42
CA PHE A 262 -18.95 -11.31 -14.49
C PHE A 262 -18.86 -9.79 -14.62
N LYS A 263 -18.06 -9.17 -13.77
CA LYS A 263 -17.90 -7.72 -13.82
C LYS A 263 -16.71 -7.34 -14.69
N ASN A 264 -15.81 -8.30 -14.91
CA ASN A 264 -14.62 -8.06 -15.74
C ASN A 264 -14.91 -8.51 -17.16
N PRO A 265 -14.78 -7.59 -18.13
CA PRO A 265 -15.02 -7.92 -19.55
C PRO A 265 -14.07 -8.98 -20.10
N ASN A 266 -12.95 -9.19 -19.43
CA ASN A 266 -11.99 -10.18 -19.88
C ASN A 266 -12.05 -11.44 -19.00
N SER A 267 -13.19 -11.60 -18.33
CA SER A 267 -13.40 -12.76 -17.45
C SER A 267 -12.99 -14.06 -18.12
N ASP A 268 -12.25 -14.89 -17.39
CA ASP A 268 -11.77 -16.17 -17.91
C ASP A 268 -12.89 -17.22 -17.98
N LYS A 269 -13.38 -17.45 -19.20
CA LYS A 269 -14.45 -18.41 -19.43
C LYS A 269 -14.11 -19.82 -18.96
N SER A 270 -12.82 -20.12 -18.88
CA SER A 270 -12.38 -21.45 -18.45
C SER A 270 -12.48 -21.58 -16.93
N LYS A 271 -12.86 -20.51 -16.26
CA LYS A 271 -12.99 -20.57 -14.80
C LYS A 271 -14.43 -20.44 -14.32
N TRP A 272 -15.36 -20.27 -15.26
CA TRP A 272 -16.77 -20.17 -14.92
C TRP A 272 -17.22 -21.46 -14.24
N LEU A 273 -17.92 -21.32 -13.13
CA LEU A 273 -18.37 -22.48 -12.36
C LEU A 273 -19.64 -23.15 -12.87
N THR A 274 -19.83 -24.39 -12.46
CA THR A 274 -21.01 -25.15 -12.85
C THR A 274 -21.92 -25.24 -11.64
N GLY A 275 -23.14 -25.72 -11.87
CA GLY A 275 -24.10 -25.86 -10.78
C GLY A 275 -23.48 -26.49 -9.54
N PRO A 276 -22.97 -27.72 -9.66
CA PRO A 276 -22.35 -28.44 -8.54
C PRO A 276 -21.14 -27.71 -7.96
N GLN A 277 -20.36 -27.06 -8.84
CA GLN A 277 -19.18 -26.34 -8.40
C GLN A 277 -19.51 -25.12 -7.55
N LEU A 278 -20.59 -24.43 -7.89
CA LEU A 278 -20.99 -23.25 -7.14
C LEU A 278 -21.42 -23.67 -5.74
N ALA A 279 -22.09 -24.81 -5.67
CA ALA A 279 -22.57 -25.36 -4.41
C ALA A 279 -21.39 -25.63 -3.47
N ASP A 280 -20.33 -26.22 -4.02
CA ASP A 280 -19.14 -26.52 -3.25
C ASP A 280 -18.60 -25.26 -2.60
N LEU A 281 -18.70 -24.14 -3.33
CA LEU A 281 -18.21 -22.87 -2.81
C LEU A 281 -19.08 -22.39 -1.66
N TYR A 282 -20.40 -22.48 -1.82
CA TYR A 282 -21.30 -22.05 -0.75
C TYR A 282 -21.08 -22.93 0.47
N HIS A 283 -20.99 -24.24 0.25
CA HIS A 283 -20.78 -25.16 1.35
C HIS A 283 -19.59 -24.76 2.21
N SER A 284 -18.48 -24.38 1.57
CA SER A 284 -17.30 -23.98 2.33
C SER A 284 -17.51 -22.66 3.05
N LEU A 285 -18.27 -21.75 2.45
CA LEU A 285 -18.54 -20.45 3.09
C LEU A 285 -19.37 -20.69 4.35
N MET A 286 -20.33 -21.61 4.26
CA MET A 286 -21.20 -21.96 5.37
C MET A 286 -20.46 -22.63 6.53
N LYS A 287 -19.43 -23.41 6.20
CA LYS A 287 -18.65 -24.11 7.22
C LYS A 287 -17.79 -23.17 8.06
N ARG A 288 -17.27 -22.12 7.43
CA ARG A 288 -16.40 -21.17 8.11
C ARG A 288 -17.09 -19.94 8.69
N TYR A 289 -18.19 -19.51 8.07
CA TYR A 289 -18.87 -18.32 8.55
C TYR A 289 -20.26 -18.61 9.13
N PRO A 290 -20.74 -17.74 10.03
CA PRO A 290 -22.04 -17.88 10.67
C PRO A 290 -23.22 -17.57 9.73
N ILE A 291 -23.23 -18.23 8.57
CA ILE A 291 -24.28 -18.03 7.57
C ILE A 291 -25.50 -18.90 7.88
N VAL A 292 -26.67 -18.29 8.01
CA VAL A 292 -27.88 -19.04 8.30
C VAL A 292 -28.95 -18.93 7.22
N SER A 293 -28.65 -18.23 6.15
CA SER A 293 -29.63 -18.07 5.08
C SER A 293 -28.94 -17.66 3.78
N ILE A 294 -29.30 -18.31 2.68
CA ILE A 294 -28.73 -18.00 1.37
C ILE A 294 -29.89 -17.90 0.37
N GLU A 295 -29.96 -16.76 -0.30
CA GLU A 295 -31.02 -16.49 -1.26
C GLU A 295 -30.54 -16.56 -2.70
N ASP A 296 -31.40 -17.06 -3.59
CA ASP A 296 -31.09 -17.19 -5.01
C ASP A 296 -29.67 -17.64 -5.32
N PRO A 297 -29.23 -18.77 -4.73
CA PRO A 297 -27.86 -19.25 -4.99
C PRO A 297 -27.70 -19.75 -6.43
N PHE A 298 -28.83 -20.02 -7.11
CA PHE A 298 -28.82 -20.50 -8.49
C PHE A 298 -29.84 -19.77 -9.37
N ALA A 299 -29.67 -19.91 -10.69
CA ALA A 299 -30.52 -19.25 -11.68
C ALA A 299 -32.02 -19.42 -11.41
N GLU A 300 -32.79 -18.40 -11.83
CA GLU A 300 -34.23 -18.38 -11.63
C GLU A 300 -35.00 -19.52 -12.30
N ASP A 301 -34.33 -20.29 -13.16
CA ASP A 301 -34.97 -21.42 -13.83
C ASP A 301 -34.11 -22.66 -13.88
N ASP A 302 -32.98 -22.61 -13.18
CA ASP A 302 -32.06 -23.74 -13.15
C ASP A 302 -32.41 -24.62 -11.95
N TRP A 303 -33.61 -25.19 -11.98
CA TRP A 303 -34.13 -26.04 -10.91
C TRP A 303 -33.19 -27.15 -10.46
N GLU A 304 -32.58 -27.84 -11.41
CA GLU A 304 -31.68 -28.94 -11.07
C GLU A 304 -30.61 -28.51 -10.08
N ALA A 305 -29.97 -27.39 -10.36
CA ALA A 305 -28.92 -26.89 -9.47
C ALA A 305 -29.50 -26.68 -8.07
N TRP A 306 -30.68 -26.04 -7.99
CA TRP A 306 -31.33 -25.80 -6.71
C TRP A 306 -31.59 -27.12 -5.97
N SER A 307 -32.17 -28.09 -6.67
CA SER A 307 -32.47 -29.38 -6.05
C SER A 307 -31.21 -30.07 -5.52
N HIS A 308 -30.17 -30.11 -6.33
CA HIS A 308 -28.92 -30.74 -5.93
C HIS A 308 -28.37 -30.13 -4.64
N PHE A 309 -28.32 -28.81 -4.59
CA PHE A 309 -27.81 -28.09 -3.44
C PHE A 309 -28.62 -28.34 -2.16
N PHE A 310 -29.94 -28.20 -2.25
CA PHE A 310 -30.83 -28.39 -1.10
C PHE A 310 -30.55 -29.73 -0.42
N LYS A 311 -30.09 -30.70 -1.20
CA LYS A 311 -29.78 -32.04 -0.70
C LYS A 311 -28.86 -32.03 0.52
N THR A 312 -27.77 -31.26 0.43
CA THR A 312 -26.82 -31.19 1.53
C THR A 312 -26.74 -29.85 2.25
N ALA A 313 -27.37 -28.82 1.69
CA ALA A 313 -27.37 -27.50 2.31
C ALA A 313 -28.15 -27.60 3.62
N GLY A 314 -27.48 -27.41 4.75
CA GLY A 314 -28.14 -27.51 6.03
C GLY A 314 -28.67 -26.21 6.62
N ILE A 315 -28.97 -25.24 5.77
CA ILE A 315 -29.49 -23.95 6.24
C ILE A 315 -30.68 -23.53 5.40
N GLN A 316 -31.35 -22.44 5.80
CA GLN A 316 -32.50 -21.96 5.04
C GLN A 316 -32.07 -21.54 3.63
N ILE A 317 -32.84 -21.97 2.64
CA ILE A 317 -32.60 -21.65 1.24
C ILE A 317 -33.77 -20.83 0.72
N VAL A 318 -33.55 -19.54 0.50
CA VAL A 318 -34.62 -18.64 0.05
C VAL A 318 -34.75 -18.53 -1.47
N ALA A 319 -36.00 -18.55 -1.95
CA ALA A 319 -36.30 -18.42 -3.36
C ALA A 319 -36.88 -17.04 -3.61
N ASP A 320 -36.29 -16.31 -4.56
CA ASP A 320 -36.74 -14.96 -4.90
C ASP A 320 -37.11 -14.88 -6.38
N ASP A 321 -36.12 -14.77 -7.25
CA ASP A 321 -36.39 -14.71 -8.68
C ASP A 321 -36.93 -16.05 -9.18
N LEU A 322 -36.64 -17.11 -8.45
CA LEU A 322 -37.11 -18.44 -8.82
C LEU A 322 -38.63 -18.55 -8.71
N THR A 323 -39.17 -18.04 -7.60
CA THR A 323 -40.60 -18.11 -7.34
C THR A 323 -41.42 -16.84 -7.60
N VAL A 324 -40.77 -15.69 -7.57
CA VAL A 324 -41.44 -14.41 -7.77
C VAL A 324 -42.82 -14.34 -7.12
N THR A 325 -42.88 -14.77 -5.86
CA THR A 325 -44.10 -14.73 -5.07
C THR A 325 -45.31 -15.19 -5.89
N ASN A 326 -45.10 -16.21 -6.71
CA ASN A 326 -46.14 -16.76 -7.57
C ASN A 326 -46.51 -18.18 -7.13
N PRO A 327 -47.74 -18.39 -6.64
CA PRO A 327 -48.18 -19.71 -6.18
C PRO A 327 -47.86 -20.84 -7.15
N LYS A 328 -47.94 -20.57 -8.45
CA LYS A 328 -47.64 -21.59 -9.46
C LYS A 328 -46.16 -21.96 -9.42
N ARG A 329 -45.30 -20.95 -9.41
CA ARG A 329 -43.84 -21.15 -9.37
C ARG A 329 -43.45 -21.86 -8.08
N ILE A 330 -44.11 -21.49 -7.00
CA ILE A 330 -43.86 -22.06 -5.68
C ILE A 330 -44.18 -23.56 -5.66
N ALA A 331 -45.27 -23.94 -6.30
CA ALA A 331 -45.67 -25.35 -6.33
C ALA A 331 -44.54 -26.17 -6.96
N THR A 332 -44.02 -25.68 -8.07
CA THR A 332 -42.92 -26.36 -8.76
C THR A 332 -41.73 -26.50 -7.80
N ALA A 333 -41.40 -25.42 -7.10
CA ALA A 333 -40.28 -25.43 -6.16
C ALA A 333 -40.49 -26.44 -5.03
N ILE A 334 -41.74 -26.57 -4.60
CA ILE A 334 -42.10 -27.50 -3.53
C ILE A 334 -41.85 -28.93 -4.03
N GLU A 335 -42.46 -29.26 -5.17
CA GLU A 335 -42.33 -30.60 -5.73
C GLU A 335 -40.90 -31.00 -6.07
N LYS A 336 -40.09 -30.05 -6.54
CA LYS A 336 -38.70 -30.35 -6.87
C LYS A 336 -37.77 -30.17 -5.67
N LYS A 337 -38.34 -29.76 -4.54
CA LYS A 337 -37.54 -29.53 -3.33
C LYS A 337 -36.31 -28.67 -3.63
N ALA A 338 -36.56 -27.53 -4.26
CA ALA A 338 -35.50 -26.60 -4.63
C ALA A 338 -35.05 -25.71 -3.48
N ALA A 339 -35.98 -25.36 -2.59
CA ALA A 339 -35.67 -24.50 -1.45
C ALA A 339 -36.65 -24.72 -0.31
N ASP A 340 -36.49 -23.97 0.78
CA ASP A 340 -37.41 -24.11 1.91
C ASP A 340 -37.86 -22.77 2.50
N ALA A 341 -37.80 -21.71 1.70
CA ALA A 341 -38.23 -20.39 2.15
C ALA A 341 -38.57 -19.50 0.97
N LEU A 342 -39.63 -18.72 1.11
CA LEU A 342 -40.06 -17.79 0.07
C LEU A 342 -39.77 -16.35 0.44
N LEU A 343 -39.21 -15.61 -0.52
CA LEU A 343 -38.97 -14.20 -0.31
C LEU A 343 -40.29 -13.62 -0.82
N LEU A 344 -41.05 -12.98 0.06
CA LEU A 344 -42.34 -12.44 -0.32
C LEU A 344 -42.31 -10.97 -0.70
N LYS A 345 -42.53 -10.72 -1.99
CA LYS A 345 -42.55 -9.37 -2.54
C LYS A 345 -43.91 -9.16 -3.16
N VAL A 346 -44.73 -8.30 -2.55
CA VAL A 346 -46.07 -8.06 -3.07
C VAL A 346 -46.13 -7.59 -4.52
N ASN A 347 -45.20 -6.73 -4.96
CA ASN A 347 -45.27 -6.26 -6.34
C ASN A 347 -44.75 -7.25 -7.38
N GLN A 348 -44.29 -8.43 -6.96
CA GLN A 348 -43.83 -9.43 -7.93
C GLN A 348 -45.06 -10.18 -8.44
N ILE A 349 -46.13 -10.17 -7.65
CA ILE A 349 -47.36 -10.86 -8.03
C ILE A 349 -48.50 -9.88 -8.37
N GLY A 350 -48.57 -8.75 -7.68
CA GLY A 350 -49.58 -7.76 -8.02
C GLY A 350 -50.77 -7.51 -7.12
N THR A 351 -51.13 -8.47 -6.27
CA THR A 351 -52.25 -8.28 -5.34
C THR A 351 -51.90 -8.85 -3.98
N LEU A 352 -52.59 -8.38 -2.95
CA LEU A 352 -52.37 -8.86 -1.59
C LEU A 352 -52.86 -10.30 -1.46
N SER A 353 -54.04 -10.58 -2.00
CA SER A 353 -54.60 -11.92 -1.92
C SER A 353 -53.65 -13.00 -2.44
N GLU A 354 -53.06 -12.77 -3.61
CA GLU A 354 -52.13 -13.73 -4.19
C GLU A 354 -50.86 -13.87 -3.34
N SER A 355 -50.41 -12.77 -2.73
CA SER A 355 -49.22 -12.81 -1.89
C SER A 355 -49.53 -13.63 -0.65
N ILE A 356 -50.72 -13.43 -0.08
CA ILE A 356 -51.15 -14.16 1.12
C ILE A 356 -51.25 -15.65 0.79
N LYS A 357 -51.69 -15.95 -0.43
CA LYS A 357 -51.82 -17.33 -0.85
C LYS A 357 -50.44 -17.96 -0.97
N ALA A 358 -49.50 -17.17 -1.50
CA ALA A 358 -48.13 -17.65 -1.66
C ALA A 358 -47.54 -18.01 -0.30
N ALA A 359 -47.73 -17.13 0.68
CA ALA A 359 -47.23 -17.37 2.03
C ALA A 359 -47.86 -18.62 2.64
N GLN A 360 -49.18 -18.75 2.51
CA GLN A 360 -49.88 -19.90 3.04
C GLN A 360 -49.42 -21.20 2.41
N ASP A 361 -49.29 -21.22 1.07
CA ASP A 361 -48.83 -22.42 0.38
C ASP A 361 -47.43 -22.77 0.86
N SER A 362 -46.62 -21.75 1.11
CA SER A 362 -45.26 -21.95 1.59
C SER A 362 -45.27 -22.59 2.98
N PHE A 363 -45.97 -21.96 3.92
CA PHE A 363 -46.04 -22.49 5.28
C PHE A 363 -46.63 -23.91 5.33
N ALA A 364 -47.62 -24.16 4.49
CA ALA A 364 -48.26 -25.47 4.45
C ALA A 364 -47.27 -26.54 4.00
N ALA A 365 -46.24 -26.12 3.28
CA ALA A 365 -45.23 -27.05 2.78
C ALA A 365 -44.02 -27.14 3.71
N GLY A 366 -44.14 -26.53 4.89
CA GLY A 366 -43.02 -26.56 5.81
C GLY A 366 -41.97 -25.52 5.46
N TRP A 367 -42.32 -24.61 4.56
CA TRP A 367 -41.39 -23.56 4.14
C TRP A 367 -41.43 -22.41 5.12
N GLY A 368 -40.42 -21.55 5.03
CA GLY A 368 -40.37 -20.38 5.87
C GLY A 368 -40.74 -19.24 4.93
N VAL A 369 -40.96 -18.04 5.46
CA VAL A 369 -41.29 -16.91 4.61
C VAL A 369 -40.61 -15.65 5.10
N MET A 370 -39.84 -14.99 4.23
CA MET A 370 -39.19 -13.75 4.62
C MET A 370 -39.85 -12.64 3.80
N VAL A 371 -40.55 -11.75 4.48
CA VAL A 371 -41.19 -10.63 3.79
C VAL A 371 -40.06 -9.71 3.36
N SER A 372 -40.14 -9.19 2.13
CA SER A 372 -39.09 -8.33 1.62
C SER A 372 -39.51 -7.05 0.93
N HIS A 373 -38.59 -6.10 0.91
CA HIS A 373 -38.80 -4.83 0.25
C HIS A 373 -38.24 -5.06 -1.16
N ARG A 374 -38.09 -3.98 -1.91
CA ARG A 374 -37.50 -4.02 -3.24
C ARG A 374 -36.34 -3.03 -3.11
N SER A 375 -35.38 -3.09 -4.02
CA SER A 375 -34.24 -2.17 -3.96
C SER A 375 -34.72 -0.72 -4.07
N GLY A 376 -35.86 -0.55 -4.74
CA GLY A 376 -36.45 0.76 -4.89
C GLY A 376 -37.64 0.82 -3.95
N GLU A 377 -37.48 1.50 -2.81
CA GLU A 377 -38.58 1.61 -1.84
C GLU A 377 -39.19 3.00 -1.74
N THR A 378 -40.10 3.16 -0.79
CA THR A 378 -40.76 4.44 -0.57
C THR A 378 -41.02 4.61 0.92
N GLU A 379 -41.65 5.71 1.27
CA GLU A 379 -41.96 5.94 2.66
C GLU A 379 -43.12 5.05 3.15
N ASP A 380 -43.63 4.21 2.25
CA ASP A 380 -44.71 3.29 2.58
C ASP A 380 -44.23 2.24 3.59
N THR A 381 -45.05 1.89 4.58
CA THR A 381 -44.64 0.91 5.58
C THR A 381 -45.47 -0.37 5.61
N PHE A 382 -46.19 -0.66 4.54
CA PHE A 382 -47.03 -1.86 4.50
C PHE A 382 -46.36 -3.16 4.93
N ILE A 383 -45.20 -3.47 4.38
CA ILE A 383 -44.53 -4.73 4.73
C ILE A 383 -44.24 -4.92 6.21
N ALA A 384 -44.17 -3.84 6.96
CA ALA A 384 -43.93 -3.96 8.39
C ALA A 384 -45.14 -4.66 9.01
N ASP A 385 -46.33 -4.16 8.70
CA ASP A 385 -47.57 -4.76 9.22
C ASP A 385 -47.82 -6.14 8.65
N LEU A 386 -47.46 -6.35 7.39
CA LEU A 386 -47.68 -7.64 6.73
C LEU A 386 -46.83 -8.74 7.34
N VAL A 387 -45.57 -8.44 7.64
CA VAL A 387 -44.72 -9.47 8.22
C VAL A 387 -45.24 -9.88 9.61
N VAL A 388 -45.78 -8.93 10.36
CA VAL A 388 -46.33 -9.26 11.68
C VAL A 388 -47.65 -10.03 11.49
N GLY A 389 -48.45 -9.57 10.53
CA GLY A 389 -49.72 -10.22 10.27
C GLY A 389 -49.55 -11.65 9.79
N LEU A 390 -48.50 -11.91 9.02
CA LEU A 390 -48.24 -13.26 8.49
C LEU A 390 -47.48 -14.13 9.49
N ARG A 391 -47.10 -13.56 10.62
CA ARG A 391 -46.40 -14.33 11.65
C ARG A 391 -45.16 -15.07 11.10
N THR A 392 -44.49 -14.50 10.09
CA THR A 392 -43.33 -15.16 9.49
C THR A 392 -42.07 -15.25 10.34
N GLY A 393 -41.82 -14.24 11.16
CA GLY A 393 -40.64 -14.25 12.01
C GLY A 393 -39.38 -13.71 11.35
N GLN A 394 -39.51 -13.23 10.12
CA GLN A 394 -38.33 -12.70 9.44
C GLN A 394 -38.66 -11.70 8.33
N ILE A 395 -37.91 -10.61 8.28
CA ILE A 395 -38.12 -9.62 7.25
C ILE A 395 -36.81 -9.01 6.74
N LYS A 396 -36.84 -8.63 5.48
CA LYS A 396 -35.69 -8.02 4.84
C LYS A 396 -36.20 -6.69 4.33
N THR A 397 -35.80 -5.61 4.97
CA THR A 397 -36.27 -4.30 4.56
C THR A 397 -35.13 -3.28 4.47
N GLY A 398 -33.91 -3.77 4.32
CA GLY A 398 -32.74 -2.91 4.17
C GLY A 398 -31.81 -2.81 5.35
N ALA A 399 -30.73 -2.06 5.14
CA ALA A 399 -29.75 -1.84 6.19
C ALA A 399 -30.38 -0.74 7.05
N PRO A 400 -29.87 -0.54 8.27
CA PRO A 400 -30.39 0.48 9.19
C PRO A 400 -29.95 1.88 8.77
N ALA A 401 -30.06 2.15 7.47
CA ALA A 401 -29.70 3.43 6.88
C ALA A 401 -30.68 3.73 5.74
N ARG A 402 -31.04 5.01 5.59
CA ARG A 402 -31.99 5.50 4.58
C ARG A 402 -33.40 5.24 5.07
N SER A 403 -34.18 6.31 5.20
CA SER A 403 -35.54 6.19 5.74
C SER A 403 -36.57 5.33 5.01
N GLU A 404 -36.33 4.97 3.75
CA GLU A 404 -37.29 4.12 3.08
C GLU A 404 -37.12 2.75 3.73
N ARG A 405 -36.00 2.59 4.45
CA ARG A 405 -35.69 1.35 5.17
C ARG A 405 -36.10 1.53 6.64
N LEU A 406 -35.66 2.63 7.27
CA LEU A 406 -36.01 2.88 8.68
C LEU A 406 -37.51 3.02 8.89
N ALA A 407 -38.23 3.51 7.89
CA ALA A 407 -39.68 3.66 8.04
C ALA A 407 -40.32 2.33 8.44
N LYS A 408 -39.89 1.24 7.81
CA LYS A 408 -40.43 -0.08 8.13
C LYS A 408 -39.95 -0.54 9.51
N LEU A 409 -38.66 -0.37 9.76
CA LEU A 409 -38.07 -0.78 11.03
C LEU A 409 -38.68 -0.03 12.22
N ASN A 410 -38.87 1.28 12.06
CA ASN A 410 -39.48 2.09 13.12
C ASN A 410 -40.91 1.66 13.37
N GLN A 411 -41.60 1.31 12.29
CA GLN A 411 -42.99 0.88 12.39
C GLN A 411 -43.04 -0.45 13.14
N LEU A 412 -42.00 -1.27 13.04
CA LEU A 412 -41.97 -2.54 13.75
C LEU A 412 -41.76 -2.23 15.23
N LEU A 413 -40.98 -1.18 15.51
CA LEU A 413 -40.76 -0.79 16.91
C LEU A 413 -42.10 -0.38 17.49
N ARG A 414 -42.89 0.37 16.73
CA ARG A 414 -44.20 0.82 17.21
C ARG A 414 -45.14 -0.35 17.44
N ILE A 415 -45.13 -1.30 16.51
CA ILE A 415 -46.01 -2.46 16.62
C ILE A 415 -45.64 -3.30 17.85
N GLU A 416 -44.34 -3.48 18.09
CA GLU A 416 -43.91 -4.24 19.25
C GLU A 416 -44.41 -3.56 20.52
N GLU A 417 -44.19 -2.25 20.60
CA GLU A 417 -44.60 -1.45 21.73
C GLU A 417 -46.10 -1.55 22.00
N GLU A 418 -46.90 -1.44 20.93
CA GLU A 418 -48.34 -1.50 21.05
C GLU A 418 -48.84 -2.88 21.48
N LEU A 419 -48.19 -3.92 20.97
CA LEU A 419 -48.60 -5.28 21.31
C LEU A 419 -48.20 -5.73 22.71
N GLY A 420 -47.03 -5.30 23.17
CA GLY A 420 -46.61 -5.70 24.50
C GLY A 420 -46.54 -7.20 24.65
N ASP A 421 -47.13 -7.74 25.72
CA ASP A 421 -47.11 -9.17 25.98
C ASP A 421 -47.86 -10.00 24.94
N ASN A 422 -48.48 -9.33 23.98
CA ASN A 422 -49.20 -10.01 22.93
C ASN A 422 -48.29 -10.43 21.78
N ALA A 423 -47.01 -10.10 21.89
CA ALA A 423 -46.05 -10.45 20.84
C ALA A 423 -44.77 -11.06 21.40
N VAL A 424 -44.12 -11.89 20.59
CA VAL A 424 -42.87 -12.50 20.98
C VAL A 424 -41.88 -12.34 19.82
N PHE A 425 -40.58 -12.27 20.14
CA PHE A 425 -39.54 -12.12 19.14
C PHE A 425 -39.13 -13.50 18.65
N ALA A 426 -39.17 -13.71 17.33
CA ALA A 426 -38.82 -15.00 16.75
C ALA A 426 -37.39 -15.48 17.01
N GLY A 427 -36.44 -14.54 17.05
CA GLY A 427 -35.06 -14.91 17.32
C GLY A 427 -34.54 -16.03 16.43
N GLU A 428 -33.94 -17.04 17.05
CA GLU A 428 -33.37 -18.17 16.33
C GLU A 428 -34.40 -19.11 15.70
N ASN A 429 -35.67 -18.90 16.00
CA ASN A 429 -36.72 -19.74 15.44
C ASN A 429 -37.37 -19.00 14.27
N PHE A 430 -36.64 -18.04 13.71
CA PHE A 430 -37.15 -17.24 12.61
C PHE A 430 -37.63 -18.07 11.42
N HIS A 431 -36.92 -19.16 11.13
CA HIS A 431 -37.29 -20.01 10.00
C HIS A 431 -38.73 -20.51 10.10
N HIS A 432 -39.12 -20.96 11.29
CA HIS A 432 -40.48 -21.45 11.53
C HIS A 432 -41.26 -20.54 12.48
N GLY A 433 -41.09 -19.23 12.33
CA GLY A 433 -41.76 -18.27 13.19
C GLY A 433 -43.27 -18.45 13.24
N ASP A 434 -43.83 -18.91 12.12
CA ASP A 434 -45.26 -19.12 12.01
C ASP A 434 -45.75 -20.27 12.89
N LYS A 435 -44.84 -21.19 13.23
CA LYS A 435 -45.17 -22.35 14.05
C LYS A 435 -44.78 -22.11 15.51
N LEU A 436 -44.37 -20.89 15.80
CA LEU A 436 -43.94 -20.49 17.13
C LEU A 436 -45.12 -20.25 18.06
N ALA B 1 -59.24 18.39 23.45
CA ALA B 1 -58.39 18.36 24.64
C ALA B 1 -57.34 17.26 24.50
N VAL B 2 -56.12 17.56 24.91
CA VAL B 2 -55.02 16.62 24.84
C VAL B 2 -55.16 15.65 26.00
N SER B 3 -55.35 14.37 25.69
CA SER B 3 -55.50 13.37 26.75
C SER B 3 -54.20 12.64 27.05
N LYS B 4 -53.24 12.71 26.14
CA LYS B 4 -51.97 12.02 26.35
C LYS B 4 -50.84 12.55 25.49
N VAL B 5 -49.64 12.50 26.06
CA VAL B 5 -48.42 12.93 25.38
C VAL B 5 -47.44 11.77 25.59
N TYR B 6 -46.92 11.23 24.49
CA TYR B 6 -46.00 10.09 24.57
C TYR B 6 -44.81 10.20 23.62
N ALA B 7 -43.65 9.74 24.07
CA ALA B 7 -42.45 9.78 23.26
C ALA B 7 -41.80 8.40 23.24
N ARG B 8 -41.10 8.10 22.15
CA ARG B 8 -40.42 6.84 21.97
C ARG B 8 -39.18 7.07 21.13
N SER B 9 -38.27 6.11 21.17
CA SER B 9 -37.04 6.19 20.39
C SER B 9 -37.27 5.54 19.04
N VAL B 10 -36.85 6.22 17.98
CA VAL B 10 -36.95 5.69 16.62
C VAL B 10 -35.60 5.98 15.98
N TYR B 11 -35.38 5.51 14.76
CA TYR B 11 -34.12 5.73 14.09
C TYR B 11 -34.22 6.69 12.90
N ASP B 12 -33.21 7.55 12.77
CA ASP B 12 -33.15 8.51 11.68
C ASP B 12 -32.46 7.89 10.45
N SER B 13 -32.34 8.66 9.38
CA SER B 13 -31.75 8.20 8.12
C SER B 13 -30.30 7.72 8.19
N ARG B 14 -29.61 8.02 9.28
CA ARG B 14 -28.23 7.58 9.45
C ARG B 14 -28.17 6.36 10.35
N GLY B 15 -29.32 5.95 10.86
CA GLY B 15 -29.36 4.80 11.74
C GLY B 15 -29.05 5.16 13.18
N ASN B 16 -29.23 6.43 13.52
CA ASN B 16 -29.00 6.92 14.88
C ASN B 16 -30.35 7.23 15.52
N PRO B 17 -30.49 6.92 16.81
CA PRO B 17 -31.75 7.15 17.53
C PRO B 17 -32.16 8.63 17.58
N THR B 18 -33.47 8.87 17.60
CA THR B 18 -33.98 10.22 17.70
C THR B 18 -35.35 10.15 18.36
N VAL B 19 -35.88 11.30 18.74
CA VAL B 19 -37.16 11.36 19.43
C VAL B 19 -38.39 11.50 18.54
N GLU B 20 -39.39 10.67 18.82
CA GLU B 20 -40.66 10.70 18.12
C GLU B 20 -41.73 10.93 19.19
N VAL B 21 -42.60 11.90 18.96
CA VAL B 21 -43.65 12.23 19.92
C VAL B 21 -45.04 12.04 19.33
N GLU B 22 -45.97 11.57 20.17
CA GLU B 22 -47.35 11.38 19.78
C GLU B 22 -48.22 12.13 20.77
N LEU B 23 -49.14 12.91 20.22
CA LEU B 23 -50.06 13.70 21.03
C LEU B 23 -51.46 13.20 20.68
N THR B 24 -52.22 12.86 21.71
CA THR B 24 -53.56 12.33 21.54
C THR B 24 -54.67 13.32 21.91
N THR B 25 -55.65 13.46 21.02
CA THR B 25 -56.79 14.34 21.24
C THR B 25 -58.02 13.59 20.74
N GLU B 26 -59.16 14.25 20.75
CA GLU B 26 -60.38 13.61 20.27
C GLU B 26 -60.34 13.39 18.76
N LYS B 27 -59.37 14.02 18.10
CA LYS B 27 -59.20 13.90 16.66
C LYS B 27 -58.33 12.71 16.27
N GLY B 28 -57.62 12.16 17.25
CA GLY B 28 -56.76 11.01 17.00
C GLY B 28 -55.38 11.15 17.59
N VAL B 29 -54.41 10.45 17.01
CA VAL B 29 -53.04 10.48 17.47
C VAL B 29 -52.18 11.17 16.42
N PHE B 30 -51.47 12.20 16.84
CA PHE B 30 -50.63 12.98 15.93
C PHE B 30 -49.16 12.79 16.26
N ARG B 31 -48.41 12.38 15.25
CA ARG B 31 -47.00 12.07 15.38
C ARG B 31 -46.04 13.05 14.74
N SER B 32 -44.94 13.33 15.44
CA SER B 32 -43.92 14.21 14.92
C SER B 32 -42.56 13.66 15.34
N ILE B 33 -41.59 13.72 14.43
CA ILE B 33 -40.25 13.21 14.69
C ILE B 33 -39.23 14.32 14.55
N VAL B 34 -38.23 14.30 15.43
CA VAL B 34 -37.19 15.30 15.44
C VAL B 34 -35.98 14.90 14.59
N PRO B 35 -35.45 15.84 13.78
CA PRO B 35 -34.29 15.55 12.94
C PRO B 35 -33.02 15.75 13.75
N SER B 36 -31.87 15.47 13.14
CA SER B 36 -30.59 15.65 13.81
C SER B 36 -29.52 16.00 12.79
N GLY B 37 -28.81 17.10 13.05
CA GLY B 37 -27.74 17.51 12.16
C GLY B 37 -26.43 16.91 12.65
N ALA B 38 -25.36 17.14 11.89
CA ALA B 38 -24.03 16.64 12.24
C ALA B 38 -23.09 17.86 12.30
N ALA B 39 -22.17 17.88 13.27
CA ALA B 39 -21.25 19.01 13.42
C ALA B 39 -22.09 20.29 13.49
N THR B 40 -23.12 20.26 14.32
CA THR B 40 -24.04 21.37 14.47
C THR B 40 -23.44 22.69 14.93
N GLY B 41 -24.15 23.77 14.65
CA GLY B 41 -23.69 25.09 15.03
C GLY B 41 -23.53 25.15 16.54
N VAL B 42 -22.44 25.79 16.98
CA VAL B 42 -22.17 25.90 18.41
C VAL B 42 -23.29 26.62 19.16
N HIS B 43 -24.10 27.39 18.44
CA HIS B 43 -25.19 28.13 19.06
C HIS B 43 -26.56 27.44 18.96
N GLU B 44 -26.61 26.22 18.42
CA GLU B 44 -27.90 25.53 18.30
C GLU B 44 -28.45 25.13 19.67
N ALA B 45 -29.78 25.04 19.74
CA ALA B 45 -30.45 24.61 20.96
C ALA B 45 -29.88 23.22 21.26
N LEU B 46 -29.75 22.89 22.54
CA LEU B 46 -29.17 21.62 22.93
C LEU B 46 -29.93 20.36 22.56
N GLU B 47 -29.27 19.49 21.78
CA GLU B 47 -29.85 18.21 21.41
C GLU B 47 -29.31 17.30 22.51
N MET B 48 -30.21 16.71 23.30
CA MET B 48 -29.81 15.86 24.40
C MET B 48 -29.54 14.40 24.00
N ARG B 49 -28.32 13.96 24.31
CA ARG B 49 -27.87 12.59 24.03
C ARG B 49 -27.51 11.88 25.35
N ASP B 50 -27.69 10.57 25.40
CA ASP B 50 -27.40 9.82 26.61
C ASP B 50 -25.92 9.77 26.94
N GLY B 51 -25.09 9.41 25.97
CA GLY B 51 -23.67 9.33 26.21
C GLY B 51 -23.25 7.95 26.69
N ASP B 52 -24.19 7.02 26.73
CA ASP B 52 -23.89 5.66 27.16
C ASP B 52 -23.08 4.99 26.05
N LYS B 53 -21.77 4.93 26.24
CA LYS B 53 -20.87 4.35 25.24
C LYS B 53 -21.21 2.89 24.91
N SER B 54 -21.93 2.21 25.80
CA SER B 54 -22.30 0.81 25.55
C SER B 54 -23.64 0.68 24.84
N LYS B 55 -24.25 1.81 24.49
CA LYS B 55 -25.54 1.80 23.81
C LYS B 55 -25.60 2.85 22.70
N TRP B 56 -25.88 2.40 21.47
CA TRP B 56 -26.00 3.29 20.32
C TRP B 56 -24.80 4.20 20.12
N MET B 57 -23.60 3.68 20.33
CA MET B 57 -22.39 4.47 20.18
C MET B 57 -22.46 5.71 21.06
N GLY B 58 -23.28 5.64 22.12
CA GLY B 58 -23.43 6.76 23.02
C GLY B 58 -24.38 7.83 22.52
N LYS B 59 -25.13 7.51 21.46
CA LYS B 59 -26.06 8.46 20.88
C LYS B 59 -27.53 8.19 21.21
N GLY B 60 -27.77 7.49 22.33
CA GLY B 60 -29.13 7.21 22.71
C GLY B 60 -29.89 8.47 23.08
N VAL B 61 -31.22 8.42 22.98
CA VAL B 61 -32.05 9.56 23.32
C VAL B 61 -33.03 9.19 24.45
N LEU B 62 -32.65 8.22 25.28
CA LEU B 62 -33.50 7.79 26.39
C LEU B 62 -33.83 8.93 27.35
N HIS B 63 -32.85 9.76 27.66
CA HIS B 63 -33.06 10.89 28.57
C HIS B 63 -34.08 11.87 28.01
N ALA B 64 -33.95 12.19 26.73
CA ALA B 64 -34.89 13.12 26.09
C ALA B 64 -36.29 12.51 26.12
N VAL B 65 -36.37 11.25 25.73
CA VAL B 65 -37.64 10.53 25.70
C VAL B 65 -38.28 10.49 27.09
N LYS B 66 -37.47 10.27 28.12
CA LYS B 66 -37.99 10.21 29.47
C LYS B 66 -38.50 11.59 29.87
N ASN B 67 -37.77 12.64 29.48
CA ASN B 67 -38.19 14.00 29.80
C ASN B 67 -39.57 14.31 29.25
N VAL B 68 -39.91 13.73 28.11
CA VAL B 68 -41.23 13.98 27.53
C VAL B 68 -42.29 13.18 28.31
N ASN B 69 -42.03 11.90 28.52
CA ASN B 69 -42.97 11.02 29.22
C ASN B 69 -43.21 11.29 30.71
N ASP B 70 -42.16 11.66 31.44
CA ASP B 70 -42.26 11.91 32.87
C ASP B 70 -42.30 13.35 33.31
N VAL B 71 -41.98 14.28 32.42
CA VAL B 71 -41.98 15.69 32.77
C VAL B 71 -43.02 16.50 32.02
N ILE B 72 -42.87 16.55 30.70
CA ILE B 72 -43.77 17.31 29.86
C ILE B 72 -45.17 16.72 29.80
N ALA B 73 -45.27 15.43 29.55
CA ALA B 73 -46.57 14.77 29.44
C ALA B 73 -47.55 15.08 30.58
N PRO B 74 -47.19 14.69 31.82
CA PRO B 74 -48.12 14.97 32.93
C PRO B 74 -48.48 16.44 33.10
N ALA B 75 -47.48 17.32 33.01
CA ALA B 75 -47.74 18.75 33.16
C ALA B 75 -48.59 19.30 32.01
N PHE B 76 -48.21 18.97 30.77
CA PHE B 76 -48.92 19.43 29.58
C PHE B 76 -50.40 19.03 29.57
N VAL B 77 -50.66 17.76 29.85
CA VAL B 77 -52.03 17.25 29.87
C VAL B 77 -52.85 17.90 30.97
N LYS B 78 -52.23 18.12 32.13
CA LYS B 78 -52.93 18.75 33.25
C LYS B 78 -53.21 20.23 32.99
N ALA B 79 -52.42 20.86 32.13
CA ALA B 79 -52.62 22.27 31.82
C ALA B 79 -53.80 22.53 30.88
N ASN B 80 -54.28 21.48 30.22
CA ASN B 80 -55.40 21.58 29.28
C ASN B 80 -55.21 22.75 28.32
N ILE B 81 -54.14 22.71 27.54
CA ILE B 81 -53.83 23.75 26.58
C ILE B 81 -54.62 23.62 25.28
N ASP B 82 -54.90 24.76 24.65
CA ASP B 82 -55.61 24.78 23.38
C ASP B 82 -54.51 24.63 22.33
N VAL B 83 -54.44 23.47 21.69
CA VAL B 83 -53.42 23.20 20.67
C VAL B 83 -53.44 24.17 19.50
N LYS B 84 -54.57 24.85 19.31
CA LYS B 84 -54.69 25.81 18.21
C LYS B 84 -53.88 27.05 18.54
N ASP B 85 -53.65 27.28 19.83
CA ASP B 85 -52.89 28.43 20.29
C ASP B 85 -51.42 27.99 20.40
N GLN B 86 -50.74 27.95 19.26
CA GLN B 86 -49.35 27.52 19.23
C GLN B 86 -48.43 28.29 20.17
N LYS B 87 -48.66 29.60 20.29
CA LYS B 87 -47.84 30.41 21.18
C LYS B 87 -47.98 29.96 22.63
N ALA B 88 -49.22 29.66 23.04
CA ALA B 88 -49.46 29.19 24.40
C ALA B 88 -48.77 27.84 24.58
N VAL B 89 -48.87 26.99 23.55
CA VAL B 89 -48.25 25.67 23.61
C VAL B 89 -46.74 25.78 23.83
N ASP B 90 -46.09 26.62 23.03
CA ASP B 90 -44.64 26.75 23.16
C ASP B 90 -44.19 27.57 24.37
N ASP B 91 -45.01 28.49 24.85
CA ASP B 91 -44.63 29.26 26.03
C ASP B 91 -44.60 28.32 27.23
N PHE B 92 -45.52 27.36 27.26
CA PHE B 92 -45.58 26.39 28.35
C PHE B 92 -44.33 25.52 28.33
N LEU B 93 -44.01 24.99 27.15
CA LEU B 93 -42.83 24.14 27.00
C LEU B 93 -41.55 24.90 27.36
N ILE B 94 -41.40 26.11 26.83
CA ILE B 94 -40.22 26.92 27.11
C ILE B 94 -40.13 27.24 28.60
N SER B 95 -41.26 27.54 29.21
CA SER B 95 -41.30 27.88 30.64
C SER B 95 -41.03 26.65 31.50
N LEU B 96 -41.41 25.48 31.02
CA LEU B 96 -41.19 24.24 31.77
C LEU B 96 -39.70 23.91 31.78
N ASP B 97 -39.01 24.24 30.70
CA ASP B 97 -37.57 23.99 30.60
C ASP B 97 -36.78 25.00 31.43
N GLY B 98 -37.19 26.27 31.35
CA GLY B 98 -36.54 27.31 32.11
C GLY B 98 -35.12 27.72 31.73
N THR B 99 -34.52 27.06 30.74
CA THR B 99 -33.17 27.42 30.33
C THR B 99 -33.19 28.15 28.99
N ALA B 100 -32.12 28.88 28.69
CA ALA B 100 -32.02 29.63 27.45
C ALA B 100 -31.85 28.72 26.24
N ASN B 101 -30.99 27.70 26.36
CA ASN B 101 -30.77 26.78 25.25
C ASN B 101 -31.50 25.45 25.37
N LYS B 102 -32.54 25.40 26.20
CA LYS B 102 -33.32 24.19 26.39
C LYS B 102 -32.44 23.00 26.78
N SER B 103 -31.45 23.26 27.63
CA SER B 103 -30.53 22.21 28.07
C SER B 103 -31.10 21.33 29.17
N LYS B 104 -32.16 21.80 29.83
CA LYS B 104 -32.77 21.03 30.91
C LYS B 104 -33.57 19.84 30.38
N LEU B 105 -34.55 20.12 29.54
CA LEU B 105 -35.38 19.06 28.98
C LEU B 105 -34.81 18.59 27.64
N GLY B 106 -34.08 19.46 26.97
CA GLY B 106 -33.50 19.10 25.69
C GLY B 106 -34.37 19.58 24.53
N ALA B 107 -33.75 20.19 23.53
CA ALA B 107 -34.51 20.70 22.38
C ALA B 107 -35.20 19.55 21.66
N ASN B 108 -34.57 18.39 21.64
CA ASN B 108 -35.15 17.24 20.95
C ASN B 108 -36.30 16.62 21.74
N ALA B 109 -36.55 17.13 22.94
CA ALA B 109 -37.65 16.64 23.76
C ALA B 109 -38.83 17.61 23.58
N ILE B 110 -38.49 18.90 23.50
CA ILE B 110 -39.50 19.95 23.35
C ILE B 110 -40.10 20.07 21.97
N LEU B 111 -39.25 20.07 20.94
CA LEU B 111 -39.70 20.21 19.55
C LEU B 111 -40.79 19.21 19.14
N GLY B 112 -40.62 17.96 19.54
CA GLY B 112 -41.60 16.94 19.19
C GLY B 112 -43.00 17.28 19.61
N VAL B 113 -43.14 17.74 20.84
CA VAL B 113 -44.44 18.12 21.37
C VAL B 113 -44.95 19.36 20.65
N SER B 114 -44.07 20.32 20.44
CA SER B 114 -44.44 21.57 19.76
C SER B 114 -45.01 21.31 18.36
N LEU B 115 -44.33 20.48 17.57
CA LEU B 115 -44.78 20.18 16.22
C LEU B 115 -46.05 19.32 16.19
N ALA B 116 -46.11 18.33 17.07
CA ALA B 116 -47.28 17.45 17.10
C ALA B 116 -48.55 18.22 17.48
N ALA B 117 -48.40 19.27 18.28
CA ALA B 117 -49.55 20.07 18.67
C ALA B 117 -50.14 20.76 17.45
N SER B 118 -49.27 21.29 16.58
CA SER B 118 -49.76 21.98 15.39
C SER B 118 -50.56 21.04 14.48
N ARG B 119 -50.17 19.77 14.43
CA ARG B 119 -50.89 18.80 13.60
C ARG B 119 -52.25 18.52 14.23
N ALA B 120 -52.30 18.47 15.55
CA ALA B 120 -53.56 18.21 16.24
C ALA B 120 -54.50 19.39 16.02
N ALA B 121 -53.95 20.59 16.01
CA ALA B 121 -54.75 21.80 15.81
C ALA B 121 -55.32 21.83 14.39
N ALA B 122 -54.51 21.49 13.41
CA ALA B 122 -54.97 21.47 12.03
C ALA B 122 -56.17 20.54 11.90
N ALA B 123 -56.06 19.34 12.47
CA ALA B 123 -57.14 18.37 12.40
C ALA B 123 -58.40 18.89 13.12
N GLU B 124 -58.21 19.62 14.21
CA GLU B 124 -59.34 20.16 14.96
C GLU B 124 -60.05 21.19 14.07
N LYS B 125 -59.27 21.97 13.34
CA LYS B 125 -59.83 22.99 12.46
C LYS B 125 -60.28 22.43 11.11
N ASN B 126 -60.00 21.14 10.88
CA ASN B 126 -60.36 20.44 9.65
C ASN B 126 -59.73 21.07 8.41
N VAL B 127 -58.46 21.41 8.50
CA VAL B 127 -57.77 22.00 7.36
C VAL B 127 -56.40 21.34 7.20
N PRO B 128 -55.80 21.49 6.01
CA PRO B 128 -54.48 20.90 5.76
C PRO B 128 -53.45 21.58 6.67
N LEU B 129 -52.47 20.83 7.11
CA LEU B 129 -51.43 21.38 7.98
C LEU B 129 -50.86 22.70 7.45
N TYR B 130 -50.53 22.77 6.17
CA TYR B 130 -49.95 24.01 5.64
C TYR B 130 -50.86 25.23 5.79
N LYS B 131 -52.17 25.00 5.80
CA LYS B 131 -53.12 26.09 5.98
C LYS B 131 -53.05 26.60 7.41
N HIS B 132 -53.02 25.67 8.36
CA HIS B 132 -52.94 26.04 9.76
C HIS B 132 -51.62 26.77 10.02
N LEU B 133 -50.52 26.29 9.42
CA LEU B 133 -49.23 26.92 9.61
C LEU B 133 -49.30 28.34 9.05
N ALA B 134 -50.03 28.52 7.96
CA ALA B 134 -50.18 29.85 7.37
C ALA B 134 -50.94 30.77 8.33
N ASP B 135 -51.97 30.23 8.99
CA ASP B 135 -52.73 31.03 9.95
C ASP B 135 -51.82 31.41 11.11
N LEU B 136 -51.08 30.43 11.63
CA LEU B 136 -50.18 30.68 12.74
C LEU B 136 -49.13 31.74 12.40
N SER B 137 -48.70 31.77 11.14
CA SER B 137 -47.67 32.70 10.69
C SER B 137 -48.20 34.00 10.06
N LYS B 138 -49.52 34.16 10.03
CA LYS B 138 -50.14 35.35 9.44
C LYS B 138 -49.67 35.55 7.99
N SER B 139 -49.52 34.46 7.25
CA SER B 139 -49.09 34.50 5.87
C SER B 139 -50.26 34.97 5.00
N LYS B 140 -49.96 35.30 3.74
CA LYS B 140 -51.01 35.73 2.82
C LYS B 140 -52.03 34.60 2.69
N THR B 141 -53.30 34.96 2.55
CA THR B 141 -54.36 33.98 2.41
C THR B 141 -54.23 33.23 1.09
N SER B 142 -53.72 33.94 0.08
CA SER B 142 -53.53 33.38 -1.24
C SER B 142 -52.70 34.36 -2.07
N PRO B 143 -52.01 33.86 -3.10
CA PRO B 143 -52.01 32.45 -3.50
C PRO B 143 -50.91 31.70 -2.75
N TYR B 144 -51.09 30.40 -2.55
CA TYR B 144 -50.05 29.63 -1.89
C TYR B 144 -48.86 29.54 -2.84
N VAL B 145 -47.67 29.37 -2.26
CA VAL B 145 -46.45 29.31 -3.04
C VAL B 145 -45.71 27.99 -2.94
N LEU B 146 -45.53 27.34 -4.08
CA LEU B 146 -44.79 26.08 -4.11
C LEU B 146 -43.35 26.55 -4.21
N PRO B 147 -42.47 25.95 -3.40
CA PRO B 147 -41.06 26.33 -3.38
C PRO B 147 -40.18 25.70 -4.46
N VAL B 148 -39.06 26.36 -4.72
CA VAL B 148 -38.09 25.82 -5.66
C VAL B 148 -37.28 24.92 -4.74
N PRO B 149 -37.08 23.67 -5.15
CA PRO B 149 -36.30 22.77 -4.30
C PRO B 149 -34.81 22.82 -4.65
N PHE B 150 -33.98 23.10 -3.64
CA PHE B 150 -32.53 23.12 -3.83
C PHE B 150 -32.06 21.73 -3.43
N LEU B 151 -31.72 20.94 -4.46
CA LEU B 151 -31.30 19.56 -4.31
C LEU B 151 -29.79 19.34 -4.21
N ASN B 152 -29.35 18.86 -3.05
CA ASN B 152 -27.92 18.59 -2.77
C ASN B 152 -27.48 17.33 -3.50
N VAL B 153 -27.29 17.44 -4.81
CA VAL B 153 -26.90 16.32 -5.66
C VAL B 153 -25.44 15.91 -5.62
N LEU B 154 -24.58 16.73 -5.05
CA LEU B 154 -23.17 16.39 -4.99
C LEU B 154 -22.60 16.86 -3.65
N ASN B 155 -21.99 15.93 -2.93
CA ASN B 155 -21.45 16.23 -1.61
C ASN B 155 -19.92 16.43 -1.60
N GLY B 156 -19.48 17.34 -0.75
CA GLY B 156 -18.05 17.61 -0.61
C GLY B 156 -17.72 17.78 0.86
N GLY B 157 -16.56 18.36 1.13
CA GLY B 157 -16.14 18.59 2.50
C GLY B 157 -16.12 17.35 3.39
N SER B 158 -16.84 17.41 4.50
CA SER B 158 -16.88 16.30 5.44
C SER B 158 -17.77 15.15 4.96
N HIS B 159 -18.56 15.39 3.91
CA HIS B 159 -19.45 14.36 3.38
C HIS B 159 -18.86 13.55 2.23
N ALA B 160 -17.54 13.65 2.03
CA ALA B 160 -16.89 12.92 0.96
C ALA B 160 -15.37 12.96 1.08
N GLY B 161 -14.71 12.12 0.28
CA GLY B 161 -13.26 12.09 0.27
C GLY B 161 -12.75 13.26 -0.53
N GLY B 162 -11.68 13.04 -1.30
CA GLY B 162 -11.12 14.11 -2.10
C GLY B 162 -10.72 15.32 -1.26
N ALA B 163 -10.24 16.36 -1.93
CA ALA B 163 -9.82 17.57 -1.25
C ALA B 163 -10.92 18.62 -1.19
N LEU B 164 -11.97 18.44 -1.99
CA LEU B 164 -13.09 19.37 -2.04
C LEU B 164 -13.54 19.81 -0.66
N ALA B 165 -13.39 21.09 -0.36
CA ALA B 165 -13.75 21.64 0.94
C ALA B 165 -15.23 22.00 1.11
N LEU B 166 -15.86 22.55 0.06
CA LEU B 166 -17.27 22.93 0.16
C LEU B 166 -18.16 21.71 0.40
N GLN B 167 -19.05 21.83 1.37
CA GLN B 167 -19.94 20.74 1.78
C GLN B 167 -21.08 20.36 0.83
N GLU B 168 -21.85 21.33 0.36
CA GLU B 168 -22.99 21.03 -0.51
C GLU B 168 -23.04 21.74 -1.86
N PHE B 169 -23.36 20.97 -2.90
CA PHE B 169 -23.51 21.49 -4.25
C PHE B 169 -24.92 21.14 -4.67
N MET B 170 -25.78 22.15 -4.72
CA MET B 170 -27.19 21.96 -5.05
C MET B 170 -27.60 22.49 -6.41
N ILE B 171 -28.69 21.94 -6.91
CA ILE B 171 -29.27 22.40 -8.15
C ILE B 171 -30.67 22.86 -7.78
N ALA B 172 -31.12 23.93 -8.42
CA ALA B 172 -32.44 24.49 -8.18
C ALA B 172 -33.12 24.75 -9.52
N PRO B 173 -34.15 23.95 -9.86
CA PRO B 173 -34.88 24.13 -11.13
C PRO B 173 -35.79 25.34 -11.11
N THR B 174 -35.20 26.53 -11.05
CA THR B 174 -35.97 27.76 -11.02
C THR B 174 -36.72 28.01 -12.33
N GLY B 175 -36.24 27.42 -13.41
CA GLY B 175 -36.86 27.60 -14.71
C GLY B 175 -38.11 26.78 -14.93
N ALA B 176 -38.48 25.94 -13.98
CA ALA B 176 -39.68 25.11 -14.12
C ALA B 176 -40.92 25.99 -13.98
N LYS B 177 -42.07 25.47 -14.43
CA LYS B 177 -43.32 26.21 -14.37
C LYS B 177 -44.17 25.80 -13.16
N THR B 178 -43.92 24.60 -12.65
CA THR B 178 -44.64 24.09 -11.48
C THR B 178 -43.66 23.29 -10.64
N PHE B 179 -44.06 22.92 -9.43
CA PHE B 179 -43.18 22.14 -8.57
C PHE B 179 -42.99 20.74 -9.17
N ALA B 180 -44.09 20.15 -9.63
CA ALA B 180 -44.03 18.83 -10.23
C ALA B 180 -42.98 18.80 -11.34
N GLU B 181 -42.96 19.85 -12.17
CA GLU B 181 -41.98 19.91 -13.26
C GLU B 181 -40.56 20.12 -12.74
N ALA B 182 -40.42 20.97 -11.72
CA ALA B 182 -39.10 21.23 -11.14
C ALA B 182 -38.53 19.94 -10.61
N LEU B 183 -39.37 19.18 -9.91
CA LEU B 183 -38.94 17.90 -9.34
C LEU B 183 -38.55 16.91 -10.45
N ARG B 184 -39.34 16.84 -11.53
CA ARG B 184 -39.00 15.94 -12.63
C ARG B 184 -37.63 16.36 -13.17
N ILE B 185 -37.51 17.65 -13.48
CA ILE B 185 -36.28 18.22 -13.99
C ILE B 185 -35.11 17.85 -13.08
N GLY B 186 -35.28 18.12 -11.79
CA GLY B 186 -34.24 17.80 -10.83
C GLY B 186 -33.82 16.34 -10.84
N SER B 187 -34.79 15.42 -10.89
CA SER B 187 -34.45 14.00 -10.92
C SER B 187 -33.70 13.62 -12.18
N GLU B 188 -34.10 14.19 -13.32
CA GLU B 188 -33.42 13.89 -14.58
C GLU B 188 -31.97 14.35 -14.49
N VAL B 189 -31.75 15.57 -14.00
CA VAL B 189 -30.40 16.08 -13.86
C VAL B 189 -29.62 15.11 -12.95
N TYR B 190 -30.23 14.74 -11.83
CA TYR B 190 -29.60 13.84 -10.87
C TYR B 190 -29.19 12.49 -11.47
N HIS B 191 -30.04 11.90 -12.30
CA HIS B 191 -29.69 10.61 -12.89
C HIS B 191 -28.54 10.78 -13.90
N ASN B 192 -28.55 11.88 -14.64
CA ASN B 192 -27.47 12.13 -15.60
C ASN B 192 -26.17 12.35 -14.83
N LEU B 193 -26.25 12.98 -13.66
CA LEU B 193 -25.06 13.24 -12.86
C LEU B 193 -24.49 11.93 -12.31
N LYS B 194 -25.38 11.03 -11.88
CA LYS B 194 -24.95 9.76 -11.32
C LYS B 194 -24.26 8.88 -12.37
N SER B 195 -24.81 8.85 -13.58
CA SER B 195 -24.21 8.06 -14.65
C SER B 195 -22.85 8.62 -15.05
N LEU B 196 -22.75 9.95 -15.12
CA LEU B 196 -21.48 10.58 -15.48
C LEU B 196 -20.43 10.34 -14.39
N THR B 197 -20.87 10.39 -13.14
CA THR B 197 -19.97 10.20 -12.03
C THR B 197 -19.39 8.79 -11.99
N LYS B 198 -20.25 7.80 -12.24
CA LYS B 198 -19.81 6.42 -12.25
C LYS B 198 -18.87 6.16 -13.42
N LYS B 199 -19.15 6.81 -14.56
CA LYS B 199 -18.33 6.65 -15.75
C LYS B 199 -16.93 7.24 -15.58
N ARG B 200 -16.85 8.39 -14.93
CA ARG B 200 -15.58 9.07 -14.73
C ARG B 200 -14.84 8.72 -13.45
N TYR B 201 -15.59 8.45 -12.38
CA TYR B 201 -14.98 8.15 -11.08
C TYR B 201 -15.11 6.70 -10.62
N GLY B 202 -16.06 5.96 -11.19
CA GLY B 202 -16.25 4.58 -10.79
C GLY B 202 -17.49 4.33 -9.97
N ALA B 203 -17.85 3.06 -9.83
CA ALA B 203 -19.04 2.67 -9.07
C ALA B 203 -19.03 3.22 -7.63
N SER B 204 -17.90 3.10 -6.96
CA SER B 204 -17.76 3.58 -5.59
C SER B 204 -18.24 5.02 -5.43
N ALA B 205 -17.81 5.88 -6.34
CA ALA B 205 -18.18 7.30 -6.31
C ALA B 205 -19.67 7.47 -6.61
N GLY B 206 -20.23 6.54 -7.40
CA GLY B 206 -21.63 6.60 -7.75
C GLY B 206 -22.57 6.44 -6.58
N ASN B 207 -22.05 5.95 -5.46
CA ASN B 207 -22.85 5.77 -4.24
C ASN B 207 -23.15 7.12 -3.61
N VAL B 208 -24.20 7.17 -2.79
CA VAL B 208 -24.63 8.43 -2.19
C VAL B 208 -24.24 8.74 -0.75
N GLY B 209 -24.20 10.03 -0.46
CA GLY B 209 -23.87 10.49 0.89
C GLY B 209 -25.14 10.52 1.72
N ASP B 210 -25.05 11.05 2.95
CA ASP B 210 -26.19 11.13 3.86
C ASP B 210 -27.46 11.77 3.29
N GLU B 211 -27.29 12.75 2.41
CA GLU B 211 -28.44 13.45 1.82
C GLU B 211 -28.83 12.95 0.43
N GLY B 212 -28.20 11.87 -0.02
CA GLY B 212 -28.55 11.28 -1.30
C GLY B 212 -27.80 11.72 -2.56
N GLY B 213 -26.85 12.64 -2.42
CA GLY B 213 -26.10 13.08 -3.58
C GLY B 213 -24.89 12.20 -3.77
N VAL B 214 -24.27 12.24 -4.95
CA VAL B 214 -23.08 11.43 -5.18
C VAL B 214 -21.90 12.03 -4.44
N ALA B 215 -20.96 11.17 -4.03
CA ALA B 215 -19.79 11.64 -3.30
C ALA B 215 -18.48 11.11 -3.88
N PRO B 216 -18.08 11.59 -5.07
CA PRO B 216 -16.84 11.16 -5.73
C PRO B 216 -15.66 11.89 -5.10
N ASN B 217 -14.45 11.36 -5.28
CA ASN B 217 -13.29 12.03 -4.73
C ASN B 217 -12.91 13.17 -5.66
N ILE B 218 -13.52 14.34 -5.46
CA ILE B 218 -13.25 15.50 -6.28
C ILE B 218 -12.13 16.33 -5.65
N GLN B 219 -11.30 16.92 -6.51
CA GLN B 219 -10.17 17.73 -6.06
C GLN B 219 -10.54 19.20 -5.82
N THR B 220 -11.34 19.77 -6.72
CA THR B 220 -11.71 21.19 -6.62
C THR B 220 -13.18 21.51 -6.82
N ALA B 221 -13.57 22.71 -6.40
CA ALA B 221 -14.93 23.18 -6.53
C ALA B 221 -15.26 23.34 -8.01
N GLU B 222 -14.30 23.82 -8.79
CA GLU B 222 -14.51 24.00 -10.23
C GLU B 222 -14.78 22.64 -10.89
N GLU B 223 -14.07 21.61 -10.43
CA GLU B 223 -14.25 20.27 -10.97
C GLU B 223 -15.68 19.80 -10.68
N ALA B 224 -16.16 20.09 -9.47
CA ALA B 224 -17.50 19.69 -9.05
C ALA B 224 -18.57 20.44 -9.85
N LEU B 225 -18.40 21.75 -9.96
CA LEU B 225 -19.34 22.59 -10.68
C LEU B 225 -19.40 22.26 -12.17
N ASP B 226 -18.27 21.95 -12.79
CA ASP B 226 -18.25 21.58 -14.22
C ASP B 226 -19.02 20.29 -14.42
N LEU B 227 -18.94 19.39 -13.44
CA LEU B 227 -19.64 18.12 -13.53
C LEU B 227 -21.14 18.36 -13.42
N ILE B 228 -21.53 19.30 -12.57
CA ILE B 228 -22.94 19.65 -12.38
C ILE B 228 -23.48 20.26 -13.67
N VAL B 229 -22.68 21.12 -14.28
CA VAL B 229 -23.10 21.76 -15.53
C VAL B 229 -23.27 20.70 -16.61
N ASP B 230 -22.33 19.75 -16.69
CA ASP B 230 -22.44 18.69 -17.70
C ASP B 230 -23.71 17.89 -17.49
N ALA B 231 -24.06 17.63 -16.23
CA ALA B 231 -25.27 16.86 -15.95
C ALA B 231 -26.50 17.64 -16.42
N ILE B 232 -26.56 18.93 -16.11
CA ILE B 232 -27.69 19.77 -16.53
C ILE B 232 -27.82 19.75 -18.05
N LYS B 233 -26.70 20.02 -18.73
CA LYS B 233 -26.65 20.05 -20.18
C LYS B 233 -27.10 18.70 -20.74
N ALA B 234 -26.52 17.62 -20.23
CA ALA B 234 -26.86 16.29 -20.70
C ALA B 234 -28.34 16.01 -20.52
N ALA B 235 -28.94 16.51 -19.45
CA ALA B 235 -30.36 16.31 -19.18
C ALA B 235 -31.25 17.16 -20.09
N GLY B 236 -30.65 18.16 -20.73
CA GLY B 236 -31.39 19.03 -21.63
C GLY B 236 -32.01 20.23 -20.94
N HIS B 237 -31.61 20.49 -19.70
CA HIS B 237 -32.17 21.60 -18.94
C HIS B 237 -31.29 22.83 -18.75
N ASP B 238 -30.32 23.01 -19.63
CA ASP B 238 -29.44 24.16 -19.53
C ASP B 238 -30.30 25.43 -19.60
N GLY B 239 -30.02 26.38 -18.71
CA GLY B 239 -30.78 27.61 -18.69
C GLY B 239 -31.97 27.56 -17.74
N LYS B 240 -32.32 26.37 -17.27
CA LYS B 240 -33.46 26.23 -16.37
C LYS B 240 -33.10 25.76 -14.97
N VAL B 241 -31.83 25.41 -14.78
CA VAL B 241 -31.36 24.91 -13.50
C VAL B 241 -30.22 25.80 -12.99
N LYS B 242 -30.38 26.30 -11.77
CA LYS B 242 -29.38 27.15 -11.16
C LYS B 242 -28.64 26.34 -10.10
N ILE B 243 -27.62 26.93 -9.49
CA ILE B 243 -26.84 26.22 -8.50
C ILE B 243 -26.79 26.92 -7.14
N GLY B 244 -26.80 26.11 -6.08
CA GLY B 244 -26.73 26.64 -4.74
C GLY B 244 -25.55 25.99 -4.05
N LEU B 245 -24.97 26.66 -3.07
CA LEU B 245 -23.84 26.09 -2.35
C LEU B 245 -24.00 26.24 -0.84
N ASP B 246 -23.51 25.24 -0.10
CA ASP B 246 -23.48 25.30 1.36
C ASP B 246 -22.02 25.00 1.63
N CYS B 247 -21.25 26.05 1.89
CA CYS B 247 -19.83 25.93 2.14
C CYS B 247 -19.51 25.34 3.51
N ALA B 248 -20.37 25.60 4.50
CA ALA B 248 -20.16 25.12 5.86
C ALA B 248 -18.73 25.47 6.27
N SER B 249 -18.34 26.69 5.93
CA SER B 249 -17.00 27.22 6.18
C SER B 249 -16.48 27.13 7.61
N SER B 250 -17.37 27.09 8.59
CA SER B 250 -16.95 26.99 9.98
C SER B 250 -16.15 25.70 10.15
N GLU B 251 -16.36 24.75 9.24
CA GLU B 251 -15.65 23.49 9.31
C GLU B 251 -14.17 23.62 9.01
N PHE B 252 -13.80 24.64 8.24
CA PHE B 252 -12.39 24.85 7.94
C PHE B 252 -11.87 26.24 8.29
N PHE B 253 -12.39 26.79 9.37
CA PHE B 253 -11.98 28.10 9.86
C PHE B 253 -10.94 27.88 10.96
N LYS B 254 -9.73 28.39 10.73
CA LYS B 254 -8.65 28.22 11.71
C LYS B 254 -7.73 29.45 11.77
N ASP B 255 -7.52 29.97 12.97
CA ASP B 255 -6.66 31.12 13.18
C ASP B 255 -7.08 32.32 12.33
N GLY B 256 -8.38 32.59 12.30
CA GLY B 256 -8.88 33.71 11.51
C GLY B 256 -8.70 33.52 10.01
N LYS B 257 -8.31 32.31 9.61
CA LYS B 257 -8.09 32.00 8.19
C LYS B 257 -8.93 30.78 7.80
N TYR B 258 -9.08 30.56 6.50
CA TYR B 258 -9.85 29.43 6.00
C TYR B 258 -8.96 28.46 5.22
N ASP B 259 -8.91 27.22 5.69
CA ASP B 259 -8.11 26.17 5.08
C ASP B 259 -8.93 25.37 4.08
N LEU B 260 -8.78 25.69 2.81
CA LEU B 260 -9.53 25.01 1.76
C LEU B 260 -9.00 23.61 1.48
N ASP B 261 -8.14 23.12 2.36
CA ASP B 261 -7.59 21.79 2.20
C ASP B 261 -7.47 21.17 3.59
N PHE B 262 -8.47 21.47 4.42
CA PHE B 262 -8.53 21.00 5.81
C PHE B 262 -8.59 19.48 5.96
N LYS B 263 -8.83 18.78 4.87
CA LYS B 263 -8.88 17.32 4.93
C LYS B 263 -7.48 16.72 4.76
N ASN B 264 -6.52 17.58 4.42
CA ASN B 264 -5.14 17.13 4.26
C ASN B 264 -4.39 17.47 5.55
N PRO B 265 -4.03 16.46 6.33
CA PRO B 265 -3.31 16.66 7.59
C PRO B 265 -2.04 17.50 7.43
N ASN B 266 -1.56 17.60 6.21
CA ASN B 266 -0.35 18.38 5.92
C ASN B 266 -0.66 19.53 4.97
N SER B 267 -1.77 20.22 5.22
CA SER B 267 -2.19 21.35 4.39
C SER B 267 -1.21 22.52 4.50
N ASP B 268 -0.87 23.11 3.36
CA ASP B 268 0.06 24.23 3.31
C ASP B 268 -0.57 25.46 3.97
N LYS B 269 -0.04 25.83 5.13
CA LYS B 269 -0.57 26.99 5.85
C LYS B 269 -0.36 28.31 5.14
N SER B 270 0.66 28.39 4.29
CA SER B 270 0.92 29.62 3.57
C SER B 270 -0.15 29.84 2.50
N LYS B 271 -0.97 28.82 2.27
CA LYS B 271 -2.02 28.95 1.27
C LYS B 271 -3.43 29.14 1.85
N TRP B 272 -3.52 29.28 3.17
CA TRP B 272 -4.80 29.51 3.83
C TRP B 272 -5.27 30.89 3.41
N LEU B 273 -6.57 31.03 3.18
CA LEU B 273 -7.13 32.29 2.74
C LEU B 273 -7.70 33.16 3.84
N THR B 274 -7.61 34.47 3.65
CA THR B 274 -8.17 35.42 4.60
C THR B 274 -9.61 35.67 4.17
N GLY B 275 -10.35 36.42 4.97
CA GLY B 275 -11.72 36.72 4.63
C GLY B 275 -11.87 37.27 3.23
N PRO B 276 -11.16 38.36 2.88
CA PRO B 276 -11.24 38.96 1.55
C PRO B 276 -10.86 38.00 0.42
N GLN B 277 -9.87 37.15 0.67
CA GLN B 277 -9.42 36.20 -0.34
C GLN B 277 -10.47 35.12 -0.62
N LEU B 278 -11.11 34.63 0.44
CA LEU B 278 -12.13 33.61 0.27
C LEU B 278 -13.32 34.23 -0.47
N ALA B 279 -13.55 35.52 -0.24
CA ALA B 279 -14.64 36.23 -0.90
C ALA B 279 -14.36 36.32 -2.40
N ASP B 280 -13.11 36.61 -2.78
CA ASP B 280 -12.76 36.71 -4.18
C ASP B 280 -12.92 35.38 -4.91
N LEU B 281 -12.70 34.29 -4.18
CA LEU B 281 -12.83 32.96 -4.76
C LEU B 281 -14.29 32.73 -5.11
N TYR B 282 -15.20 33.08 -4.20
CA TYR B 282 -16.61 32.90 -4.46
C TYR B 282 -17.00 33.71 -5.69
N HIS B 283 -16.48 34.94 -5.79
CA HIS B 283 -16.77 35.81 -6.94
C HIS B 283 -16.38 35.15 -8.26
N SER B 284 -15.23 34.49 -8.27
CA SER B 284 -14.76 33.83 -9.48
C SER B 284 -15.66 32.64 -9.84
N LEU B 285 -16.17 31.95 -8.82
CA LEU B 285 -17.06 30.82 -9.07
C LEU B 285 -18.39 31.36 -9.58
N MET B 286 -18.83 32.47 -8.99
CA MET B 286 -20.09 33.12 -9.35
C MET B 286 -20.09 33.68 -10.77
N LYS B 287 -18.91 34.10 -11.23
CA LYS B 287 -18.80 34.67 -12.57
C LYS B 287 -18.82 33.60 -13.66
N ARG B 288 -18.31 32.42 -13.34
CA ARG B 288 -18.27 31.31 -14.29
C ARG B 288 -19.44 30.32 -14.21
N TYR B 289 -20.09 30.24 -13.05
CA TYR B 289 -21.18 29.30 -12.87
C TYR B 289 -22.50 29.98 -12.49
N PRO B 290 -23.64 29.36 -12.84
CA PRO B 290 -24.97 29.90 -12.54
C PRO B 290 -25.38 29.76 -11.07
N ILE B 291 -24.52 30.26 -10.19
CA ILE B 291 -24.75 30.21 -8.74
C ILE B 291 -25.69 31.33 -8.30
N VAL B 292 -26.81 30.98 -7.68
CA VAL B 292 -27.77 31.99 -7.23
C VAL B 292 -27.97 32.04 -5.72
N SER B 293 -27.29 31.18 -4.99
CA SER B 293 -27.38 31.15 -3.53
C SER B 293 -26.14 30.55 -2.90
N ILE B 294 -25.62 31.22 -1.86
CA ILE B 294 -24.45 30.73 -1.14
C ILE B 294 -24.70 30.76 0.35
N GLU B 295 -24.62 29.57 0.96
CA GLU B 295 -24.88 29.37 2.38
C GLU B 295 -23.59 29.28 3.19
N ASP B 296 -23.59 29.89 4.38
CA ASP B 296 -22.44 29.93 5.28
C ASP B 296 -21.09 30.12 4.58
N PRO B 297 -20.97 31.17 3.76
CA PRO B 297 -19.69 31.40 3.07
C PRO B 297 -18.57 31.68 4.08
N PHE B 298 -18.94 32.14 5.27
CA PHE B 298 -17.95 32.45 6.30
C PHE B 298 -18.33 31.86 7.66
N ALA B 299 -17.35 31.80 8.58
CA ALA B 299 -17.53 31.22 9.90
C ALA B 299 -18.76 31.70 10.70
N GLU B 300 -19.23 30.84 11.60
CA GLU B 300 -20.42 31.14 12.40
C GLU B 300 -20.34 32.36 13.32
N ASP B 301 -19.14 32.89 13.52
CA ASP B 301 -19.00 34.09 14.35
C ASP B 301 -18.01 35.08 13.73
N ASP B 302 -17.75 34.92 12.43
CA ASP B 302 -16.83 35.79 11.70
C ASP B 302 -17.64 36.88 11.00
N TRP B 303 -18.42 37.61 11.78
CA TRP B 303 -19.29 38.67 11.27
C TRP B 303 -18.67 39.63 10.26
N GLU B 304 -17.47 40.12 10.56
CA GLU B 304 -16.80 41.07 9.68
C GLU B 304 -16.55 40.49 8.28
N ALA B 305 -16.32 39.18 8.21
CA ALA B 305 -16.09 38.53 6.93
C ALA B 305 -17.39 38.46 6.14
N TRP B 306 -18.50 38.20 6.84
CA TRP B 306 -19.81 38.14 6.19
C TRP B 306 -20.17 39.52 5.65
N SER B 307 -20.04 40.54 6.51
CA SER B 307 -20.37 41.90 6.14
C SER B 307 -19.57 42.42 4.95
N HIS B 308 -18.30 42.06 4.88
CA HIS B 308 -17.45 42.51 3.77
C HIS B 308 -17.96 41.95 2.44
N PHE B 309 -18.13 40.63 2.40
CA PHE B 309 -18.61 39.94 1.21
C PHE B 309 -20.01 40.40 0.80
N PHE B 310 -20.89 40.60 1.78
CA PHE B 310 -22.25 41.01 1.47
C PHE B 310 -22.28 42.32 0.69
N LYS B 311 -21.26 43.16 0.88
CA LYS B 311 -21.20 44.44 0.18
C LYS B 311 -21.24 44.26 -1.34
N THR B 312 -20.65 43.18 -1.85
CA THR B 312 -20.63 42.98 -3.30
C THR B 312 -21.11 41.61 -3.79
N ALA B 313 -21.61 40.78 -2.89
CA ALA B 313 -22.08 39.45 -3.27
C ALA B 313 -22.97 39.46 -4.51
N GLY B 314 -24.10 40.15 -4.45
CA GLY B 314 -24.98 40.21 -5.61
C GLY B 314 -25.97 39.07 -5.79
N ILE B 315 -25.92 38.09 -4.89
CA ILE B 315 -26.85 36.98 -4.94
C ILE B 315 -27.28 36.64 -3.53
N GLN B 316 -28.24 35.73 -3.40
CA GLN B 316 -28.71 35.35 -2.08
C GLN B 316 -27.57 34.79 -1.23
N ILE B 317 -27.45 35.32 -0.02
CA ILE B 317 -26.45 34.86 0.94
C ILE B 317 -27.24 34.29 2.12
N VAL B 318 -27.14 32.99 2.31
CA VAL B 318 -27.88 32.30 3.36
C VAL B 318 -27.08 32.07 4.63
N ALA B 319 -27.68 32.44 5.77
CA ALA B 319 -27.04 32.25 7.06
C ALA B 319 -27.65 30.99 7.70
N ASP B 320 -26.79 30.07 8.13
CA ASP B 320 -27.25 28.83 8.75
C ASP B 320 -26.69 28.71 10.17
N ASP B 321 -25.43 28.33 10.31
CA ASP B 321 -24.83 28.23 11.64
C ASP B 321 -24.62 29.62 12.25
N LEU B 322 -24.60 30.64 11.38
CA LEU B 322 -24.43 32.01 11.83
C LEU B 322 -25.61 32.47 12.66
N THR B 323 -26.81 32.13 12.19
CA THR B 323 -28.04 32.52 12.86
C THR B 323 -28.77 31.42 13.66
N VAL B 324 -28.51 30.16 13.33
CA VAL B 324 -29.15 29.03 13.98
C VAL B 324 -30.65 29.21 14.28
N THR B 325 -31.37 29.74 13.29
CA THR B 325 -32.82 29.97 13.39
C THR B 325 -33.19 30.63 14.73
N ASN B 326 -32.38 31.60 15.14
CA ASN B 326 -32.57 32.31 16.40
C ASN B 326 -32.80 33.80 16.16
N PRO B 327 -33.99 34.30 16.48
CA PRO B 327 -34.28 35.73 16.27
C PRO B 327 -33.26 36.68 16.87
N LYS B 328 -32.63 36.30 17.96
CA LYS B 328 -31.63 37.18 18.57
C LYS B 328 -30.40 37.28 17.68
N ARG B 329 -29.98 36.16 17.09
CA ARG B 329 -28.82 36.19 16.21
C ARG B 329 -29.18 36.77 14.85
N ILE B 330 -30.45 36.63 14.47
CA ILE B 330 -30.91 37.17 13.20
C ILE B 330 -30.85 38.69 13.28
N ALA B 331 -31.27 39.26 14.42
CA ALA B 331 -31.22 40.71 14.60
C ALA B 331 -29.79 41.19 14.39
N THR B 332 -28.83 40.48 14.96
CA THR B 332 -27.42 40.85 14.82
C THR B 332 -27.00 40.80 13.36
N ALA B 333 -27.38 39.73 12.65
CA ALA B 333 -27.03 39.61 11.24
C ALA B 333 -27.58 40.79 10.43
N ILE B 334 -28.81 41.18 10.73
CA ILE B 334 -29.46 42.29 10.04
C ILE B 334 -28.74 43.61 10.29
N GLU B 335 -28.44 43.87 11.56
CA GLU B 335 -27.75 45.09 11.96
C GLU B 335 -26.39 45.19 11.29
N LYS B 336 -25.67 44.06 11.23
CA LYS B 336 -24.35 44.02 10.64
C LYS B 336 -24.39 43.84 9.12
N LYS B 337 -25.58 43.65 8.56
CA LYS B 337 -25.74 43.47 7.12
C LYS B 337 -24.85 42.33 6.65
N ALA B 338 -24.96 41.18 7.32
CA ALA B 338 -24.14 40.02 7.01
C ALA B 338 -24.72 39.09 5.95
N ALA B 339 -26.03 39.11 5.77
CA ALA B 339 -26.68 38.23 4.79
C ALA B 339 -28.09 38.71 4.46
N ASP B 340 -28.78 37.98 3.59
CA ASP B 340 -30.15 38.35 3.26
C ASP B 340 -31.08 37.15 3.12
N ALA B 341 -30.72 36.05 3.79
CA ALA B 341 -31.54 34.85 3.75
C ALA B 341 -31.26 33.98 4.96
N LEU B 342 -32.31 33.41 5.54
CA LEU B 342 -32.20 32.55 6.70
C LEU B 342 -32.47 31.10 6.33
N LEU B 343 -31.64 30.19 6.81
CA LEU B 343 -31.90 28.77 6.58
C LEU B 343 -32.68 28.43 7.84
N LEU B 344 -33.95 28.09 7.67
CA LEU B 344 -34.82 27.79 8.80
C LEU B 344 -34.85 26.30 9.18
N LYS B 345 -34.35 26.01 10.36
CA LYS B 345 -34.30 24.65 10.90
C LYS B 345 -35.00 24.67 12.26
N VAL B 346 -36.20 24.09 12.33
CA VAL B 346 -36.95 24.09 13.58
C VAL B 346 -36.21 23.49 14.77
N ASN B 347 -35.37 22.48 14.54
CA ASN B 347 -34.66 21.88 15.66
C ASN B 347 -33.43 22.68 16.11
N GLN B 348 -33.15 23.80 15.46
CA GLN B 348 -32.01 24.64 15.86
C GLN B 348 -32.47 25.59 16.96
N ILE B 349 -33.77 25.82 17.05
CA ILE B 349 -34.32 26.72 18.05
C ILE B 349 -35.15 25.93 19.07
N GLY B 350 -35.84 24.89 18.62
CA GLY B 350 -36.61 24.07 19.53
C GLY B 350 -38.13 24.09 19.54
N THR B 351 -38.74 25.18 19.07
CA THR B 351 -40.19 25.28 19.03
C THR B 351 -40.66 25.83 17.69
N LEU B 352 -41.92 25.60 17.37
CA LEU B 352 -42.48 26.07 16.12
C LEU B 352 -42.69 27.58 16.16
N SER B 353 -43.17 28.08 17.29
CA SER B 353 -43.42 29.51 17.45
C SER B 353 -42.15 30.32 17.24
N GLU B 354 -41.06 29.87 17.84
CA GLU B 354 -39.79 30.59 17.70
C GLU B 354 -39.28 30.53 16.25
N SER B 355 -39.53 29.40 15.58
CA SER B 355 -39.12 29.22 14.19
C SER B 355 -39.92 30.16 13.30
N ILE B 356 -41.22 30.25 13.54
CA ILE B 356 -42.10 31.12 12.77
C ILE B 356 -41.62 32.55 12.99
N LYS B 357 -41.29 32.86 14.24
CA LYS B 357 -40.80 34.18 14.63
C LYS B 357 -39.52 34.52 13.85
N ALA B 358 -38.59 33.57 13.77
CA ALA B 358 -37.35 33.80 13.04
C ALA B 358 -37.65 34.12 11.56
N ALA B 359 -38.65 33.43 11.01
CA ALA B 359 -39.03 33.64 9.62
C ALA B 359 -39.67 35.00 9.41
N GLN B 360 -40.52 35.42 10.34
CA GLN B 360 -41.17 36.72 10.22
C GLN B 360 -40.16 37.86 10.36
N ASP B 361 -39.24 37.75 11.32
CA ASP B 361 -38.22 38.78 11.52
C ASP B 361 -37.37 38.89 10.25
N SER B 362 -37.10 37.74 9.62
CA SER B 362 -36.30 37.72 8.40
C SER B 362 -37.02 38.45 7.26
N PHE B 363 -38.27 38.04 7.00
CA PHE B 363 -39.06 38.67 5.93
C PHE B 363 -39.22 40.17 6.19
N ALA B 364 -39.40 40.54 7.47
CA ALA B 364 -39.58 41.93 7.83
C ALA B 364 -38.34 42.76 7.49
N ALA B 365 -37.18 42.11 7.44
CA ALA B 365 -35.95 42.80 7.13
C ALA B 365 -35.63 42.73 5.63
N GLY B 366 -36.58 42.21 4.85
CA GLY B 366 -36.38 42.08 3.42
C GLY B 366 -35.60 40.85 3.01
N TRP B 367 -35.41 39.94 3.98
CA TRP B 367 -34.68 38.69 3.75
C TRP B 367 -35.51 37.59 3.10
N GLY B 368 -34.83 36.59 2.59
CA GLY B 368 -35.52 35.45 2.02
C GLY B 368 -35.47 34.40 3.12
N VAL B 369 -36.18 33.30 2.95
CA VAL B 369 -36.16 32.25 3.96
C VAL B 369 -36.17 30.88 3.27
N MET B 370 -35.12 30.10 3.48
CA MET B 370 -35.07 28.77 2.89
C MET B 370 -35.29 27.75 4.00
N VAL B 371 -36.44 27.07 3.96
CA VAL B 371 -36.73 26.05 4.96
C VAL B 371 -35.81 24.88 4.67
N SER B 372 -35.28 24.28 5.74
CA SER B 372 -34.33 23.19 5.56
C SER B 372 -34.49 21.99 6.48
N HIS B 373 -34.01 20.85 5.99
CA HIS B 373 -34.01 19.61 6.75
C HIS B 373 -32.66 19.62 7.47
N ARG B 374 -32.29 18.48 8.06
CA ARG B 374 -30.98 18.32 8.71
C ARG B 374 -30.35 17.13 8.00
N SER B 375 -29.03 17.00 8.08
CA SER B 375 -28.36 15.88 7.42
C SER B 375 -28.95 14.54 7.88
N GLY B 376 -29.42 14.51 9.11
CA GLY B 376 -30.04 13.31 9.65
C GLY B 376 -31.53 13.56 9.65
N GLU B 377 -32.26 12.90 8.76
CA GLU B 377 -33.70 13.09 8.65
C GLU B 377 -34.52 11.85 9.00
N THR B 378 -35.84 11.94 8.85
CA THR B 378 -36.73 10.83 9.13
C THR B 378 -37.85 10.86 8.11
N GLU B 379 -38.79 9.94 8.28
CA GLU B 379 -39.94 9.84 7.39
C GLU B 379 -40.95 10.96 7.64
N ASP B 380 -40.67 11.80 8.63
CA ASP B 380 -41.54 12.94 8.97
C ASP B 380 -41.50 13.90 7.78
N THR B 381 -42.62 14.56 7.48
CA THR B 381 -42.67 15.48 6.33
C THR B 381 -43.11 16.89 6.69
N PHE B 382 -42.96 17.25 7.97
CA PHE B 382 -43.37 18.56 8.45
C PHE B 382 -42.87 19.77 7.65
N ILE B 383 -41.59 19.80 7.33
CA ILE B 383 -41.07 20.96 6.60
C ILE B 383 -41.69 21.19 5.23
N ALA B 384 -42.31 20.15 4.65
CA ALA B 384 -42.96 20.33 3.37
C ALA B 384 -44.14 21.25 3.61
N ASP B 385 -44.99 20.91 4.57
CA ASP B 385 -46.12 21.78 4.87
C ASP B 385 -45.65 23.13 5.40
N LEU B 386 -44.55 23.14 6.17
CA LEU B 386 -44.05 24.40 6.72
C LEU B 386 -43.61 25.38 5.64
N VAL B 387 -42.92 24.89 4.61
CA VAL B 387 -42.46 25.81 3.57
C VAL B 387 -43.59 26.40 2.74
N VAL B 388 -44.71 25.68 2.66
CA VAL B 388 -45.89 26.17 1.92
C VAL B 388 -46.66 27.14 2.83
N GLY B 389 -46.78 26.77 4.11
CA GLY B 389 -47.47 27.62 5.05
C GLY B 389 -46.79 28.97 5.22
N LEU B 390 -45.47 28.99 5.12
CA LEU B 390 -44.68 30.23 5.26
C LEU B 390 -44.48 30.94 3.92
N ARG B 391 -44.91 30.27 2.84
CA ARG B 391 -44.80 30.80 1.47
C ARG B 391 -43.43 31.36 1.14
N THR B 392 -42.36 30.67 1.54
CA THR B 392 -41.00 31.17 1.30
C THR B 392 -40.51 31.02 -0.14
N GLY B 393 -41.06 30.06 -0.87
CA GLY B 393 -40.65 29.86 -2.24
C GLY B 393 -39.37 29.06 -2.40
N GLN B 394 -38.78 28.61 -1.30
CA GLN B 394 -37.55 27.83 -1.39
C GLN B 394 -37.38 26.85 -0.23
N ILE B 395 -36.94 25.64 -0.58
CA ILE B 395 -36.71 24.62 0.42
C ILE B 395 -35.49 23.76 0.06
N LYS B 396 -34.80 23.31 1.09
CA LYS B 396 -33.63 22.45 0.95
C LYS B 396 -33.97 21.21 1.74
N THR B 397 -34.23 20.11 1.06
CA THR B 397 -34.56 18.88 1.75
C THR B 397 -33.91 17.63 1.14
N GLY B 398 -32.72 17.84 0.56
CA GLY B 398 -31.96 16.73 -0.01
C GLY B 398 -31.96 16.56 -1.51
N ALA B 399 -31.23 15.53 -1.93
CA ALA B 399 -31.14 15.16 -3.33
C ALA B 399 -32.40 14.35 -3.55
N PRO B 400 -32.75 14.06 -4.81
CA PRO B 400 -33.94 13.28 -5.11
C PRO B 400 -33.66 11.78 -4.96
N ALA B 401 -33.00 11.45 -3.86
CA ALA B 401 -32.64 10.08 -3.52
C ALA B 401 -32.69 9.93 -2.00
N ARG B 402 -33.11 8.75 -1.53
CA ARG B 402 -33.27 8.43 -0.11
C ARG B 402 -34.63 9.00 0.30
N SER B 403 -35.53 8.14 0.76
CA SER B 403 -36.87 8.60 1.10
C SER B 403 -37.07 9.56 2.27
N GLU B 404 -36.03 9.81 3.07
CA GLU B 404 -36.22 10.78 4.15
C GLU B 404 -36.20 12.12 3.41
N ARG B 405 -35.77 12.09 2.15
CA ARG B 405 -35.72 13.30 1.33
C ARG B 405 -36.98 13.31 0.46
N LEU B 406 -37.20 12.22 -0.28
CA LEU B 406 -38.37 12.12 -1.15
C LEU B 406 -39.69 12.26 -0.40
N ALA B 407 -39.72 11.87 0.87
CA ALA B 407 -40.96 11.99 1.64
C ALA B 407 -41.44 13.44 1.61
N LYS B 408 -40.53 14.39 1.81
CA LYS B 408 -40.91 15.81 1.77
C LYS B 408 -41.29 16.25 0.36
N LEU B 409 -40.47 15.88 -0.62
CA LEU B 409 -40.72 16.26 -2.01
C LEU B 409 -42.02 15.66 -2.54
N ASN B 410 -42.35 14.46 -2.08
CA ASN B 410 -43.58 13.82 -2.52
C ASN B 410 -44.74 14.57 -1.86
N GLN B 411 -44.55 14.95 -0.60
CA GLN B 411 -45.59 15.68 0.11
C GLN B 411 -45.88 17.00 -0.63
N LEU B 412 -44.84 17.65 -1.14
CA LEU B 412 -45.05 18.90 -1.89
C LEU B 412 -45.87 18.64 -3.15
N LEU B 413 -45.67 17.48 -3.78
CA LEU B 413 -46.45 17.15 -4.97
C LEU B 413 -47.92 17.04 -4.60
N ARG B 414 -48.21 16.39 -3.47
CA ARG B 414 -49.60 16.24 -3.05
C ARG B 414 -50.23 17.60 -2.70
N ILE B 415 -49.46 18.46 -2.05
CA ILE B 415 -49.97 19.78 -1.69
C ILE B 415 -50.25 20.58 -2.96
N GLU B 416 -49.32 20.55 -3.91
CA GLU B 416 -49.52 21.29 -5.15
C GLU B 416 -50.77 20.77 -5.85
N GLU B 417 -50.88 19.45 -5.96
CA GLU B 417 -52.03 18.83 -6.59
C GLU B 417 -53.32 19.30 -5.93
N GLU B 418 -53.34 19.26 -4.60
CA GLU B 418 -54.50 19.68 -3.83
C GLU B 418 -54.84 21.17 -3.97
N LEU B 419 -53.81 22.02 -4.02
CA LEU B 419 -54.04 23.45 -4.17
C LEU B 419 -54.64 23.84 -5.51
N GLY B 420 -54.35 23.04 -6.53
CA GLY B 420 -54.89 23.34 -7.86
C GLY B 420 -54.48 24.71 -8.35
N ASP B 421 -55.46 25.52 -8.72
CA ASP B 421 -55.20 26.87 -9.22
C ASP B 421 -55.01 27.90 -8.10
N ASN B 422 -55.11 27.43 -6.86
CA ASN B 422 -54.93 28.32 -5.71
C ASN B 422 -53.46 28.35 -5.32
N ALA B 423 -52.58 28.24 -6.32
CA ALA B 423 -51.14 28.25 -6.05
C ALA B 423 -50.25 28.65 -7.22
N VAL B 424 -49.06 29.12 -6.90
CA VAL B 424 -48.08 29.51 -7.91
C VAL B 424 -46.72 28.94 -7.52
N PHE B 425 -45.89 28.72 -8.53
CA PHE B 425 -44.55 28.18 -8.32
C PHE B 425 -43.56 29.36 -8.22
N ALA B 426 -42.77 29.40 -7.16
CA ALA B 426 -41.81 30.47 -6.94
C ALA B 426 -40.89 30.73 -8.14
N GLY B 427 -40.41 29.64 -8.75
CA GLY B 427 -39.52 29.76 -9.89
C GLY B 427 -38.34 30.69 -9.68
N GLU B 428 -38.14 31.60 -10.62
CA GLU B 428 -37.03 32.57 -10.58
C GLU B 428 -37.11 33.53 -9.40
N ASN B 429 -38.31 33.71 -8.86
CA ASN B 429 -38.52 34.64 -7.75
C ASN B 429 -38.45 33.99 -6.38
N PHE B 430 -37.77 32.85 -6.28
CA PHE B 430 -37.66 32.12 -5.03
C PHE B 430 -37.20 32.94 -3.83
N HIS B 431 -36.22 33.83 -4.02
CA HIS B 431 -35.70 34.65 -2.93
C HIS B 431 -36.82 35.38 -2.20
N HIS B 432 -37.72 35.99 -2.95
CA HIS B 432 -38.86 36.72 -2.38
C HIS B 432 -40.17 35.99 -2.55
N GLY B 433 -40.14 34.66 -2.46
CA GLY B 433 -41.34 33.88 -2.65
C GLY B 433 -42.54 34.39 -1.87
N ASP B 434 -42.31 34.92 -0.68
CA ASP B 434 -43.41 35.41 0.15
C ASP B 434 -44.12 36.63 -0.43
N LYS B 435 -43.44 37.36 -1.32
CA LYS B 435 -44.02 38.55 -1.94
C LYS B 435 -44.88 38.21 -3.15
N LEU B 436 -44.89 36.93 -3.48
CA LEU B 436 -45.67 36.44 -4.62
C LEU B 436 -47.14 36.29 -4.25
N ALA C 1 36.55 -26.52 24.04
CA ALA C 1 37.51 -25.66 24.70
C ALA C 1 38.43 -25.00 23.69
N VAL C 2 38.75 -23.73 23.90
CA VAL C 2 39.62 -23.01 22.98
C VAL C 2 41.06 -23.46 23.19
N SER C 3 41.65 -24.04 22.14
CA SER C 3 43.02 -24.53 22.21
C SER C 3 44.02 -23.55 21.62
N LYS C 4 43.54 -22.64 20.78
CA LYS C 4 44.45 -21.69 20.15
C LYS C 4 43.78 -20.41 19.67
N VAL C 5 44.46 -19.29 19.88
CA VAL C 5 43.98 -17.98 19.44
C VAL C 5 45.14 -17.39 18.67
N TYR C 6 44.92 -17.09 17.39
CA TYR C 6 45.97 -16.57 16.53
C TYR C 6 45.52 -15.40 15.68
N ALA C 7 46.39 -14.42 15.49
CA ALA C 7 46.09 -13.26 14.67
C ALA C 7 47.13 -13.07 13.58
N ARG C 8 46.70 -12.48 12.47
CA ARG C 8 47.58 -12.23 11.34
C ARG C 8 47.09 -10.99 10.60
N SER C 9 47.99 -10.47 9.76
CA SER C 9 47.68 -9.31 8.94
C SER C 9 47.10 -9.78 7.61
N VAL C 10 46.04 -9.10 7.18
CA VAL C 10 45.42 -9.38 5.89
C VAL C 10 45.12 -8.00 5.32
N TYR C 11 44.60 -7.95 4.10
CA TYR C 11 44.30 -6.66 3.47
C TYR C 11 42.80 -6.42 3.32
N ASP C 12 42.38 -5.18 3.55
CA ASP C 12 40.97 -4.85 3.40
C ASP C 12 40.72 -4.39 1.96
N SER C 13 39.48 -3.98 1.67
CA SER C 13 39.08 -3.57 0.34
C SER C 13 39.77 -2.35 -0.28
N ARG C 14 40.47 -1.60 0.54
CA ARG C 14 41.19 -0.43 0.05
C ARG C 14 42.66 -0.76 -0.12
N GLY C 15 43.03 -1.98 0.22
CA GLY C 15 44.43 -2.37 0.10
C GLY C 15 45.23 -1.99 1.34
N ASN C 16 44.54 -1.77 2.45
CA ASN C 16 45.22 -1.45 3.72
C ASN C 16 45.16 -2.67 4.63
N PRO C 17 46.20 -2.90 5.42
CA PRO C 17 46.29 -4.02 6.36
C PRO C 17 45.22 -3.92 7.43
N THR C 18 44.74 -5.07 7.90
CA THR C 18 43.78 -5.11 8.97
C THR C 18 44.04 -6.42 9.70
N VAL C 19 43.40 -6.58 10.86
CA VAL C 19 43.59 -7.77 11.69
C VAL C 19 42.62 -8.90 11.41
N GLU C 20 43.15 -10.12 11.31
CA GLU C 20 42.34 -11.31 11.11
C GLU C 20 42.68 -12.26 12.27
N VAL C 21 41.65 -12.76 12.94
CA VAL C 21 41.83 -13.67 14.07
C VAL C 21 41.23 -15.06 13.84
N GLU C 22 41.98 -16.09 14.23
CA GLU C 22 41.54 -17.47 14.11
C GLU C 22 41.55 -18.09 15.49
N LEU C 23 40.43 -18.68 15.87
CA LEU C 23 40.28 -19.32 17.16
C LEU C 23 39.97 -20.79 16.86
N THR C 24 40.72 -21.67 17.50
CA THR C 24 40.59 -23.10 17.30
C THR C 24 39.97 -23.81 18.49
N THR C 25 38.99 -24.68 18.21
CA THR C 25 38.31 -25.46 19.25
C THR C 25 38.19 -26.86 18.68
N GLU C 26 37.49 -27.74 19.40
CA GLU C 26 37.31 -29.11 18.94
C GLU C 26 36.42 -29.15 17.69
N LYS C 27 35.82 -28.02 17.35
CA LYS C 27 34.94 -27.97 16.17
C LYS C 27 35.65 -27.44 14.93
N GLY C 28 36.88 -26.94 15.11
CA GLY C 28 37.63 -26.43 13.97
C GLY C 28 38.27 -25.08 14.20
N VAL C 29 38.59 -24.40 13.10
CA VAL C 29 39.22 -23.09 13.16
C VAL C 29 38.17 -22.08 12.71
N PHE C 30 37.99 -21.03 13.50
CA PHE C 30 37.01 -20.00 13.19
C PHE C 30 37.68 -18.66 12.99
N ARG C 31 37.41 -18.05 11.84
CA ARG C 31 38.00 -16.79 11.45
C ARG C 31 37.06 -15.59 11.40
N SER C 32 37.59 -14.45 11.80
CA SER C 32 36.87 -13.18 11.78
C SER C 32 37.89 -12.10 11.43
N ILE C 33 37.47 -11.16 10.60
CA ILE C 33 38.33 -10.08 10.16
C ILE C 33 37.74 -8.74 10.61
N VAL C 34 38.60 -7.82 11.01
CA VAL C 34 38.16 -6.52 11.48
C VAL C 34 38.08 -5.50 10.34
N PRO C 35 36.92 -4.84 10.20
CA PRO C 35 36.76 -3.84 9.13
C PRO C 35 37.44 -2.55 9.58
N SER C 36 37.48 -1.55 8.70
CA SER C 36 38.12 -0.28 9.05
C SER C 36 37.47 0.92 8.38
N GLY C 37 37.10 1.92 9.19
CA GLY C 37 36.48 3.11 8.64
C GLY C 37 37.53 4.15 8.26
N ALA C 38 37.08 5.23 7.63
CA ALA C 38 37.96 6.33 7.22
C ALA C 38 37.38 7.60 7.84
N ALA C 39 38.24 8.49 8.33
CA ALA C 39 37.81 9.73 8.98
C ALA C 39 36.80 9.34 10.05
N THR C 40 37.13 8.25 10.75
CA THR C 40 36.31 7.69 11.80
C THR C 40 35.91 8.72 12.87
N GLY C 41 34.81 8.43 13.56
CA GLY C 41 34.35 9.33 14.60
C GLY C 41 35.37 9.48 15.72
N VAL C 42 35.49 10.68 16.26
CA VAL C 42 36.45 10.94 17.32
C VAL C 42 36.20 10.13 18.59
N HIS C 43 34.96 9.65 18.75
CA HIS C 43 34.61 8.87 19.94
C HIS C 43 34.67 7.35 19.74
N GLU C 44 35.13 6.91 18.58
CA GLU C 44 35.21 5.47 18.28
C GLU C 44 36.33 4.78 19.08
N ALA C 45 36.13 3.50 19.38
CA ALA C 45 37.15 2.74 20.10
C ALA C 45 38.40 2.83 19.23
N LEU C 46 39.58 2.72 19.84
CA LEU C 46 40.83 2.84 19.11
C LEU C 46 41.22 1.77 18.12
N GLU C 47 41.47 2.20 16.89
CA GLU C 47 41.95 1.32 15.82
C GLU C 47 43.44 1.63 15.86
N MET C 48 44.23 0.68 16.33
CA MET C 48 45.67 0.87 16.43
C MET C 48 46.42 0.59 15.14
N ARG C 49 47.21 1.58 14.71
CA ARG C 49 48.02 1.53 13.50
C ARG C 49 49.50 1.66 13.89
N ASP C 50 50.38 1.05 13.11
CA ASP C 50 51.81 1.10 13.43
C ASP C 50 52.50 2.45 13.26
N GLY C 51 52.14 3.19 12.22
CA GLY C 51 52.76 4.48 12.00
C GLY C 51 54.19 4.39 11.51
N ASP C 52 54.54 3.26 10.89
CA ASP C 52 55.89 3.05 10.35
C ASP C 52 55.82 3.47 8.87
N LYS C 53 56.33 4.66 8.56
CA LYS C 53 56.28 5.17 7.19
C LYS C 53 56.93 4.25 6.15
N SER C 54 57.88 3.42 6.60
CA SER C 54 58.57 2.51 5.69
C SER C 54 57.80 1.21 5.44
N LYS C 55 56.60 1.12 6.00
CA LYS C 55 55.77 -0.06 5.80
C LYS C 55 54.29 0.29 5.73
N TRP C 56 53.66 -0.12 4.63
CA TRP C 56 52.24 0.11 4.41
C TRP C 56 51.81 1.57 4.55
N MET C 57 52.62 2.50 4.03
CA MET C 57 52.29 3.92 4.12
C MET C 57 52.08 4.30 5.58
N GLY C 58 52.55 3.44 6.49
CA GLY C 58 52.40 3.71 7.90
C GLY C 58 51.09 3.19 8.50
N LYS C 59 50.36 2.40 7.74
CA LYS C 59 49.08 1.86 8.20
C LYS C 59 49.10 0.38 8.64
N GLY C 60 50.27 -0.10 9.04
CA GLY C 60 50.37 -1.49 9.48
C GLY C 60 49.63 -1.74 10.79
N VAL C 61 49.26 -2.99 11.04
CA VAL C 61 48.56 -3.36 12.27
C VAL C 61 49.36 -4.41 13.02
N LEU C 62 50.68 -4.37 12.88
CA LEU C 62 51.55 -5.33 13.55
C LEU C 62 51.44 -5.23 15.07
N HIS C 63 51.28 -4.01 15.57
CA HIS C 63 51.15 -3.81 17.02
C HIS C 63 49.88 -4.48 17.53
N ALA C 64 48.78 -4.28 16.82
CA ALA C 64 47.51 -4.88 17.23
C ALA C 64 47.61 -6.40 17.17
N VAL C 65 48.19 -6.92 16.09
CA VAL C 65 48.36 -8.36 15.92
C VAL C 65 49.21 -8.94 17.03
N LYS C 66 50.27 -8.25 17.40
CA LYS C 66 51.15 -8.71 18.46
C LYS C 66 50.37 -8.76 19.77
N ASN C 67 49.52 -7.76 20.00
CA ASN C 67 48.70 -7.71 21.20
C ASN C 67 47.85 -8.98 21.31
N VAL C 68 47.30 -9.43 20.19
CA VAL C 68 46.50 -10.65 20.20
C VAL C 68 47.40 -11.86 20.47
N ASN C 69 48.46 -12.01 19.68
CA ASN C 69 49.35 -13.16 19.85
C ASN C 69 50.14 -13.23 21.15
N ASP C 70 50.67 -12.10 21.61
CA ASP C 70 51.47 -12.09 22.83
C ASP C 70 50.74 -11.78 24.12
N VAL C 71 49.59 -11.13 24.03
CA VAL C 71 48.84 -10.77 25.22
C VAL C 71 47.52 -11.51 25.35
N ILE C 72 46.57 -11.21 24.48
CA ILE C 72 45.26 -11.85 24.56
C ILE C 72 45.30 -13.38 24.47
N ALA C 73 45.97 -13.92 23.45
CA ALA C 73 46.02 -15.36 23.24
C ALA C 73 46.41 -16.25 24.45
N PRO C 74 47.62 -16.07 24.99
CA PRO C 74 47.99 -16.92 26.14
C PRO C 74 47.02 -16.83 27.31
N ALA C 75 46.60 -15.62 27.67
CA ALA C 75 45.68 -15.43 28.78
C ALA C 75 44.31 -16.02 28.48
N PHE C 76 43.87 -15.91 27.23
CA PHE C 76 42.56 -16.42 26.83
C PHE C 76 42.50 -17.95 26.88
N VAL C 77 43.52 -18.61 26.33
CA VAL C 77 43.56 -20.08 26.32
C VAL C 77 43.67 -20.61 27.75
N LYS C 78 44.46 -19.93 28.57
CA LYS C 78 44.66 -20.35 29.96
C LYS C 78 43.34 -20.21 30.75
N ALA C 79 42.60 -19.14 30.48
CA ALA C 79 41.33 -18.89 31.17
C ALA C 79 40.27 -19.96 30.91
N ASN C 80 40.43 -20.72 29.82
CA ASN C 80 39.48 -21.78 29.48
C ASN C 80 38.05 -21.26 29.56
N ILE C 81 37.72 -20.31 28.72
CA ILE C 81 36.40 -19.68 28.69
C ILE C 81 35.40 -20.47 27.84
N ASP C 82 34.12 -20.34 28.17
CA ASP C 82 33.06 -21.01 27.42
C ASP C 82 32.64 -20.04 26.30
N VAL C 83 33.01 -20.36 25.06
CA VAL C 83 32.69 -19.51 23.92
C VAL C 83 31.20 -19.19 23.77
N LYS C 84 30.33 -20.07 24.24
CA LYS C 84 28.89 -19.85 24.15
C LYS C 84 28.44 -18.70 25.06
N ASP C 85 29.25 -18.41 26.07
CA ASP C 85 28.95 -17.32 27.00
C ASP C 85 29.66 -16.09 26.44
N GLN C 86 29.03 -15.45 25.46
CA GLN C 86 29.63 -14.28 24.83
C GLN C 86 30.01 -13.19 25.83
N LYS C 87 29.12 -12.93 26.79
CA LYS C 87 29.40 -11.91 27.80
C LYS C 87 30.66 -12.19 28.60
N ALA C 88 30.89 -13.47 28.91
CA ALA C 88 32.09 -13.83 29.65
C ALA C 88 33.31 -13.64 28.73
N VAL C 89 33.14 -13.94 27.45
CA VAL C 89 34.24 -13.78 26.49
C VAL C 89 34.64 -12.31 26.45
N ASP C 90 33.67 -11.44 26.23
CA ASP C 90 33.93 -10.03 26.16
C ASP C 90 34.36 -9.36 27.47
N ASP C 91 33.83 -9.84 28.60
CA ASP C 91 34.23 -9.28 29.90
C ASP C 91 35.72 -9.55 30.11
N PHE C 92 36.17 -10.75 29.74
CA PHE C 92 37.58 -11.12 29.89
C PHE C 92 38.43 -10.20 29.00
N LEU C 93 38.02 -10.05 27.75
CA LEU C 93 38.73 -9.18 26.81
C LEU C 93 38.74 -7.73 27.29
N ILE C 94 37.57 -7.20 27.62
CA ILE C 94 37.46 -5.83 28.09
C ILE C 94 38.33 -5.60 29.32
N SER C 95 38.36 -6.58 30.23
CA SER C 95 39.15 -6.47 31.45
C SER C 95 40.65 -6.55 31.20
N LEU C 96 41.04 -7.32 30.19
CA LEU C 96 42.44 -7.45 29.86
C LEU C 96 42.96 -6.11 29.36
N ASP C 97 42.13 -5.38 28.62
CA ASP C 97 42.52 -4.07 28.09
C ASP C 97 42.49 -3.03 29.22
N GLY C 98 41.46 -3.07 30.06
CA GLY C 98 41.37 -2.17 31.19
C GLY C 98 41.18 -0.68 30.92
N THR C 99 40.97 -0.30 29.68
CA THR C 99 40.78 1.11 29.36
C THR C 99 39.39 1.35 28.79
N ALA C 100 38.95 2.59 28.85
CA ALA C 100 37.63 2.98 28.37
C ALA C 100 37.45 2.84 26.86
N ASN C 101 38.46 3.28 26.11
CA ASN C 101 38.39 3.22 24.65
C ASN C 101 39.24 2.13 24.02
N LYS C 102 39.65 1.15 24.81
CA LYS C 102 40.49 0.06 24.33
C LYS C 102 41.76 0.60 23.69
N SER C 103 42.37 1.56 24.38
CA SER C 103 43.58 2.21 23.91
C SER C 103 44.85 1.46 24.30
N LYS C 104 44.72 0.43 25.14
CA LYS C 104 45.89 -0.34 25.55
C LYS C 104 46.19 -1.44 24.54
N LEU C 105 45.18 -2.25 24.21
CA LEU C 105 45.36 -3.35 23.28
C LEU C 105 44.83 -3.01 21.89
N GLY C 106 43.91 -2.06 21.82
CA GLY C 106 43.34 -1.68 20.55
C GLY C 106 42.08 -2.45 20.26
N ALA C 107 41.08 -1.78 19.69
CA ALA C 107 39.81 -2.40 19.36
C ALA C 107 39.95 -3.35 18.18
N ASN C 108 40.94 -3.10 17.32
CA ASN C 108 41.13 -3.99 16.17
C ASN C 108 41.86 -5.27 16.58
N ALA C 109 42.23 -5.36 17.86
CA ALA C 109 42.88 -6.55 18.40
C ALA C 109 41.81 -7.37 19.12
N ILE C 110 40.98 -6.67 19.89
CA ILE C 110 39.93 -7.31 20.67
C ILE C 110 38.75 -7.86 19.85
N LEU C 111 38.21 -7.04 18.95
CA LEU C 111 37.08 -7.43 18.13
C LEU C 111 37.23 -8.79 17.44
N GLY C 112 38.36 -9.02 16.78
CA GLY C 112 38.59 -10.29 16.10
C GLY C 112 38.36 -11.52 16.99
N VAL C 113 38.85 -11.45 18.23
CA VAL C 113 38.68 -12.55 19.17
C VAL C 113 37.21 -12.67 19.55
N SER C 114 36.61 -11.53 19.85
CA SER C 114 35.20 -11.48 20.23
C SER C 114 34.32 -12.09 19.16
N LEU C 115 34.53 -11.69 17.90
CA LEU C 115 33.71 -12.22 16.81
C LEU C 115 33.98 -13.69 16.54
N ALA C 116 35.24 -14.09 16.55
CA ALA C 116 35.63 -15.48 16.31
C ALA C 116 35.00 -16.44 17.31
N ALA C 117 34.89 -16.00 18.56
CA ALA C 117 34.31 -16.85 19.61
C ALA C 117 32.84 -17.13 19.33
N SER C 118 32.12 -16.13 18.79
CA SER C 118 30.71 -16.31 18.51
C SER C 118 30.50 -17.31 17.38
N ARG C 119 31.45 -17.36 16.44
CA ARG C 119 31.35 -18.30 15.33
C ARG C 119 31.65 -19.71 15.88
N ALA C 120 32.62 -19.80 16.78
CA ALA C 120 32.96 -21.09 17.36
C ALA C 120 31.77 -21.60 18.19
N ALA C 121 31.15 -20.70 18.93
CA ALA C 121 30.00 -21.04 19.77
C ALA C 121 28.83 -21.56 18.95
N ALA C 122 28.62 -20.97 17.78
CA ALA C 122 27.53 -21.39 16.91
C ALA C 122 27.77 -22.83 16.43
N ALA C 123 29.03 -23.16 16.14
CA ALA C 123 29.38 -24.48 15.68
C ALA C 123 29.19 -25.49 16.80
N GLU C 124 29.57 -25.11 18.01
CA GLU C 124 29.43 -25.98 19.15
C GLU C 124 27.97 -26.34 19.35
N LYS C 125 27.10 -25.37 19.18
CA LYS C 125 25.66 -25.55 19.35
C LYS C 125 24.98 -26.15 18.11
N ASN C 126 25.75 -26.32 17.05
CA ASN C 126 25.23 -26.88 15.80
C ASN C 126 24.07 -26.05 15.23
N VAL C 127 24.24 -24.74 15.21
CA VAL C 127 23.22 -23.84 14.67
C VAL C 127 23.91 -22.79 13.79
N PRO C 128 23.18 -22.27 12.79
CA PRO C 128 23.79 -21.25 11.93
C PRO C 128 24.16 -20.03 12.77
N LEU C 129 25.13 -19.25 12.32
CA LEU C 129 25.57 -18.07 13.07
C LEU C 129 24.43 -17.11 13.41
N TYR C 130 23.60 -16.76 12.42
CA TYR C 130 22.50 -15.83 12.68
C TYR C 130 21.58 -16.31 13.80
N LYS C 131 21.47 -17.64 13.94
CA LYS C 131 20.65 -18.24 14.98
C LYS C 131 21.30 -18.03 16.34
N HIS C 132 22.59 -18.33 16.43
CA HIS C 132 23.29 -18.12 17.68
C HIS C 132 23.23 -16.65 18.07
N LEU C 133 23.37 -15.76 17.08
CA LEU C 133 23.32 -14.33 17.34
C LEU C 133 21.94 -13.92 17.83
N ALA C 134 20.90 -14.58 17.33
CA ALA C 134 19.55 -14.27 17.79
C ALA C 134 19.47 -14.72 19.25
N ASP C 135 20.06 -15.87 19.58
CA ASP C 135 20.04 -16.36 20.96
C ASP C 135 20.73 -15.40 21.92
N LEU C 136 21.92 -14.92 21.54
CA LEU C 136 22.68 -14.01 22.39
C LEU C 136 21.95 -12.71 22.67
N SER C 137 21.18 -12.23 21.70
CA SER C 137 20.47 -10.97 21.85
C SER C 137 19.03 -11.17 22.26
N LYS C 138 18.63 -12.43 22.44
CA LYS C 138 17.27 -12.77 22.82
C LYS C 138 16.25 -12.22 21.85
N SER C 139 16.53 -12.34 20.55
CA SER C 139 15.62 -11.85 19.52
C SER C 139 14.70 -12.98 19.04
N LYS C 140 13.49 -12.61 18.64
CA LYS C 140 12.51 -13.56 18.14
C LYS C 140 12.93 -14.12 16.79
N THR C 141 12.63 -15.39 16.56
CA THR C 141 12.98 -16.05 15.31
C THR C 141 11.74 -16.70 14.68
N SER C 142 10.57 -16.34 15.21
CA SER C 142 9.31 -16.89 14.71
C SER C 142 8.39 -15.78 14.19
N PRO C 143 8.67 -15.25 13.00
CA PRO C 143 9.80 -15.66 12.15
C PRO C 143 10.96 -14.67 12.23
N TYR C 144 11.99 -14.93 11.43
CA TYR C 144 13.14 -14.06 11.36
C TYR C 144 12.70 -12.90 10.46
N VAL C 145 13.40 -11.78 10.56
CA VAL C 145 13.08 -10.62 9.72
C VAL C 145 14.31 -10.35 8.84
N LEU C 146 14.12 -10.42 7.53
CA LEU C 146 15.20 -10.15 6.57
C LEU C 146 15.22 -8.63 6.37
N PRO C 147 16.43 -8.06 6.33
CA PRO C 147 16.61 -6.61 6.17
C PRO C 147 16.46 -5.99 4.79
N VAL C 148 16.01 -4.75 4.78
CA VAL C 148 15.91 -4.02 3.52
C VAL C 148 17.35 -3.53 3.33
N PRO C 149 17.93 -3.76 2.15
CA PRO C 149 19.31 -3.32 1.92
C PRO C 149 19.40 -1.87 1.47
N PHE C 150 20.18 -1.05 2.18
CA PHE C 150 20.39 0.35 1.83
C PHE C 150 21.71 0.42 1.04
N LEU C 151 21.59 0.50 -0.28
CA LEU C 151 22.72 0.52 -1.19
C LEU C 151 23.28 1.91 -1.55
N ASN C 152 24.55 2.15 -1.19
CA ASN C 152 25.21 3.43 -1.48
C ASN C 152 25.69 3.46 -2.93
N VAL C 153 24.75 3.74 -3.84
CA VAL C 153 25.01 3.75 -5.28
C VAL C 153 25.66 5.00 -5.84
N LEU C 154 25.72 6.06 -5.07
CA LEU C 154 26.33 7.30 -5.54
C LEU C 154 27.08 7.97 -4.39
N ASN C 155 28.38 8.15 -4.57
CA ASN C 155 29.24 8.72 -3.54
C ASN C 155 29.58 10.18 -3.75
N GLY C 156 29.62 10.92 -2.64
CA GLY C 156 29.96 12.33 -2.69
C GLY C 156 30.84 12.69 -1.51
N GLY C 157 30.90 13.97 -1.18
CA GLY C 157 31.73 14.40 -0.07
C GLY C 157 33.18 14.01 -0.23
N SER C 158 33.80 13.56 0.85
CA SER C 158 35.19 13.14 0.81
C SER C 158 35.39 11.96 -0.13
N HIS C 159 34.29 11.31 -0.49
CA HIS C 159 34.34 10.15 -1.39
C HIS C 159 34.12 10.53 -2.85
N ALA C 160 34.30 11.81 -3.17
CA ALA C 160 34.12 12.29 -4.54
C ALA C 160 35.04 13.46 -4.86
N GLY C 161 34.83 14.10 -6.01
CA GLY C 161 35.65 15.22 -6.40
C GLY C 161 34.85 16.47 -6.73
N GLY C 162 33.56 16.31 -6.98
CA GLY C 162 32.73 17.45 -7.28
C GLY C 162 32.55 18.34 -6.07
N ALA C 163 31.51 19.17 -6.10
CA ALA C 163 31.23 20.07 -4.98
C ALA C 163 30.31 19.39 -3.97
N LEU C 164 29.68 18.28 -4.40
CA LEU C 164 28.76 17.54 -3.54
C LEU C 164 29.33 17.32 -2.14
N ALA C 165 28.67 17.92 -1.16
CA ALA C 165 29.09 17.81 0.23
C ALA C 165 28.61 16.51 0.90
N LEU C 166 27.39 16.08 0.59
CA LEU C 166 26.85 14.86 1.18
C LEU C 166 27.68 13.65 0.75
N GLN C 167 27.98 12.77 1.71
CA GLN C 167 28.83 11.60 1.48
C GLN C 167 28.18 10.38 0.82
N GLU C 168 27.00 9.97 1.29
CA GLU C 168 26.33 8.78 0.74
C GLU C 168 24.90 8.99 0.27
N PHE C 169 24.61 8.48 -0.93
CA PHE C 169 23.29 8.55 -1.54
C PHE C 169 22.88 7.11 -1.82
N MET C 170 21.96 6.59 -1.00
CA MET C 170 21.49 5.22 -1.08
C MET C 170 20.06 5.01 -1.59
N ILE C 171 19.82 3.83 -2.16
CA ILE C 171 18.50 3.46 -2.63
C ILE C 171 18.10 2.29 -1.74
N ALA C 172 16.84 2.26 -1.31
CA ALA C 172 16.34 1.18 -0.46
C ALA C 172 15.06 0.61 -1.05
N PRO C 173 15.13 -0.63 -1.57
CA PRO C 173 13.97 -1.31 -2.18
C PRO C 173 12.93 -1.76 -1.17
N THR C 174 12.32 -0.81 -0.46
CA THR C 174 11.31 -1.14 0.54
C THR C 174 10.04 -1.74 -0.08
N GLY C 175 9.88 -1.56 -1.39
CA GLY C 175 8.71 -2.07 -2.09
C GLY C 175 8.78 -3.53 -2.47
N ALA C 176 9.97 -4.11 -2.31
CA ALA C 176 10.20 -5.52 -2.63
C ALA C 176 9.41 -6.42 -1.67
N LYS C 177 9.17 -7.65 -2.08
CA LYS C 177 8.43 -8.62 -1.26
C LYS C 177 9.35 -9.66 -0.62
N THR C 178 10.59 -9.71 -1.12
CA THR C 178 11.59 -10.65 -0.60
C THR C 178 12.95 -9.97 -0.71
N PHE C 179 13.93 -10.47 0.04
CA PHE C 179 15.26 -9.90 -0.04
C PHE C 179 15.82 -10.13 -1.44
N ALA C 180 15.56 -11.31 -1.99
CA ALA C 180 16.05 -11.65 -3.32
C ALA C 180 15.55 -10.66 -4.37
N GLU C 181 14.27 -10.29 -4.28
CA GLU C 181 13.69 -9.34 -5.23
C GLU C 181 14.31 -7.96 -4.99
N ALA C 182 14.44 -7.60 -3.72
CA ALA C 182 15.03 -6.31 -3.36
C ALA C 182 16.43 -6.16 -3.95
N LEU C 183 17.24 -7.20 -3.79
CA LEU C 183 18.60 -7.16 -4.32
C LEU C 183 18.60 -7.08 -5.84
N ARG C 184 17.70 -7.80 -6.50
CA ARG C 184 17.63 -7.73 -7.96
C ARG C 184 17.28 -6.31 -8.38
N ILE C 185 16.31 -5.71 -7.68
CA ILE C 185 15.87 -4.35 -7.98
C ILE C 185 17.03 -3.36 -7.81
N GLY C 186 17.74 -3.48 -6.70
CA GLY C 186 18.85 -2.60 -6.43
C GLY C 186 19.90 -2.68 -7.52
N SER C 187 20.26 -3.90 -7.93
CA SER C 187 21.26 -4.08 -8.97
C SER C 187 20.81 -3.46 -10.28
N GLU C 188 19.54 -3.61 -10.62
CA GLU C 188 19.04 -3.05 -11.86
C GLU C 188 19.08 -1.52 -11.84
N VAL C 189 18.66 -0.93 -10.73
CA VAL C 189 18.71 0.51 -10.61
C VAL C 189 20.17 0.95 -10.75
N TYR C 190 21.07 0.19 -10.11
CA TYR C 190 22.50 0.48 -10.15
C TYR C 190 23.08 0.51 -11.56
N HIS C 191 22.78 -0.52 -12.35
CA HIS C 191 23.30 -0.59 -13.72
C HIS C 191 22.72 0.54 -14.58
N ASN C 192 21.48 0.93 -14.32
CA ASN C 192 20.85 2.01 -15.06
C ASN C 192 21.54 3.32 -14.70
N LEU C 193 21.79 3.52 -13.40
CA LEU C 193 22.46 4.71 -12.91
C LEU C 193 23.85 4.81 -13.50
N LYS C 194 24.53 3.67 -13.57
CA LYS C 194 25.88 3.61 -14.12
C LYS C 194 25.86 4.02 -15.59
N SER C 195 24.90 3.49 -16.35
CA SER C 195 24.79 3.82 -17.77
C SER C 195 24.50 5.31 -17.95
N LEU C 196 23.62 5.86 -17.12
CA LEU C 196 23.25 7.27 -17.19
C LEU C 196 24.41 8.18 -16.77
N THR C 197 25.10 7.79 -15.71
CA THR C 197 26.22 8.57 -15.20
C THR C 197 27.32 8.68 -16.24
N LYS C 198 27.58 7.59 -16.96
CA LYS C 198 28.61 7.60 -18.00
C LYS C 198 28.22 8.50 -19.16
N LYS C 199 26.94 8.54 -19.49
CA LYS C 199 26.48 9.38 -20.60
C LYS C 199 26.54 10.86 -20.27
N ARG C 200 26.23 11.18 -19.02
CA ARG C 200 26.20 12.58 -18.57
C ARG C 200 27.52 13.14 -18.04
N TYR C 201 28.36 12.28 -17.48
CA TYR C 201 29.63 12.74 -16.92
C TYR C 201 30.85 12.12 -17.58
N GLY C 202 30.63 11.11 -18.42
CA GLY C 202 31.74 10.46 -19.10
C GLY C 202 32.09 9.12 -18.48
N ALA C 203 32.97 8.39 -19.16
CA ALA C 203 33.40 7.07 -18.70
C ALA C 203 34.16 7.16 -17.39
N SER C 204 34.86 8.28 -17.20
CA SER C 204 35.65 8.51 -15.99
C SER C 204 34.77 8.38 -14.76
N ALA C 205 33.63 9.06 -14.79
CA ALA C 205 32.68 9.03 -13.68
C ALA C 205 32.13 7.62 -13.45
N GLY C 206 32.15 6.81 -14.50
CA GLY C 206 31.66 5.45 -14.39
C GLY C 206 32.37 4.66 -13.32
N ASN C 207 33.66 4.95 -13.10
CA ASN C 207 34.43 4.23 -12.09
C ASN C 207 33.75 4.34 -10.72
N VAL C 208 34.08 3.42 -9.82
CA VAL C 208 33.45 3.38 -8.51
C VAL C 208 34.30 3.84 -7.31
N GLY C 209 33.60 4.27 -6.27
CA GLY C 209 34.27 4.70 -5.05
C GLY C 209 34.51 3.49 -4.15
N ASP C 210 35.06 3.73 -2.97
CA ASP C 210 35.37 2.67 -2.00
C ASP C 210 34.24 1.69 -1.72
N GLU C 211 33.01 2.19 -1.76
CA GLU C 211 31.86 1.34 -1.48
C GLU C 211 31.12 0.82 -2.70
N GLY C 212 31.70 1.05 -3.87
CA GLY C 212 31.09 0.55 -5.11
C GLY C 212 30.16 1.48 -5.86
N GLY C 213 29.82 2.62 -5.27
CA GLY C 213 28.93 3.54 -5.96
C GLY C 213 29.67 4.38 -6.99
N VAL C 214 28.91 5.04 -7.87
CA VAL C 214 29.52 5.90 -8.88
C VAL C 214 29.90 7.19 -8.16
N ALA C 215 30.89 7.89 -8.69
CA ALA C 215 31.34 9.11 -8.06
C ALA C 215 31.66 10.21 -9.06
N PRO C 216 30.64 10.71 -9.78
CA PRO C 216 30.85 11.78 -10.76
C PRO C 216 30.98 13.13 -10.07
N ASN C 217 31.56 14.11 -10.76
CA ASN C 217 31.72 15.45 -10.20
C ASN C 217 30.41 16.22 -10.27
N ILE C 218 29.63 16.13 -9.19
CA ILE C 218 28.35 16.82 -9.10
C ILE C 218 28.45 17.96 -8.10
N GLN C 219 27.77 19.07 -8.40
CA GLN C 219 27.83 20.25 -7.53
C GLN C 219 26.82 20.26 -6.39
N THR C 220 25.59 19.82 -6.65
CA THR C 220 24.56 19.84 -5.60
C THR C 220 23.86 18.52 -5.35
N ALA C 221 23.26 18.39 -4.17
CA ALA C 221 22.54 17.19 -3.79
C ALA C 221 21.36 16.93 -4.75
N GLU C 222 20.64 17.99 -5.09
CA GLU C 222 19.50 17.88 -5.99
C GLU C 222 19.92 17.20 -7.29
N GLU C 223 21.09 17.58 -7.80
CA GLU C 223 21.61 17.01 -9.03
C GLU C 223 21.86 15.51 -8.88
N ALA C 224 22.44 15.11 -7.74
CA ALA C 224 22.71 13.70 -7.47
C ALA C 224 21.39 12.95 -7.33
N LEU C 225 20.52 13.48 -6.48
CA LEU C 225 19.22 12.88 -6.23
C LEU C 225 18.36 12.77 -7.49
N ASP C 226 18.46 13.77 -8.37
CA ASP C 226 17.68 13.72 -9.60
C ASP C 226 18.21 12.59 -10.47
N LEU C 227 19.52 12.35 -10.39
CA LEU C 227 20.15 11.28 -11.17
C LEU C 227 19.62 9.94 -10.68
N ILE C 228 19.54 9.79 -9.37
CA ILE C 228 19.05 8.56 -8.74
C ILE C 228 17.61 8.28 -9.15
N VAL C 229 16.77 9.31 -9.14
CA VAL C 229 15.36 9.16 -9.50
C VAL C 229 15.24 8.68 -10.95
N ASP C 230 16.05 9.23 -11.84
CA ASP C 230 16.01 8.83 -13.25
C ASP C 230 16.38 7.37 -13.39
N ALA C 231 17.39 6.95 -12.64
CA ALA C 231 17.85 5.56 -12.68
C ALA C 231 16.72 4.64 -12.22
N ILE C 232 16.08 5.01 -11.13
CA ILE C 232 14.97 4.24 -10.58
C ILE C 232 13.86 4.13 -11.61
N LYS C 233 13.56 5.24 -12.28
CA LYS C 233 12.52 5.24 -13.30
C LYS C 233 12.89 4.37 -14.48
N ALA C 234 14.12 4.54 -14.98
CA ALA C 234 14.59 3.77 -16.11
C ALA C 234 14.54 2.27 -15.82
N ALA C 235 14.83 1.92 -14.58
CA ALA C 235 14.82 0.51 -14.17
C ALA C 235 13.39 0.02 -13.99
N GLY C 236 12.44 0.94 -14.13
CA GLY C 236 11.04 0.60 -14.00
C GLY C 236 10.61 0.22 -12.59
N HIS C 237 11.29 0.73 -11.58
CA HIS C 237 10.97 0.40 -10.20
C HIS C 237 10.44 1.58 -9.39
N ASP C 238 9.95 2.59 -10.10
CA ASP C 238 9.39 3.78 -9.46
C ASP C 238 8.31 3.38 -8.47
N GLY C 239 8.40 3.91 -7.25
CA GLY C 239 7.43 3.61 -6.23
C GLY C 239 7.79 2.47 -5.29
N LYS C 240 8.76 1.65 -5.68
CA LYS C 240 9.19 0.51 -4.86
C LYS C 240 10.59 0.73 -4.29
N VAL C 241 11.22 1.84 -4.68
CA VAL C 241 12.56 2.18 -4.26
C VAL C 241 12.61 3.54 -3.57
N LYS C 242 13.04 3.56 -2.31
CA LYS C 242 13.16 4.80 -1.54
C LYS C 242 14.62 5.22 -1.48
N ILE C 243 14.87 6.40 -0.92
CA ILE C 243 16.22 6.93 -0.83
C ILE C 243 16.72 7.14 0.60
N GLY C 244 18.02 6.89 0.79
CA GLY C 244 18.61 7.07 2.10
C GLY C 244 19.80 8.01 1.96
N LEU C 245 20.20 8.64 3.06
CA LEU C 245 21.32 9.57 3.01
C LEU C 245 22.25 9.47 4.22
N ASP C 246 23.55 9.63 3.96
CA ASP C 246 24.55 9.66 5.02
C ASP C 246 25.31 10.96 4.78
N CYS C 247 24.91 12.01 5.48
CA CYS C 247 25.51 13.33 5.32
C CYS C 247 26.93 13.42 5.84
N ALA C 248 27.24 12.68 6.90
CA ALA C 248 28.57 12.70 7.48
C ALA C 248 28.97 14.16 7.70
N SER C 249 28.01 14.95 8.16
CA SER C 249 28.21 16.38 8.38
C SER C 249 29.46 16.77 9.16
N SER C 250 29.95 15.87 10.01
CA SER C 250 31.16 16.16 10.79
C SER C 250 32.33 16.54 9.89
N GLU C 251 32.25 16.17 8.61
CA GLU C 251 33.32 16.47 7.66
C GLU C 251 33.35 17.93 7.24
N PHE C 252 32.20 18.59 7.24
CA PHE C 252 32.15 19.99 6.84
C PHE C 252 31.61 20.90 7.94
N PHE C 253 31.94 20.56 9.18
CA PHE C 253 31.52 21.34 10.35
C PHE C 253 32.70 22.17 10.83
N LYS C 254 32.59 23.49 10.65
CA LYS C 254 33.65 24.42 11.05
C LYS C 254 33.10 25.67 11.72
N ASP C 255 33.74 26.10 12.81
CA ASP C 255 33.33 27.27 13.55
C ASP C 255 31.84 27.26 13.90
N GLY C 256 31.38 26.12 14.41
CA GLY C 256 29.99 25.98 14.78
C GLY C 256 29.03 26.06 13.60
N LYS C 257 29.58 26.11 12.39
CA LYS C 257 28.75 26.17 11.19
C LYS C 257 29.13 25.08 10.20
N TYR C 258 28.22 24.77 9.29
CA TYR C 258 28.46 23.73 8.29
C TYR C 258 28.73 24.33 6.92
N ASP C 259 29.90 24.02 6.36
CA ASP C 259 30.26 24.52 5.04
C ASP C 259 29.98 23.49 3.95
N LEU C 260 28.88 23.68 3.23
CA LEU C 260 28.47 22.79 2.17
C LEU C 260 29.44 22.80 0.99
N ASP C 261 30.50 23.59 1.10
CA ASP C 261 31.49 23.68 0.04
C ASP C 261 32.88 23.46 0.63
N PHE C 262 32.95 22.57 1.62
CA PHE C 262 34.21 22.26 2.30
C PHE C 262 35.27 21.71 1.35
N LYS C 263 34.83 21.20 0.21
CA LYS C 263 35.75 20.64 -0.77
C LYS C 263 36.38 21.77 -1.59
N ASN C 264 36.24 23.00 -1.08
CA ASN C 264 36.79 24.18 -1.75
C ASN C 264 37.75 24.92 -0.82
N PRO C 265 39.00 25.11 -1.26
CA PRO C 265 40.02 25.80 -0.46
C PRO C 265 39.62 27.22 -0.05
N ASN C 266 38.96 27.94 -0.96
CA ASN C 266 38.54 29.31 -0.69
C ASN C 266 37.04 29.38 -0.46
N SER C 267 36.51 28.43 0.28
CA SER C 267 35.08 28.39 0.57
C SER C 267 34.58 29.70 1.17
N ASP C 268 33.48 30.21 0.64
CA ASP C 268 32.88 31.44 1.12
C ASP C 268 32.30 31.23 2.51
N LYS C 269 33.01 31.74 3.53
CA LYS C 269 32.57 31.58 4.91
C LYS C 269 31.20 32.21 5.18
N SER C 270 30.83 33.20 4.37
CA SER C 270 29.53 33.86 4.54
C SER C 270 28.43 32.98 3.97
N LYS C 271 28.82 31.85 3.37
CA LYS C 271 27.86 30.93 2.79
C LYS C 271 27.55 29.81 3.79
N TRP C 272 28.47 29.60 4.72
CA TRP C 272 28.31 28.57 5.74
C TRP C 272 26.97 28.71 6.43
N LEU C 273 26.34 27.58 6.71
CA LEU C 273 25.03 27.58 7.34
C LEU C 273 25.07 27.20 8.81
N THR C 274 24.06 27.61 9.55
CA THR C 274 23.95 27.30 10.97
C THR C 274 23.12 26.03 11.09
N GLY C 275 22.95 25.57 12.33
CA GLY C 275 22.16 24.37 12.56
C GLY C 275 20.79 24.44 11.92
N PRO C 276 19.93 25.34 12.39
CA PRO C 276 18.57 25.50 11.85
C PRO C 276 18.54 25.70 10.34
N GLN C 277 19.57 26.36 9.81
CA GLN C 277 19.66 26.61 8.38
C GLN C 277 19.91 25.32 7.60
N LEU C 278 20.84 24.50 8.07
CA LEU C 278 21.13 23.25 7.38
C LEU C 278 19.90 22.36 7.44
N ALA C 279 19.21 22.39 8.57
CA ALA C 279 18.00 21.60 8.75
C ALA C 279 17.00 21.94 7.65
N ASP C 280 16.86 23.23 7.36
CA ASP C 280 15.94 23.69 6.32
C ASP C 280 16.27 23.08 4.98
N LEU C 281 17.57 22.97 4.70
CA LEU C 281 18.01 22.38 3.44
C LEU C 281 17.52 20.94 3.37
N TYR C 282 17.60 20.22 4.49
CA TYR C 282 17.15 18.83 4.52
C TYR C 282 15.63 18.74 4.30
N HIS C 283 14.88 19.53 5.05
CA HIS C 283 13.42 19.54 4.91
C HIS C 283 13.04 19.66 3.44
N SER C 284 13.72 20.57 2.74
CA SER C 284 13.46 20.79 1.32
C SER C 284 13.67 19.52 0.49
N LEU C 285 14.83 18.90 0.66
CA LEU C 285 15.14 17.67 -0.07
C LEU C 285 14.14 16.58 0.27
N MET C 286 13.76 16.52 1.54
CA MET C 286 12.79 15.54 2.02
C MET C 286 11.41 15.70 1.41
N LYS C 287 11.09 16.90 0.93
CA LYS C 287 9.79 17.15 0.34
C LYS C 287 9.73 16.73 -1.13
N ARG C 288 10.78 17.01 -1.89
CA ARG C 288 10.73 16.65 -3.30
C ARG C 288 11.27 15.28 -3.66
N TYR C 289 11.94 14.62 -2.72
CA TYR C 289 12.49 13.29 -2.98
C TYR C 289 11.97 12.25 -2.00
N PRO C 290 11.84 10.99 -2.45
CA PRO C 290 11.35 9.91 -1.60
C PRO C 290 12.41 9.43 -0.61
N ILE C 291 12.83 10.34 0.26
CA ILE C 291 13.84 10.07 1.28
C ILE C 291 13.18 9.57 2.57
N VAL C 292 13.55 8.37 3.01
CA VAL C 292 12.98 7.78 4.21
C VAL C 292 14.00 7.64 5.34
N SER C 293 15.23 8.07 5.08
CA SER C 293 16.28 7.96 6.09
C SER C 293 17.43 8.93 5.84
N ILE C 294 17.85 9.60 6.91
CA ILE C 294 18.97 10.54 6.84
C ILE C 294 19.93 10.27 8.00
N GLU C 295 21.20 10.05 7.66
CA GLU C 295 22.23 9.73 8.64
C GLU C 295 23.22 10.87 8.90
N ASP C 296 23.57 11.07 10.17
CA ASP C 296 24.49 12.12 10.57
C ASP C 296 24.21 13.47 9.93
N PRO C 297 22.96 13.95 10.02
CA PRO C 297 22.63 15.25 9.42
C PRO C 297 23.39 16.38 10.11
N PHE C 298 23.83 16.13 11.34
CA PHE C 298 24.55 17.13 12.09
C PHE C 298 25.81 16.57 12.76
N ALA C 299 26.69 17.46 13.18
CA ALA C 299 27.95 17.11 13.82
C ALA C 299 27.83 16.05 14.93
N GLU C 300 28.93 15.35 15.17
CA GLU C 300 28.98 14.28 16.17
C GLU C 300 28.81 14.74 17.61
N ASP C 301 28.86 16.04 17.85
CA ASP C 301 28.68 16.58 19.20
C ASP C 301 27.84 17.85 19.21
N ASP C 302 27.16 18.11 18.10
CA ASP C 302 26.31 19.28 17.98
C ASP C 302 24.88 18.86 18.34
N TRP C 303 24.73 18.30 19.54
CA TRP C 303 23.45 17.80 20.03
C TRP C 303 22.25 18.72 19.80
N GLU C 304 22.41 20.01 20.06
CA GLU C 304 21.31 20.95 19.86
C GLU C 304 20.79 20.89 18.44
N ALA C 305 21.70 20.82 17.48
CA ALA C 305 21.30 20.75 16.07
C ALA C 305 20.43 19.53 15.81
N TRP C 306 20.80 18.39 16.40
CA TRP C 306 20.04 17.16 16.21
C TRP C 306 18.63 17.26 16.79
N SER C 307 18.56 17.54 18.09
CA SER C 307 17.28 17.67 18.78
C SER C 307 16.32 18.58 18.05
N HIS C 308 16.77 19.79 17.72
CA HIS C 308 15.94 20.75 17.03
C HIS C 308 15.35 20.18 15.74
N PHE C 309 16.22 19.62 14.90
CA PHE C 309 15.80 19.05 13.62
C PHE C 309 14.81 17.91 13.81
N PHE C 310 15.08 17.05 14.80
CA PHE C 310 14.22 15.90 15.08
C PHE C 310 12.76 16.30 15.30
N LYS C 311 12.56 17.46 15.91
CA LYS C 311 11.21 17.94 16.19
C LYS C 311 10.29 17.99 14.97
N THR C 312 10.87 18.26 13.80
CA THR C 312 10.08 18.34 12.58
C THR C 312 10.44 17.34 11.48
N ALA C 313 11.42 16.48 11.76
CA ALA C 313 11.83 15.46 10.80
C ALA C 313 10.87 14.27 10.91
N GLY C 314 10.05 14.06 9.89
CA GLY C 314 9.10 12.97 9.93
C GLY C 314 9.61 11.62 9.43
N ILE C 315 10.91 11.53 9.19
CA ILE C 315 11.52 10.29 8.70
C ILE C 315 12.54 9.76 9.69
N GLN C 316 13.07 8.57 9.42
CA GLN C 316 14.07 7.96 10.29
C GLN C 316 15.36 8.78 10.30
N ILE C 317 15.85 9.09 11.51
CA ILE C 317 17.10 9.85 11.67
C ILE C 317 18.14 8.91 12.28
N VAL C 318 19.20 8.62 11.53
CA VAL C 318 20.23 7.70 11.99
C VAL C 318 21.47 8.33 12.62
N ALA C 319 21.78 7.89 13.83
CA ALA C 319 22.96 8.37 14.55
C ALA C 319 24.10 7.41 14.24
N ASP C 320 25.23 7.97 13.83
CA ASP C 320 26.43 7.20 13.50
C ASP C 320 27.62 7.66 14.33
N ASP C 321 28.30 8.73 13.89
CA ASP C 321 29.45 9.24 14.66
C ASP C 321 28.97 9.86 15.96
N LEU C 322 27.69 10.23 16.00
CA LEU C 322 27.10 10.83 17.19
C LEU C 322 27.10 9.85 18.36
N THR C 323 26.82 8.59 18.05
CA THR C 323 26.73 7.55 19.07
C THR C 323 27.84 6.51 19.02
N VAL C 324 28.48 6.37 17.86
CA VAL C 324 29.55 5.39 17.66
C VAL C 324 29.29 4.05 18.35
N THR C 325 28.07 3.53 18.16
CA THR C 325 27.66 2.24 18.73
C THR C 325 28.07 2.09 20.19
N ASN C 326 28.02 3.19 20.93
CA ASN C 326 28.40 3.22 22.33
C ASN C 326 27.17 3.43 23.21
N PRO C 327 26.82 2.43 24.03
CA PRO C 327 25.66 2.49 24.92
C PRO C 327 25.56 3.82 25.68
N LYS C 328 26.69 4.29 26.20
CA LYS C 328 26.70 5.55 26.94
C LYS C 328 26.32 6.72 26.03
N ARG C 329 26.85 6.73 24.81
CA ARG C 329 26.56 7.78 23.83
C ARG C 329 25.09 7.74 23.41
N ILE C 330 24.57 6.53 23.23
CA ILE C 330 23.19 6.33 22.81
C ILE C 330 22.23 6.80 23.89
N ALA C 331 22.61 6.60 25.16
CA ALA C 331 21.76 7.03 26.27
C ALA C 331 21.51 8.53 26.16
N THR C 332 22.59 9.28 25.92
CA THR C 332 22.48 10.74 25.79
C THR C 332 21.58 11.13 24.63
N ALA C 333 21.70 10.40 23.52
CA ALA C 333 20.90 10.69 22.34
C ALA C 333 19.42 10.44 22.63
N ILE C 334 19.13 9.47 23.48
CA ILE C 334 17.75 9.16 23.83
C ILE C 334 17.14 10.32 24.61
N GLU C 335 17.81 10.71 25.69
CA GLU C 335 17.34 11.79 26.55
C GLU C 335 17.18 13.11 25.80
N LYS C 336 18.06 13.37 24.85
CA LYS C 336 18.01 14.61 24.08
C LYS C 336 17.14 14.48 22.83
N LYS C 337 16.61 13.28 22.60
CA LYS C 337 15.76 13.03 21.45
C LYS C 337 16.45 13.55 20.18
N ALA C 338 17.69 13.14 20.00
CA ALA C 338 18.50 13.55 18.86
C ALA C 338 18.15 12.80 17.58
N ALA C 339 17.66 11.57 17.72
CA ALA C 339 17.29 10.75 16.57
C ALA C 339 16.51 9.52 17.02
N ASP C 340 16.21 8.62 16.09
CA ASP C 340 15.47 7.40 16.42
C ASP C 340 15.98 6.16 15.70
N ALA C 341 17.28 6.14 15.37
CA ALA C 341 17.90 5.00 14.70
C ALA C 341 19.41 4.96 14.95
N LEU C 342 19.94 3.76 15.17
CA LEU C 342 21.36 3.59 15.43
C LEU C 342 22.06 2.88 14.27
N LEU C 343 23.18 3.42 13.82
CA LEU C 343 23.95 2.76 12.78
C LEU C 343 24.86 1.88 13.62
N LEU C 344 24.66 0.57 13.56
CA LEU C 344 25.44 -0.36 14.36
C LEU C 344 26.71 -0.85 13.68
N LYS C 345 27.86 -0.43 14.21
CA LYS C 345 29.18 -0.80 13.69
C LYS C 345 29.98 -1.47 14.80
N VAL C 346 30.05 -2.79 14.77
CA VAL C 346 30.78 -3.54 15.78
C VAL C 346 32.17 -3.00 16.07
N ASN C 347 32.91 -2.56 15.06
CA ASN C 347 34.26 -2.08 15.31
C ASN C 347 34.35 -0.67 15.92
N GLN C 348 33.22 -0.01 16.11
CA GLN C 348 33.24 1.32 16.73
C GLN C 348 33.32 1.17 18.25
N ILE C 349 32.82 0.05 18.77
CA ILE C 349 32.83 -0.21 20.22
C ILE C 349 33.90 -1.25 20.58
N GLY C 350 34.13 -2.22 19.69
CA GLY C 350 35.15 -3.21 19.97
C GLY C 350 34.76 -4.64 20.31
N THR C 351 33.54 -4.86 20.79
CA THR C 351 33.11 -6.21 21.11
C THR C 351 31.68 -6.44 20.67
N LEU C 352 31.35 -7.72 20.53
CA LEU C 352 30.02 -8.15 20.12
C LEU C 352 29.01 -7.88 21.24
N SER C 353 29.38 -8.18 22.48
CA SER C 353 28.46 -7.97 23.62
C SER C 353 28.02 -6.51 23.72
N GLU C 354 28.98 -5.60 23.65
CA GLU C 354 28.65 -4.19 23.74
C GLU C 354 27.78 -3.77 22.55
N SER C 355 28.07 -4.34 21.38
CA SER C 355 27.31 -4.05 20.18
C SER C 355 25.86 -4.53 20.32
N ILE C 356 25.68 -5.73 20.85
CA ILE C 356 24.34 -6.27 21.05
C ILE C 356 23.60 -5.40 22.07
N LYS C 357 24.32 -4.95 23.09
CA LYS C 357 23.71 -4.11 24.11
C LYS C 357 23.26 -2.78 23.50
N ALA C 358 24.06 -2.25 22.57
CA ALA C 358 23.72 -0.99 21.92
C ALA C 358 22.42 -1.14 21.13
N ALA C 359 22.22 -2.29 20.52
CA ALA C 359 21.00 -2.53 19.75
C ALA C 359 19.81 -2.68 20.69
N GLN C 360 19.99 -3.42 21.78
CA GLN C 360 18.92 -3.64 22.75
C GLN C 360 18.43 -2.33 23.37
N ASP C 361 19.36 -1.44 23.72
CA ASP C 361 19.02 -0.17 24.30
C ASP C 361 18.27 0.68 23.28
N SER C 362 18.67 0.60 22.02
CA SER C 362 18.02 1.36 20.95
C SER C 362 16.60 0.87 20.72
N PHE C 363 16.45 -0.44 20.57
CA PHE C 363 15.13 -1.02 20.36
C PHE C 363 14.22 -0.77 21.57
N ALA C 364 14.81 -0.75 22.76
CA ALA C 364 14.03 -0.50 23.97
C ALA C 364 13.45 0.91 23.98
N ALA C 365 14.17 1.87 23.41
CA ALA C 365 13.69 3.25 23.38
C ALA C 365 12.85 3.55 22.14
N GLY C 366 12.41 2.50 21.46
CA GLY C 366 11.61 2.70 20.27
C GLY C 366 12.46 3.07 19.06
N TRP C 367 13.78 2.96 19.21
CA TRP C 367 14.70 3.29 18.13
C TRP C 367 14.82 2.18 17.10
N GLY C 368 15.25 2.56 15.89
CA GLY C 368 15.46 1.59 14.85
C GLY C 368 16.95 1.26 14.88
N VAL C 369 17.37 0.21 14.18
CA VAL C 369 18.79 -0.16 14.15
C VAL C 369 19.21 -0.61 12.75
N MET C 370 20.17 0.10 12.15
CA MET C 370 20.66 -0.27 10.83
C MET C 370 22.09 -0.81 10.97
N VAL C 371 22.25 -2.13 10.83
CA VAL C 371 23.58 -2.73 10.94
C VAL C 371 24.38 -2.21 9.76
N SER C 372 25.63 -1.85 10.02
CA SER C 372 26.47 -1.26 8.99
C SER C 372 27.88 -1.80 8.82
N HIS C 373 28.37 -1.67 7.59
CA HIS C 373 29.73 -2.09 7.24
C HIS C 373 30.54 -0.81 7.49
N ARG C 374 31.81 -0.86 7.11
CA ARG C 374 32.71 0.31 7.21
C ARG C 374 33.16 0.56 5.77
N SER C 375 33.68 1.75 5.48
CA SER C 375 34.13 2.05 4.12
C SER C 375 35.23 1.07 3.73
N GLY C 376 35.98 0.61 4.73
CA GLY C 376 37.03 -0.36 4.48
C GLY C 376 36.49 -1.71 4.92
N GLU C 377 36.15 -2.55 3.94
CA GLU C 377 35.60 -3.86 4.26
C GLU C 377 36.50 -5.02 3.87
N THR C 378 36.03 -6.23 4.14
CA THR C 378 36.78 -7.44 3.83
C THR C 378 35.83 -8.51 3.36
N GLU C 379 36.37 -9.68 3.06
CA GLU C 379 35.56 -10.81 2.61
C GLU C 379 34.73 -11.42 3.75
N ASP C 380 34.90 -10.86 4.96
CA ASP C 380 34.17 -11.33 6.16
C ASP C 380 32.70 -10.97 5.99
N THR C 381 31.79 -11.90 6.29
CA THR C 381 30.36 -11.61 6.14
C THR C 381 29.55 -11.61 7.43
N PHE C 382 30.23 -11.43 8.57
CA PHE C 382 29.57 -11.42 9.87
C PHE C 382 28.31 -10.55 10.01
N ILE C 383 28.33 -9.33 9.49
CA ILE C 383 27.18 -8.44 9.63
C ILE C 383 25.92 -8.94 8.93
N ALA C 384 26.08 -9.83 7.97
CA ALA C 384 24.92 -10.38 7.28
C ALA C 384 24.16 -11.23 8.30
N ASP C 385 24.88 -12.08 9.02
CA ASP C 385 24.24 -12.91 10.02
C ASP C 385 23.78 -12.06 11.21
N LEU C 386 24.56 -11.04 11.57
CA LEU C 386 24.19 -10.17 12.68
C LEU C 386 22.89 -9.41 12.44
N VAL C 387 22.72 -8.88 11.23
CA VAL C 387 21.51 -8.12 10.92
C VAL C 387 20.26 -9.00 11.03
N VAL C 388 20.39 -10.24 10.58
CA VAL C 388 19.27 -11.18 10.67
C VAL C 388 19.09 -11.58 12.13
N GLY C 389 20.19 -11.87 12.80
CA GLY C 389 20.12 -12.24 14.20
C GLY C 389 19.43 -11.21 15.07
N LEU C 390 19.72 -9.93 14.82
CA LEU C 390 19.15 -8.83 15.58
C LEU C 390 17.74 -8.46 15.13
N ARG C 391 17.27 -9.04 14.02
CA ARG C 391 15.91 -8.78 13.52
C ARG C 391 15.66 -7.28 13.27
N THR C 392 16.69 -6.53 12.90
CA THR C 392 16.56 -5.09 12.67
C THR C 392 15.70 -4.70 11.47
N GLY C 393 15.85 -5.42 10.37
CA GLY C 393 15.06 -5.11 9.18
C GLY C 393 15.74 -4.12 8.25
N GLN C 394 16.99 -3.79 8.52
CA GLN C 394 17.70 -2.85 7.67
C GLN C 394 19.21 -2.93 7.80
N ILE C 395 19.89 -2.95 6.67
CA ILE C 395 21.34 -3.02 6.66
C ILE C 395 21.94 -2.11 5.61
N LYS C 396 23.10 -1.56 5.93
CA LYS C 396 23.84 -0.73 5.00
C LYS C 396 25.13 -1.51 4.81
N THR C 397 25.36 -2.01 3.61
CA THR C 397 26.57 -2.79 3.36
C THR C 397 27.18 -2.51 1.98
N GLY C 398 26.88 -1.34 1.43
CA GLY C 398 27.43 -0.95 0.15
C GLY C 398 26.59 -1.09 -1.11
N ALA C 399 27.14 -0.57 -2.21
CA ALA C 399 26.48 -0.65 -3.50
C ALA C 399 26.59 -2.12 -3.93
N PRO C 400 25.83 -2.52 -4.95
CA PRO C 400 25.86 -3.90 -5.44
C PRO C 400 27.04 -4.11 -6.40
N ALA C 401 28.19 -3.60 -5.99
CA ALA C 401 29.45 -3.69 -6.74
C ALA C 401 30.59 -3.80 -5.71
N ARG C 402 31.61 -4.58 -6.05
CA ARG C 402 32.77 -4.84 -5.19
C ARG C 402 32.37 -5.96 -4.24
N SER C 403 33.04 -7.09 -4.36
CA SER C 403 32.70 -8.25 -3.57
C SER C 403 32.78 -8.13 -2.04
N GLU C 404 33.45 -7.11 -1.52
CA GLU C 404 33.48 -6.97 -0.07
C GLU C 404 32.08 -6.51 0.32
N ARG C 405 31.29 -6.08 -0.67
CA ARG C 405 29.91 -5.64 -0.44
C ARG C 405 28.98 -6.79 -0.83
N LEU C 406 29.18 -7.38 -2.01
CA LEU C 406 28.36 -8.49 -2.46
C LEU C 406 28.46 -9.71 -1.57
N ALA C 407 29.62 -9.91 -0.93
CA ALA C 407 29.78 -11.06 -0.04
C ALA C 407 28.70 -11.05 1.05
N LYS C 408 28.33 -9.85 1.50
CA LYS C 408 27.29 -9.72 2.53
C LYS C 408 25.91 -9.95 1.93
N LEU C 409 25.65 -9.28 0.82
CA LEU C 409 24.38 -9.40 0.13
C LEU C 409 24.15 -10.83 -0.31
N ASN C 410 25.20 -11.49 -0.79
CA ASN C 410 25.07 -12.89 -1.22
C ASN C 410 24.77 -13.78 -0.03
N GLN C 411 25.36 -13.48 1.12
CA GLN C 411 25.13 -14.29 2.31
C GLN C 411 23.67 -14.14 2.73
N LEU C 412 23.11 -12.93 2.59
CA LEU C 412 21.72 -12.70 2.94
C LEU C 412 20.81 -13.52 2.02
N LEU C 413 21.20 -13.68 0.76
CA LEU C 413 20.41 -14.49 -0.15
C LEU C 413 20.38 -15.92 0.39
N ARG C 414 21.55 -16.45 0.74
CA ARG C 414 21.64 -17.81 1.25
C ARG C 414 20.81 -17.99 2.52
N ILE C 415 20.90 -17.03 3.44
CA ILE C 415 20.16 -17.12 4.68
C ILE C 415 18.66 -17.14 4.38
N GLU C 416 18.21 -16.23 3.52
CA GLU C 416 16.81 -16.16 3.14
C GLU C 416 16.35 -17.50 2.59
N GLU C 417 17.12 -18.05 1.67
CA GLU C 417 16.80 -19.33 1.06
C GLU C 417 16.77 -20.47 2.07
N GLU C 418 17.74 -20.48 2.98
CA GLU C 418 17.83 -21.50 4.00
C GLU C 418 16.65 -21.46 4.97
N LEU C 419 16.20 -20.27 5.31
CA LEU C 419 15.08 -20.09 6.24
C LEU C 419 13.70 -20.32 5.66
N GLY C 420 13.50 -19.99 4.39
CA GLY C 420 12.20 -20.18 3.77
C GLY C 420 11.08 -19.46 4.51
N ASP C 421 10.01 -20.20 4.85
CA ASP C 421 8.88 -19.59 5.55
C ASP C 421 9.18 -19.20 6.98
N ASN C 422 10.43 -19.40 7.42
CA ASN C 422 10.82 -19.04 8.78
C ASN C 422 11.29 -17.59 8.84
N ALA C 423 11.14 -16.86 7.73
CA ALA C 423 11.56 -15.48 7.70
C ALA C 423 10.68 -14.65 6.79
N VAL C 424 10.60 -13.35 7.10
CA VAL C 424 9.81 -12.41 6.31
C VAL C 424 10.68 -11.22 6.00
N PHE C 425 10.39 -10.56 4.88
CA PHE C 425 11.13 -9.37 4.44
C PHE C 425 10.53 -8.14 5.11
N ALA C 426 11.36 -7.35 5.77
CA ALA C 426 10.92 -6.15 6.46
C ALA C 426 10.21 -5.14 5.56
N GLY C 427 10.77 -4.91 4.37
CA GLY C 427 10.16 -3.98 3.44
C GLY C 427 9.89 -2.60 4.02
N GLU C 428 8.65 -2.13 3.88
CA GLU C 428 8.29 -0.81 4.38
C GLU C 428 8.26 -0.69 5.89
N ASN C 429 8.39 -1.82 6.58
CA ASN C 429 8.42 -1.79 8.04
C ASN C 429 9.86 -1.85 8.54
N PHE C 430 10.82 -1.57 7.66
CA PHE C 430 12.24 -1.62 8.01
C PHE C 430 12.58 -0.89 9.32
N HIS C 431 11.96 0.27 9.54
CA HIS C 431 12.25 1.05 10.73
C HIS C 431 12.04 0.28 12.03
N HIS C 432 10.92 -0.43 12.13
CA HIS C 432 10.61 -1.22 13.33
C HIS C 432 10.65 -2.71 13.00
N GLY C 433 11.68 -3.14 12.27
CA GLY C 433 11.80 -4.54 11.90
C GLY C 433 11.71 -5.46 13.10
N ASP C 434 12.38 -5.06 14.19
CA ASP C 434 12.40 -5.86 15.41
C ASP C 434 10.99 -6.09 15.97
N LYS C 435 10.10 -5.11 15.80
CA LYS C 435 8.72 -5.20 16.29
C LYS C 435 7.82 -5.96 15.33
N LEU C 436 8.36 -6.35 14.18
CA LEU C 436 7.58 -7.07 13.19
C LEU C 436 7.37 -8.51 13.64
N ALA D 1 30.33 -39.97 -0.34
CA ALA D 1 29.32 -39.99 -1.39
C ALA D 1 28.59 -38.65 -1.50
N VAL D 2 28.36 -38.21 -2.72
CA VAL D 2 27.66 -36.95 -2.96
C VAL D 2 26.16 -37.16 -2.79
N SER D 3 25.59 -36.59 -1.73
CA SER D 3 24.17 -36.75 -1.46
C SER D 3 23.32 -35.69 -2.15
N LYS D 4 23.94 -34.60 -2.58
CA LYS D 4 23.18 -33.53 -3.21
C LYS D 4 24.05 -32.58 -4.02
N VAL D 5 23.43 -31.97 -5.03
CA VAL D 5 24.11 -30.99 -5.88
C VAL D 5 23.07 -29.89 -6.07
N TYR D 6 23.40 -28.68 -5.60
CA TYR D 6 22.47 -27.55 -5.68
C TYR D 6 23.14 -26.30 -6.26
N ALA D 7 22.34 -25.48 -6.94
CA ALA D 7 22.85 -24.25 -7.51
C ALA D 7 21.89 -23.10 -7.24
N ARG D 8 22.45 -21.90 -7.12
CA ARG D 8 21.66 -20.71 -6.87
C ARG D 8 22.34 -19.55 -7.57
N SER D 9 21.58 -18.47 -7.73
CA SER D 9 22.13 -17.29 -8.37
C SER D 9 22.70 -16.38 -7.27
N VAL D 10 23.91 -15.86 -7.50
CA VAL D 10 24.54 -14.91 -6.57
C VAL D 10 25.09 -13.77 -7.43
N TYR D 11 25.60 -12.72 -6.79
CA TYR D 11 26.13 -11.59 -7.54
C TYR D 11 27.65 -11.49 -7.55
N ASP D 12 28.21 -11.17 -8.71
CA ASP D 12 29.65 -11.01 -8.84
C ASP D 12 30.06 -9.57 -8.51
N SER D 13 31.36 -9.29 -8.66
CA SER D 13 31.92 -7.98 -8.33
C SER D 13 31.40 -6.76 -9.11
N ARG D 14 30.76 -7.01 -10.25
CA ARG D 14 30.21 -5.93 -11.07
C ARG D 14 28.72 -5.79 -10.79
N GLY D 15 28.19 -6.66 -9.93
CA GLY D 15 26.78 -6.60 -9.61
C GLY D 15 25.91 -7.37 -10.60
N ASN D 16 26.50 -8.32 -11.30
CA ASN D 16 25.77 -9.13 -12.27
C ASN D 16 25.65 -10.54 -11.72
N PRO D 17 24.50 -11.18 -11.90
CA PRO D 17 24.29 -12.55 -11.41
C PRO D 17 25.29 -13.55 -11.96
N THR D 18 25.53 -14.60 -11.18
CA THR D 18 26.40 -15.66 -11.63
C THR D 18 25.99 -16.93 -10.90
N VAL D 19 26.53 -18.05 -11.34
CA VAL D 19 26.18 -19.34 -10.78
C VAL D 19 27.04 -19.76 -9.58
N GLU D 20 26.35 -20.24 -8.54
CA GLU D 20 27.00 -20.73 -7.34
C GLU D 20 26.54 -22.18 -7.16
N VAL D 21 27.48 -23.09 -6.94
CA VAL D 21 27.15 -24.49 -6.76
C VAL D 21 27.61 -25.02 -5.41
N GLU D 22 26.79 -25.86 -4.79
CA GLU D 22 27.11 -26.47 -3.52
C GLU D 22 27.00 -27.98 -3.66
N LEU D 23 28.05 -28.67 -3.25
CA LEU D 23 28.10 -30.12 -3.31
C LEU D 23 28.10 -30.62 -1.87
N THR D 24 27.20 -31.55 -1.56
CA THR D 24 27.12 -32.08 -0.20
C THR D 24 27.59 -33.53 -0.10
N THR D 25 28.38 -33.83 0.92
CA THR D 25 28.89 -35.18 1.15
C THR D 25 28.88 -35.39 2.64
N GLU D 26 29.41 -36.52 3.10
CA GLU D 26 29.45 -36.78 4.53
C GLU D 26 30.46 -35.88 5.22
N LYS D 27 31.27 -35.18 4.44
CA LYS D 27 32.27 -34.29 5.00
C LYS D 27 31.67 -32.90 5.18
N GLY D 28 30.57 -32.63 4.48
CA GLY D 28 29.93 -31.34 4.59
C GLY D 28 29.40 -30.78 3.28
N VAL D 29 29.24 -29.47 3.25
CA VAL D 29 28.76 -28.79 2.05
C VAL D 29 29.89 -27.94 1.51
N PHE D 30 30.19 -28.12 0.22
CA PHE D 30 31.27 -27.38 -0.41
C PHE D 30 30.74 -26.47 -1.51
N ARG D 31 31.15 -25.21 -1.45
CA ARG D 31 30.68 -24.19 -2.37
C ARG D 31 31.73 -23.67 -3.35
N SER D 32 31.29 -23.45 -4.59
CA SER D 32 32.16 -22.89 -5.64
C SER D 32 31.33 -21.87 -6.42
N ILE D 33 31.96 -20.77 -6.82
CA ILE D 33 31.28 -19.72 -7.58
C ILE D 33 31.99 -19.50 -8.90
N VAL D 34 31.22 -19.37 -9.98
CA VAL D 34 31.80 -19.17 -11.29
C VAL D 34 32.05 -17.70 -11.60
N PRO D 35 33.24 -17.37 -12.13
CA PRO D 35 33.57 -15.99 -12.48
C PRO D 35 32.98 -15.61 -13.83
N SER D 36 33.23 -14.38 -14.27
CA SER D 36 32.71 -13.89 -15.55
C SER D 36 33.55 -12.78 -16.17
N GLY D 37 34.00 -12.99 -17.41
CA GLY D 37 34.78 -11.99 -18.10
C GLY D 37 33.91 -11.02 -18.87
N ALA D 38 34.53 -10.03 -19.51
CA ALA D 38 33.80 -9.05 -20.31
C ALA D 38 34.43 -9.07 -21.70
N ALA D 39 33.61 -9.00 -22.74
CA ALA D 39 34.10 -9.05 -24.11
C ALA D 39 35.01 -10.28 -24.25
N THR D 40 34.51 -11.39 -23.73
CA THR D 40 35.21 -12.67 -23.75
C THR D 40 35.73 -13.07 -25.13
N GLY D 41 36.79 -13.88 -25.15
CA GLY D 41 37.34 -14.32 -26.41
C GLY D 41 36.30 -15.10 -27.20
N VAL D 42 36.28 -14.92 -28.52
CA VAL D 42 35.31 -15.60 -29.36
C VAL D 42 35.41 -17.11 -29.28
N HIS D 43 36.55 -17.60 -28.78
CA HIS D 43 36.78 -19.04 -28.66
C HIS D 43 36.46 -19.65 -27.29
N GLU D 44 35.96 -18.84 -26.36
CA GLU D 44 35.65 -19.33 -25.02
C GLU D 44 34.42 -20.26 -24.95
N ALA D 45 34.41 -21.13 -23.95
CA ALA D 45 33.28 -22.04 -23.75
C ALA D 45 32.09 -21.13 -23.47
N LEU D 46 30.90 -21.55 -23.87
CA LEU D 46 29.69 -20.74 -23.71
C LEU D 46 29.23 -20.44 -22.30
N GLU D 47 29.08 -19.15 -22.01
CA GLU D 47 28.58 -18.68 -20.73
C GLU D 47 27.09 -18.43 -20.99
N MET D 48 26.23 -19.27 -20.41
CA MET D 48 24.80 -19.15 -20.63
C MET D 48 24.12 -18.04 -19.83
N ARG D 49 23.42 -17.17 -20.55
CA ARG D 49 22.67 -16.05 -19.98
C ARG D 49 21.23 -16.18 -20.45
N ASP D 50 20.28 -15.86 -19.58
CA ASP D 50 18.87 -15.97 -19.91
C ASP D 50 18.44 -15.06 -21.05
N GLY D 51 18.94 -13.83 -21.05
CA GLY D 51 18.60 -12.89 -22.10
C GLY D 51 17.26 -12.22 -21.87
N ASP D 52 16.76 -12.23 -20.64
CA ASP D 52 15.49 -11.59 -20.33
C ASP D 52 15.74 -10.11 -20.07
N LYS D 53 15.50 -9.28 -21.08
CA LYS D 53 15.73 -7.85 -20.97
C LYS D 53 14.97 -7.20 -19.81
N SER D 54 13.92 -7.88 -19.30
CA SER D 54 13.15 -7.33 -18.19
C SER D 54 13.69 -7.74 -16.83
N LYS D 55 14.81 -8.46 -16.83
CA LYS D 55 15.41 -8.90 -15.58
C LYS D 55 16.92 -8.95 -15.66
N TRP D 56 17.59 -8.23 -14.76
CA TRP D 56 19.05 -8.21 -14.72
C TRP D 56 19.66 -7.73 -16.02
N MET D 57 19.00 -6.80 -16.71
CA MET D 57 19.51 -6.27 -17.97
C MET D 57 19.74 -7.42 -18.94
N GLY D 58 18.98 -8.49 -18.80
CA GLY D 58 19.13 -9.64 -19.67
C GLY D 58 20.35 -10.50 -19.34
N LYS D 59 20.91 -10.31 -18.15
CA LYS D 59 22.10 -11.05 -17.74
C LYS D 59 21.83 -12.10 -16.64
N GLY D 60 20.58 -12.52 -16.51
CA GLY D 60 20.25 -13.51 -15.50
C GLY D 60 20.84 -14.87 -15.85
N VAL D 61 20.98 -15.73 -14.86
CA VAL D 61 21.53 -17.06 -15.09
C VAL D 61 20.60 -18.16 -14.61
N LEU D 62 19.30 -17.87 -14.61
CA LEU D 62 18.31 -18.84 -14.16
C LEU D 62 18.36 -20.14 -14.96
N HIS D 63 18.58 -20.04 -16.27
CA HIS D 63 18.66 -21.23 -17.11
C HIS D 63 19.88 -22.07 -16.78
N ALA D 64 21.00 -21.40 -16.53
CA ALA D 64 22.22 -22.11 -16.18
C ALA D 64 22.00 -22.83 -14.86
N VAL D 65 21.43 -22.10 -13.88
CA VAL D 65 21.14 -22.65 -12.56
C VAL D 65 20.14 -23.80 -12.65
N LYS D 66 19.15 -23.65 -13.53
CA LYS D 66 18.16 -24.69 -13.70
C LYS D 66 18.83 -25.93 -14.25
N ASN D 67 19.74 -25.77 -15.21
CA ASN D 67 20.44 -26.92 -15.77
C ASN D 67 21.18 -27.71 -14.72
N VAL D 68 21.65 -27.01 -13.67
CA VAL D 68 22.35 -27.68 -12.60
C VAL D 68 21.39 -28.47 -11.73
N ASN D 69 20.33 -27.81 -11.25
CA ASN D 69 19.36 -28.47 -10.38
C ASN D 69 18.47 -29.50 -11.05
N ASP D 70 18.18 -29.34 -12.34
CA ASP D 70 17.30 -30.27 -13.05
C ASP D 70 17.95 -31.32 -13.94
N VAL D 71 19.13 -31.02 -14.48
CA VAL D 71 19.79 -31.99 -15.36
C VAL D 71 21.03 -32.61 -14.73
N ILE D 72 21.93 -31.76 -14.25
CA ILE D 72 23.16 -32.25 -13.65
C ILE D 72 22.95 -32.94 -12.30
N ALA D 73 22.32 -32.24 -11.36
CA ALA D 73 22.10 -32.77 -10.02
C ALA D 73 21.62 -34.22 -9.97
N PRO D 74 20.45 -34.53 -10.55
CA PRO D 74 19.92 -35.90 -10.54
C PRO D 74 20.84 -36.96 -11.12
N ALA D 75 21.39 -36.69 -12.30
CA ALA D 75 22.28 -37.63 -12.95
C ALA D 75 23.57 -37.80 -12.18
N PHE D 76 24.11 -36.70 -11.66
CA PHE D 76 25.36 -36.73 -10.92
C PHE D 76 25.28 -37.59 -9.66
N VAL D 77 24.24 -37.35 -8.84
CA VAL D 77 24.08 -38.11 -7.61
C VAL D 77 23.81 -39.59 -7.90
N LYS D 78 23.08 -39.84 -8.99
CA LYS D 78 22.75 -41.20 -9.40
C LYS D 78 24.00 -41.98 -9.76
N ALA D 79 24.90 -41.34 -10.50
CA ALA D 79 26.13 -41.99 -10.93
C ALA D 79 27.06 -42.37 -9.78
N ASN D 80 26.82 -41.83 -8.59
CA ASN D 80 27.64 -42.13 -7.41
C ASN D 80 29.13 -42.05 -7.75
N ILE D 81 29.56 -40.90 -8.23
CA ILE D 81 30.95 -40.68 -8.63
C ILE D 81 31.87 -40.39 -7.44
N ASP D 82 33.12 -40.82 -7.55
CA ASP D 82 34.12 -40.58 -6.50
C ASP D 82 34.73 -39.20 -6.77
N VAL D 83 34.46 -38.24 -5.89
CA VAL D 83 34.97 -36.88 -6.06
C VAL D 83 36.48 -36.78 -6.13
N LYS D 84 37.18 -37.76 -5.55
CA LYS D 84 38.64 -37.75 -5.57
C LYS D 84 39.13 -37.93 -7.01
N ASP D 85 38.32 -38.57 -7.84
CA ASP D 85 38.67 -38.80 -9.24
C ASP D 85 38.16 -37.65 -10.09
N GLN D 86 38.88 -36.53 -10.07
CA GLN D 86 38.48 -35.36 -10.84
C GLN D 86 38.16 -35.70 -12.30
N LYS D 87 39.04 -36.47 -12.95
CA LYS D 87 38.82 -36.81 -14.36
C LYS D 87 37.47 -37.49 -14.60
N ALA D 88 37.09 -38.40 -13.70
CA ALA D 88 35.80 -39.09 -13.83
C ALA D 88 34.69 -38.07 -13.63
N VAL D 89 34.91 -37.15 -12.68
CA VAL D 89 33.92 -36.12 -12.41
C VAL D 89 33.67 -35.28 -13.67
N ASP D 90 34.75 -34.78 -14.27
CA ASP D 90 34.60 -33.95 -15.45
C ASP D 90 34.20 -34.71 -16.71
N ASP D 91 34.72 -35.93 -16.90
CA ASP D 91 34.32 -36.70 -18.07
C ASP D 91 32.82 -36.91 -18.03
N PHE D 92 32.28 -37.07 -16.82
CA PHE D 92 30.85 -37.26 -16.65
C PHE D 92 30.10 -36.01 -17.10
N LEU D 93 30.50 -34.86 -16.57
CA LEU D 93 29.86 -33.59 -16.89
C LEU D 93 29.96 -33.24 -18.37
N ILE D 94 31.15 -33.43 -18.93
CA ILE D 94 31.36 -33.12 -20.34
C ILE D 94 30.50 -34.04 -21.20
N SER D 95 30.39 -35.30 -20.79
CA SER D 95 29.59 -36.28 -21.51
C SER D 95 28.10 -35.93 -21.43
N LEU D 96 27.66 -35.40 -20.30
CA LEU D 96 26.26 -35.04 -20.12
C LEU D 96 25.91 -33.85 -21.00
N ASP D 97 26.83 -32.90 -21.12
CA ASP D 97 26.61 -31.72 -21.96
C ASP D 97 26.53 -32.14 -23.41
N GLY D 98 27.51 -32.94 -23.84
CA GLY D 98 27.54 -33.43 -25.21
C GLY D 98 28.01 -32.48 -26.30
N THR D 99 28.29 -31.23 -25.95
CA THR D 99 28.74 -30.25 -26.93
C THR D 99 30.16 -29.80 -26.64
N ALA D 100 30.95 -29.59 -27.69
CA ALA D 100 32.34 -29.17 -27.55
C ALA D 100 32.52 -27.88 -26.75
N ASN D 101 31.75 -26.85 -27.08
CA ASN D 101 31.85 -25.57 -26.39
C ASN D 101 30.92 -25.48 -25.17
N LYS D 102 30.39 -26.62 -24.75
CA LYS D 102 29.50 -26.67 -23.58
C LYS D 102 28.31 -25.73 -23.70
N SER D 103 27.72 -25.66 -24.90
CA SER D 103 26.58 -24.80 -25.17
C SER D 103 25.23 -25.36 -24.72
N LYS D 104 25.16 -26.67 -24.47
CA LYS D 104 23.89 -27.26 -24.06
C LYS D 104 23.50 -26.90 -22.64
N LEU D 105 24.37 -27.23 -21.69
CA LEU D 105 24.11 -26.94 -20.28
C LEU D 105 24.72 -25.61 -19.87
N GLY D 106 25.74 -25.19 -20.59
CA GLY D 106 26.41 -23.95 -20.27
C GLY D 106 27.67 -24.19 -19.46
N ALA D 107 28.76 -23.52 -19.81
CA ALA D 107 30.02 -23.69 -19.08
C ALA D 107 29.86 -23.21 -17.65
N ASN D 108 29.09 -22.14 -17.46
CA ASN D 108 28.88 -21.60 -16.12
C ASN D 108 27.99 -22.48 -15.27
N ALA D 109 27.51 -23.58 -15.83
CA ALA D 109 26.68 -24.52 -15.08
C ALA D 109 27.56 -25.71 -14.76
N ILE D 110 28.42 -26.07 -15.70
CA ILE D 110 29.33 -27.21 -15.52
C ILE D 110 30.50 -26.92 -14.58
N LEU D 111 31.13 -25.76 -14.73
CA LEU D 111 32.28 -25.41 -13.90
C LEU D 111 32.04 -25.47 -12.39
N GLY D 112 30.95 -24.87 -11.93
CA GLY D 112 30.64 -24.88 -10.50
C GLY D 112 30.69 -26.24 -9.84
N VAL D 113 30.17 -27.24 -10.54
CA VAL D 113 30.15 -28.61 -10.03
C VAL D 113 31.55 -29.20 -10.05
N SER D 114 32.28 -28.94 -11.14
CA SER D 114 33.63 -29.43 -11.29
C SER D 114 34.51 -28.97 -10.13
N LEU D 115 34.50 -27.67 -9.86
CA LEU D 115 35.32 -27.11 -8.80
C LEU D 115 34.90 -27.51 -7.39
N ALA D 116 33.59 -27.57 -7.14
CA ALA D 116 33.07 -27.94 -5.84
C ALA D 116 33.47 -29.36 -5.47
N ALA D 117 33.51 -30.22 -6.48
CA ALA D 117 33.89 -31.60 -6.28
C ALA D 117 35.34 -31.68 -5.80
N SER D 118 36.22 -30.85 -6.36
CA SER D 118 37.61 -30.90 -5.95
C SER D 118 37.76 -30.46 -4.48
N ARG D 119 36.91 -29.53 -4.03
CA ARG D 119 36.97 -29.11 -2.64
C ARG D 119 36.48 -30.25 -1.74
N ALA D 120 35.40 -30.91 -2.15
CA ALA D 120 34.86 -32.05 -1.37
C ALA D 120 35.90 -33.15 -1.28
N ALA D 121 36.66 -33.33 -2.36
CA ALA D 121 37.69 -34.36 -2.40
C ALA D 121 38.80 -34.05 -1.41
N ALA D 122 39.21 -32.79 -1.34
CA ALA D 122 40.26 -32.38 -0.43
C ALA D 122 39.82 -32.64 1.03
N ALA D 123 38.54 -32.40 1.30
CA ALA D 123 38.01 -32.64 2.63
C ALA D 123 38.06 -34.13 2.94
N GLU D 124 37.67 -34.95 1.98
CA GLU D 124 37.68 -36.40 2.17
C GLU D 124 39.07 -36.90 2.51
N LYS D 125 40.06 -36.31 1.85
CA LYS D 125 41.47 -36.69 2.05
C LYS D 125 42.08 -35.97 3.25
N ASN D 126 41.35 -35.01 3.80
CA ASN D 126 41.81 -34.25 4.96
C ASN D 126 43.11 -33.51 4.65
N VAL D 127 43.14 -32.80 3.53
CA VAL D 127 44.30 -32.02 3.15
C VAL D 127 43.83 -30.70 2.57
N PRO D 128 44.70 -29.68 2.63
CA PRO D 128 44.34 -28.36 2.08
C PRO D 128 44.02 -28.52 0.61
N LEU D 129 43.20 -27.64 0.06
CA LEU D 129 42.84 -27.70 -1.35
C LEU D 129 44.06 -27.70 -2.28
N TYR D 130 44.99 -26.78 -2.05
CA TYR D 130 46.17 -26.72 -2.92
C TYR D 130 46.94 -28.04 -2.97
N LYS D 131 46.94 -28.77 -1.86
CA LYS D 131 47.64 -30.05 -1.85
C LYS D 131 46.90 -31.06 -2.73
N HIS D 132 45.57 -31.07 -2.65
CA HIS D 132 44.80 -31.99 -3.48
C HIS D 132 44.90 -31.60 -4.96
N LEU D 133 44.96 -30.31 -5.25
CA LEU D 133 45.07 -29.86 -6.63
C LEU D 133 46.45 -30.29 -7.16
N ALA D 134 47.46 -30.26 -6.30
CA ALA D 134 48.81 -30.68 -6.69
C ALA D 134 48.80 -32.18 -7.02
N ASP D 135 48.05 -32.96 -6.25
CA ASP D 135 47.97 -34.40 -6.51
C ASP D 135 47.27 -34.64 -7.85
N LEU D 136 46.15 -33.97 -8.06
CA LEU D 136 45.39 -34.10 -9.30
C LEU D 136 46.22 -33.77 -10.54
N SER D 137 47.12 -32.81 -10.40
CA SER D 137 47.94 -32.38 -11.53
C SER D 137 49.33 -32.99 -11.53
N LYS D 138 49.58 -33.93 -10.61
CA LYS D 138 50.88 -34.57 -10.54
C LYS D 138 52.04 -33.58 -10.42
N SER D 139 51.84 -32.52 -9.63
CA SER D 139 52.89 -31.52 -9.43
C SER D 139 53.93 -32.07 -8.46
N LYS D 140 55.04 -31.34 -8.30
CA LYS D 140 56.08 -31.80 -7.38
C LYS D 140 55.53 -31.77 -5.96
N THR D 141 55.98 -32.71 -5.13
CA THR D 141 55.51 -32.79 -3.75
C THR D 141 56.04 -31.65 -2.90
N SER D 142 57.24 -31.19 -3.23
CA SER D 142 57.85 -30.10 -2.49
C SER D 142 59.01 -29.53 -3.32
N PRO D 143 59.31 -28.24 -3.11
CA PRO D 143 58.60 -27.39 -2.15
C PRO D 143 57.45 -26.69 -2.87
N TYR D 144 56.43 -26.25 -2.14
CA TYR D 144 55.32 -25.56 -2.76
C TYR D 144 55.80 -24.15 -3.17
N VAL D 145 55.24 -23.65 -4.26
CA VAL D 145 55.64 -22.35 -4.78
C VAL D 145 54.60 -21.24 -4.65
N LEU D 146 54.96 -20.18 -3.95
CA LEU D 146 54.09 -19.02 -3.80
C LEU D 146 54.31 -18.21 -5.05
N PRO D 147 53.23 -17.73 -5.67
CA PRO D 147 53.36 -16.94 -6.89
C PRO D 147 53.66 -15.45 -6.75
N VAL D 148 54.19 -14.87 -7.82
CA VAL D 148 54.44 -13.45 -7.87
C VAL D 148 53.08 -12.92 -8.32
N PRO D 149 52.52 -11.95 -7.59
CA PRO D 149 51.23 -11.44 -8.00
C PRO D 149 51.40 -10.31 -9.03
N PHE D 150 50.67 -10.43 -10.14
CA PHE D 150 50.71 -9.39 -11.17
C PHE D 150 49.47 -8.54 -10.89
N LEU D 151 49.68 -7.35 -10.34
CA LEU D 151 48.62 -6.44 -9.94
C LEU D 151 48.25 -5.39 -10.98
N ASN D 152 47.07 -5.53 -11.58
CA ASN D 152 46.56 -4.59 -12.59
C ASN D 152 46.23 -3.26 -11.92
N VAL D 153 47.24 -2.43 -11.66
CA VAL D 153 47.04 -1.16 -10.97
C VAL D 153 46.59 0.03 -11.81
N LEU D 154 46.65 -0.10 -13.13
CA LEU D 154 46.24 0.96 -14.04
C LEU D 154 45.51 0.39 -15.25
N ASN D 155 44.28 0.85 -15.47
CA ASN D 155 43.45 0.36 -16.56
C ASN D 155 43.35 1.29 -17.76
N GLY D 156 43.35 0.69 -18.95
CA GLY D 156 43.24 1.45 -20.17
C GLY D 156 42.25 0.74 -21.09
N GLY D 157 42.31 1.07 -22.37
CA GLY D 157 41.42 0.46 -23.35
C GLY D 157 39.95 0.57 -23.02
N SER D 158 39.25 -0.55 -23.11
CA SER D 158 37.82 -0.59 -22.83
C SER D 158 37.51 -0.21 -21.38
N HIS D 159 38.53 -0.24 -20.53
CA HIS D 159 38.36 0.10 -19.12
C HIS D 159 38.75 1.55 -18.79
N ALA D 160 39.00 2.35 -19.82
CA ALA D 160 39.38 3.74 -19.62
C ALA D 160 38.60 4.69 -20.51
N GLY D 161 38.73 5.98 -20.26
CA GLY D 161 38.02 6.97 -21.05
C GLY D 161 38.95 7.83 -21.90
N GLY D 162 40.25 7.69 -21.69
CA GLY D 162 41.20 8.47 -22.46
C GLY D 162 41.43 7.84 -23.82
N ALA D 163 42.64 8.01 -24.36
CA ALA D 163 42.98 7.45 -25.65
C ALA D 163 43.72 6.12 -25.49
N LEU D 164 44.33 5.91 -24.32
CA LEU D 164 45.10 4.70 -24.04
C LEU D 164 44.38 3.44 -24.50
N ALA D 165 44.97 2.78 -25.48
CA ALA D 165 44.39 1.56 -26.06
C ALA D 165 44.70 0.27 -25.29
N LEU D 166 45.89 0.15 -24.72
CA LEU D 166 46.25 -1.06 -23.97
C LEU D 166 45.36 -1.19 -22.73
N GLN D 167 44.78 -2.37 -22.57
CA GLN D 167 43.84 -2.66 -21.48
C GLN D 167 44.36 -2.72 -20.03
N GLU D 168 45.46 -3.42 -19.78
CA GLU D 168 45.97 -3.56 -18.41
C GLU D 168 47.46 -3.26 -18.21
N PHE D 169 47.78 -2.49 -17.18
CA PHE D 169 49.17 -2.17 -16.84
C PHE D 169 49.36 -2.71 -15.42
N MET D 170 50.15 -3.79 -15.33
CA MET D 170 50.41 -4.47 -14.07
C MET D 170 51.81 -4.31 -13.49
N ILE D 171 51.89 -4.33 -12.16
CA ILE D 171 53.19 -4.28 -11.51
C ILE D 171 53.36 -5.68 -10.93
N ALA D 172 54.61 -6.12 -10.86
CA ALA D 172 54.92 -7.45 -10.35
C ALA D 172 56.14 -7.33 -9.47
N PRO D 173 55.96 -7.47 -8.14
CA PRO D 173 57.05 -7.37 -7.17
C PRO D 173 57.92 -8.62 -7.18
N THR D 174 58.72 -8.80 -8.22
CA THR D 174 59.57 -9.98 -8.32
C THR D 174 60.76 -9.92 -7.36
N GLY D 175 61.09 -8.72 -6.89
CA GLY D 175 62.20 -8.55 -5.98
C GLY D 175 61.93 -8.79 -4.51
N ALA D 176 60.84 -9.48 -4.19
CA ALA D 176 60.50 -9.76 -2.80
C ALA D 176 61.07 -11.13 -2.42
N LYS D 177 61.13 -11.41 -1.13
CA LYS D 177 61.66 -12.69 -0.65
C LYS D 177 60.58 -13.69 -0.29
N THR D 178 59.37 -13.19 -0.07
CA THR D 178 58.22 -14.00 0.28
C THR D 178 57.02 -13.38 -0.40
N PHE D 179 55.89 -14.08 -0.37
CA PHE D 179 54.69 -13.55 -0.97
C PHE D 179 54.18 -12.38 -0.13
N ALA D 180 54.26 -12.53 1.19
CA ALA D 180 53.81 -11.49 2.11
C ALA D 180 54.52 -10.17 1.79
N GLU D 181 55.84 -10.22 1.67
CA GLU D 181 56.61 -9.02 1.36
C GLU D 181 56.23 -8.49 -0.03
N ALA D 182 56.01 -9.40 -0.97
CA ALA D 182 55.63 -9.02 -2.31
C ALA D 182 54.30 -8.26 -2.29
N LEU D 183 53.35 -8.78 -1.54
CA LEU D 183 52.04 -8.15 -1.44
C LEU D 183 52.18 -6.78 -0.76
N ARG D 184 52.98 -6.71 0.31
CA ARG D 184 53.16 -5.44 1.01
C ARG D 184 53.74 -4.41 0.03
N ILE D 185 54.76 -4.84 -0.71
CA ILE D 185 55.41 -3.98 -1.69
C ILE D 185 54.42 -3.52 -2.76
N GLY D 186 53.66 -4.47 -3.28
CA GLY D 186 52.67 -4.15 -4.29
C GLY D 186 51.64 -3.13 -3.82
N SER D 187 51.18 -3.25 -2.58
CA SER D 187 50.18 -2.30 -2.08
C SER D 187 50.76 -0.91 -1.85
N GLU D 188 52.03 -0.84 -1.45
CA GLU D 188 52.64 0.46 -1.23
C GLU D 188 52.73 1.20 -2.57
N VAL D 189 53.16 0.50 -3.61
CA VAL D 189 53.25 1.10 -4.94
C VAL D 189 51.85 1.56 -5.38
N TYR D 190 50.87 0.69 -5.20
CA TYR D 190 49.50 1.02 -5.58
C TYR D 190 49.04 2.31 -4.91
N HIS D 191 49.29 2.45 -3.61
CA HIS D 191 48.90 3.66 -2.89
C HIS D 191 49.63 4.90 -3.35
N ASN D 192 50.89 4.74 -3.74
CA ASN D 192 51.67 5.85 -4.23
C ASN D 192 51.09 6.25 -5.58
N LEU D 193 50.73 5.26 -6.38
CA LEU D 193 50.16 5.50 -7.70
C LEU D 193 48.83 6.26 -7.57
N LYS D 194 47.99 5.81 -6.64
CA LYS D 194 46.69 6.45 -6.46
C LYS D 194 46.80 7.89 -5.99
N SER D 195 47.72 8.18 -5.06
CA SER D 195 47.87 9.55 -4.60
C SER D 195 48.42 10.40 -5.74
N LEU D 196 49.38 9.86 -6.49
CA LEU D 196 49.95 10.59 -7.63
C LEU D 196 48.89 10.84 -8.69
N THR D 197 48.02 9.84 -8.92
CA THR D 197 47.00 10.00 -9.93
C THR D 197 46.00 11.06 -9.53
N LYS D 198 45.58 11.05 -8.27
CA LYS D 198 44.63 12.06 -7.80
C LYS D 198 45.22 13.46 -7.93
N LYS D 199 46.51 13.59 -7.64
CA LYS D 199 47.15 14.90 -7.73
C LYS D 199 47.34 15.40 -9.16
N ARG D 200 47.71 14.50 -10.06
CA ARG D 200 47.95 14.89 -11.44
C ARG D 200 46.71 14.95 -12.31
N TYR D 201 45.74 14.07 -12.06
CA TYR D 201 44.52 14.03 -12.87
C TYR D 201 43.25 14.52 -12.15
N GLY D 202 43.19 14.38 -10.84
CA GLY D 202 42.01 14.83 -10.13
C GLY D 202 41.42 13.75 -9.23
N ALA D 203 40.70 14.17 -8.21
CA ALA D 203 40.07 13.26 -7.26
C ALA D 203 39.28 12.14 -7.94
N SER D 204 38.55 12.48 -8.99
CA SER D 204 37.74 11.50 -9.72
C SER D 204 38.61 10.39 -10.30
N ALA D 205 39.87 10.72 -10.57
CA ALA D 205 40.80 9.75 -11.13
C ALA D 205 41.20 8.72 -10.07
N GLY D 206 40.73 8.94 -8.84
CA GLY D 206 41.04 8.02 -7.76
C GLY D 206 40.14 6.80 -7.79
N ASN D 207 38.97 6.95 -8.38
CA ASN D 207 38.00 5.86 -8.49
C ASN D 207 38.63 4.69 -9.22
N VAL D 208 38.24 3.48 -8.83
CA VAL D 208 38.83 2.29 -9.43
C VAL D 208 37.97 1.63 -10.50
N GLY D 209 38.63 0.88 -11.37
CA GLY D 209 37.92 0.17 -12.42
C GLY D 209 37.49 -1.16 -11.84
N ASP D 210 36.92 -2.02 -12.70
CA ASP D 210 36.43 -3.33 -12.25
C ASP D 210 37.44 -4.17 -11.47
N GLU D 211 38.71 -4.06 -11.80
CA GLU D 211 39.72 -4.86 -11.11
C GLU D 211 40.47 -4.14 -9.98
N GLY D 212 40.03 -2.94 -9.65
CA GLY D 212 40.65 -2.20 -8.56
C GLY D 212 41.72 -1.19 -8.91
N GLY D 213 42.14 -1.15 -10.18
CA GLY D 213 43.17 -0.22 -10.56
C GLY D 213 42.58 1.15 -10.84
N VAL D 214 43.42 2.18 -10.88
CA VAL D 214 42.91 3.51 -11.17
C VAL D 214 42.78 3.59 -12.69
N ALA D 215 41.89 4.46 -13.17
CA ALA D 215 41.68 4.61 -14.60
C ALA D 215 41.55 6.07 -15.02
N PRO D 216 42.65 6.84 -14.91
CA PRO D 216 42.67 8.26 -15.28
C PRO D 216 42.62 8.41 -16.80
N ASN D 217 42.20 9.57 -17.28
CA ASN D 217 42.15 9.80 -18.72
C ASN D 217 43.56 9.96 -19.28
N ILE D 218 44.19 8.84 -19.61
CA ILE D 218 45.55 8.84 -20.16
C ILE D 218 45.50 8.88 -21.68
N GLN D 219 46.48 9.54 -22.28
CA GLN D 219 46.55 9.67 -23.73
C GLN D 219 47.37 8.59 -24.42
N THR D 220 48.51 8.22 -23.82
CA THR D 220 49.39 7.22 -24.44
C THR D 220 49.94 6.18 -23.46
N ALA D 221 50.44 5.08 -24.02
CA ALA D 221 51.01 4.01 -23.21
C ALA D 221 52.26 4.49 -22.49
N GLU D 222 53.00 5.41 -23.09
CA GLU D 222 54.21 5.95 -22.48
C GLU D 222 53.84 6.76 -21.24
N GLU D 223 52.70 7.45 -21.31
CA GLU D 223 52.22 8.25 -20.18
C GLU D 223 51.88 7.32 -19.04
N ALA D 224 51.17 6.24 -19.34
CA ALA D 224 50.78 5.26 -18.32
C ALA D 224 52.02 4.68 -17.66
N LEU D 225 52.97 4.24 -18.47
CA LEU D 225 54.19 3.64 -17.96
C LEU D 225 55.06 4.61 -17.16
N ASP D 226 55.16 5.87 -17.56
CA ASP D 226 55.96 6.82 -16.78
C ASP D 226 55.32 6.98 -15.41
N LEU D 227 53.98 7.02 -15.37
CA LEU D 227 53.25 7.15 -14.13
C LEU D 227 53.53 5.97 -13.19
N ILE D 228 53.57 4.77 -13.75
CA ILE D 228 53.83 3.55 -12.98
C ILE D 228 55.24 3.60 -12.40
N VAL D 229 56.22 3.96 -13.23
CA VAL D 229 57.59 4.04 -12.76
C VAL D 229 57.68 5.04 -11.61
N ASP D 230 57.00 6.18 -11.74
CA ASP D 230 57.02 7.19 -10.66
C ASP D 230 56.44 6.61 -9.37
N ALA D 231 55.38 5.82 -9.47
CA ALA D 231 54.79 5.24 -8.27
C ALA D 231 55.76 4.27 -7.62
N ILE D 232 56.42 3.45 -8.43
CA ILE D 232 57.40 2.49 -7.92
C ILE D 232 58.54 3.22 -7.21
N LYS D 233 59.06 4.26 -7.88
CA LYS D 233 60.14 5.07 -7.33
C LYS D 233 59.75 5.73 -6.02
N ALA D 234 58.60 6.39 -6.01
CA ALA D 234 58.12 7.08 -4.83
C ALA D 234 57.95 6.13 -3.65
N ALA D 235 57.52 4.90 -3.91
CA ALA D 235 57.34 3.91 -2.86
C ALA D 235 58.70 3.36 -2.41
N GLY D 236 59.74 3.68 -3.18
CA GLY D 236 61.09 3.25 -2.86
C GLY D 236 61.42 1.83 -3.28
N HIS D 237 60.70 1.31 -4.27
CA HIS D 237 60.92 -0.05 -4.71
C HIS D 237 61.52 -0.23 -6.11
N ASP D 238 62.19 0.81 -6.60
CA ASP D 238 62.79 0.75 -7.91
C ASP D 238 63.76 -0.43 -7.98
N GLY D 239 63.63 -1.24 -9.01
CA GLY D 239 64.48 -2.40 -9.17
C GLY D 239 63.87 -3.68 -8.60
N LYS D 240 62.86 -3.54 -7.74
CA LYS D 240 62.22 -4.71 -7.13
C LYS D 240 60.83 -4.98 -7.70
N VAL D 241 60.32 -4.04 -8.48
CA VAL D 241 59.00 -4.20 -9.08
C VAL D 241 59.08 -4.11 -10.59
N LYS D 242 58.55 -5.12 -11.27
CA LYS D 242 58.55 -5.19 -12.72
C LYS D 242 57.17 -4.86 -13.28
N ILE D 243 57.06 -4.83 -14.60
CA ILE D 243 55.81 -4.49 -15.24
C ILE D 243 55.26 -5.57 -16.18
N GLY D 244 53.94 -5.72 -16.18
CA GLY D 244 53.29 -6.68 -17.03
C GLY D 244 52.19 -5.96 -17.78
N LEU D 245 51.87 -6.44 -18.98
CA LEU D 245 50.83 -5.82 -19.78
C LEU D 245 49.85 -6.81 -20.38
N ASP D 246 48.61 -6.39 -20.52
CA ASP D 246 47.57 -7.17 -21.19
C ASP D 246 47.05 -6.15 -22.19
N CYS D 247 47.50 -6.29 -23.43
CA CYS D 247 47.11 -5.37 -24.48
C CYS D 247 45.68 -5.57 -24.97
N ALA D 248 45.21 -6.82 -24.94
CA ALA D 248 43.87 -7.15 -25.40
C ALA D 248 43.68 -6.52 -26.77
N SER D 249 44.70 -6.67 -27.60
CA SER D 249 44.73 -6.12 -28.95
C SER D 249 43.56 -6.51 -29.84
N SER D 250 42.91 -7.62 -29.53
CA SER D 250 41.77 -8.05 -30.34
C SER D 250 40.73 -6.92 -30.34
N GLU D 251 40.71 -6.15 -29.25
CA GLU D 251 39.78 -5.04 -29.11
C GLU D 251 39.99 -3.94 -30.15
N PHE D 252 41.20 -3.81 -30.66
CA PHE D 252 41.48 -2.78 -31.66
C PHE D 252 42.09 -3.29 -32.95
N PHE D 253 41.80 -4.56 -33.26
CA PHE D 253 42.28 -5.20 -34.48
C PHE D 253 41.22 -5.02 -35.56
N LYS D 254 41.50 -4.16 -36.54
CA LYS D 254 40.56 -3.89 -37.62
C LYS D 254 41.23 -3.91 -39.01
N ASP D 255 40.55 -4.50 -39.99
CA ASP D 255 41.05 -4.59 -41.35
C ASP D 255 42.50 -5.07 -41.42
N GLY D 256 42.82 -6.11 -40.65
CA GLY D 256 44.17 -6.65 -40.66
C GLY D 256 45.20 -5.74 -40.02
N LYS D 257 44.75 -4.63 -39.44
CA LYS D 257 45.67 -3.69 -38.78
C LYS D 257 45.21 -3.40 -37.35
N TYR D 258 46.02 -2.67 -36.60
CA TYR D 258 45.71 -2.33 -35.22
C TYR D 258 45.57 -0.83 -35.01
N ASP D 259 44.42 -0.42 -34.50
CA ASP D 259 44.16 0.99 -34.27
C ASP D 259 44.36 1.36 -32.81
N LEU D 260 45.48 2.02 -32.52
CA LEU D 260 45.81 2.42 -31.17
C LEU D 260 44.95 3.56 -30.65
N ASP D 261 44.04 4.04 -31.48
CA ASP D 261 43.15 5.13 -31.08
C ASP D 261 41.72 4.69 -31.38
N PHE D 262 41.48 3.38 -31.21
CA PHE D 262 40.18 2.78 -31.47
C PHE D 262 39.02 3.38 -30.67
N LYS D 263 39.33 4.14 -29.63
CA LYS D 263 38.28 4.77 -28.84
C LYS D 263 37.81 6.07 -29.48
N ASN D 264 38.49 6.50 -30.54
CA ASN D 264 38.11 7.71 -31.25
C ASN D 264 37.28 7.32 -32.47
N PRO D 265 36.01 7.74 -32.51
CA PRO D 265 35.09 7.44 -33.61
C PRO D 265 35.66 7.79 -34.99
N ASN D 266 36.42 8.88 -35.05
CA ASN D 266 37.01 9.29 -36.32
C ASN D 266 38.52 9.04 -36.34
N SER D 267 38.90 7.86 -35.86
CA SER D 267 40.30 7.45 -35.82
C SER D 267 40.92 7.49 -37.22
N ASP D 268 42.11 8.06 -37.31
CA ASP D 268 42.81 8.17 -38.59
C ASP D 268 43.40 6.83 -38.99
N LYS D 269 42.75 6.18 -39.96
CA LYS D 269 43.16 4.87 -40.45
C LYS D 269 44.61 4.84 -40.97
N SER D 270 45.13 5.99 -41.40
CA SER D 270 46.48 6.02 -41.92
C SER D 270 47.50 5.82 -40.79
N LYS D 271 47.04 5.93 -39.56
CA LYS D 271 47.92 5.74 -38.41
C LYS D 271 47.80 4.34 -37.83
N TRP D 272 46.92 3.53 -38.40
CA TRP D 272 46.74 2.16 -37.94
C TRP D 272 48.04 1.41 -38.22
N LEU D 273 48.39 0.49 -37.33
CA LEU D 273 49.64 -0.25 -37.48
C LEU D 273 49.47 -1.67 -38.00
N THR D 274 50.48 -2.14 -38.72
CA THR D 274 50.47 -3.49 -39.26
C THR D 274 51.06 -4.38 -38.18
N GLY D 275 51.19 -5.67 -38.48
CA GLY D 275 51.75 -6.59 -37.52
C GLY D 275 53.14 -6.15 -37.05
N PRO D 276 54.10 -6.03 -37.97
CA PRO D 276 55.48 -5.63 -37.66
C PRO D 276 55.62 -4.29 -36.94
N GLN D 277 54.80 -3.31 -37.32
CA GLN D 277 54.83 -1.98 -36.72
C GLN D 277 54.42 -2.01 -35.25
N LEU D 278 53.37 -2.77 -34.93
CA LEU D 278 52.92 -2.87 -33.54
C LEU D 278 54.02 -3.57 -32.76
N ALA D 279 54.64 -4.59 -33.35
CA ALA D 279 55.72 -5.31 -32.69
C ALA D 279 56.87 -4.35 -32.41
N ASP D 280 57.12 -3.43 -33.34
CA ASP D 280 58.18 -2.45 -33.17
C ASP D 280 57.88 -1.51 -32.01
N LEU D 281 56.61 -1.18 -31.84
CA LEU D 281 56.21 -0.31 -30.74
C LEU D 281 56.49 -1.04 -29.43
N TYR D 282 56.11 -2.32 -29.36
CA TYR D 282 56.35 -3.10 -28.16
C TYR D 282 57.84 -3.10 -27.81
N HIS D 283 58.70 -3.26 -28.82
CA HIS D 283 60.13 -3.25 -28.57
C HIS D 283 60.58 -1.92 -27.97
N SER D 284 60.01 -0.82 -28.44
CA SER D 284 60.36 0.51 -27.92
C SER D 284 59.98 0.66 -26.45
N LEU D 285 58.84 0.09 -26.08
CA LEU D 285 58.39 0.18 -24.69
C LEU D 285 59.25 -0.70 -23.80
N MET D 286 59.53 -1.92 -24.27
CA MET D 286 60.33 -2.86 -23.50
C MET D 286 61.74 -2.31 -23.28
N LYS D 287 62.20 -1.50 -24.21
CA LYS D 287 63.53 -0.92 -24.09
C LYS D 287 63.60 0.20 -23.04
N ARG D 288 62.53 0.98 -22.91
CA ARG D 288 62.50 2.07 -21.95
C ARG D 288 61.90 1.71 -20.58
N TYR D 289 61.14 0.62 -20.53
CA TYR D 289 60.49 0.22 -19.29
C TYR D 289 60.78 -1.24 -18.90
N PRO D 290 60.80 -1.52 -17.58
CA PRO D 290 61.06 -2.86 -17.04
C PRO D 290 59.89 -3.82 -17.23
N ILE D 291 59.51 -4.00 -18.48
CA ILE D 291 58.40 -4.89 -18.85
C ILE D 291 58.93 -6.31 -18.99
N VAL D 292 58.37 -7.22 -18.20
CA VAL D 292 58.81 -8.61 -18.22
C VAL D 292 57.74 -9.60 -18.72
N SER D 293 56.57 -9.09 -19.09
CA SER D 293 55.51 -9.95 -19.61
C SER D 293 54.52 -9.13 -20.42
N ILE D 294 54.11 -9.69 -21.57
CA ILE D 294 53.16 -9.03 -22.45
C ILE D 294 52.08 -10.04 -22.82
N GLU D 295 50.83 -9.72 -22.51
CA GLU D 295 49.68 -10.58 -22.78
C GLU D 295 48.86 -10.10 -23.99
N ASP D 296 48.44 -11.06 -24.82
CA ASP D 296 47.67 -10.80 -26.04
C ASP D 296 48.20 -9.58 -26.83
N PRO D 297 49.50 -9.58 -27.17
CA PRO D 297 50.03 -8.44 -27.93
C PRO D 297 49.40 -8.34 -29.31
N PHE D 298 48.85 -9.45 -29.79
CA PHE D 298 48.21 -9.51 -31.10
C PHE D 298 46.87 -10.23 -31.05
N ALA D 299 46.03 -9.99 -32.05
CA ALA D 299 44.69 -10.58 -32.14
C ALA D 299 44.60 -12.08 -31.88
N GLU D 300 43.44 -12.49 -31.37
CA GLU D 300 43.17 -13.89 -31.01
C GLU D 300 43.31 -14.90 -32.15
N ASP D 301 43.39 -14.42 -33.37
CA ASP D 301 43.54 -15.31 -34.52
C ASP D 301 44.63 -14.81 -35.48
N ASP D 302 45.35 -13.77 -35.07
CA ASP D 302 46.42 -13.22 -35.91
C ASP D 302 47.72 -13.97 -35.66
N TRP D 303 47.70 -15.28 -35.93
CA TRP D 303 48.87 -16.14 -35.71
C TRP D 303 50.21 -15.64 -36.22
N GLU D 304 50.24 -15.20 -37.47
CA GLU D 304 51.48 -14.72 -38.08
C GLU D 304 52.09 -13.57 -37.29
N ALA D 305 51.24 -12.68 -36.79
CA ALA D 305 51.73 -11.55 -36.01
C ALA D 305 52.40 -12.04 -34.74
N TRP D 306 51.80 -13.02 -34.06
CA TRP D 306 52.39 -13.55 -32.83
C TRP D 306 53.74 -14.21 -33.12
N SER D 307 53.75 -15.10 -34.10
CA SER D 307 54.98 -15.81 -34.47
C SER D 307 56.10 -14.86 -34.84
N HIS D 308 55.77 -13.80 -35.56
CA HIS D 308 56.78 -12.83 -35.97
C HIS D 308 57.41 -12.14 -34.77
N PHE D 309 56.59 -11.68 -33.83
CA PHE D 309 57.08 -11.00 -32.64
C PHE D 309 57.87 -11.93 -31.73
N PHE D 310 57.38 -13.16 -31.54
CA PHE D 310 58.07 -14.11 -30.66
C PHE D 310 59.53 -14.33 -31.05
N LYS D 311 59.82 -14.19 -32.33
CA LYS D 311 61.19 -14.39 -32.80
C LYS D 311 62.16 -13.48 -32.04
N THR D 312 61.74 -12.27 -31.72
CA THR D 312 62.63 -11.35 -31.02
C THR D 312 62.14 -10.78 -29.69
N ALA D 313 60.95 -11.18 -29.25
CA ALA D 313 60.39 -10.68 -28.01
C ALA D 313 61.41 -10.61 -26.87
N GLY D 314 61.95 -11.76 -26.46
CA GLY D 314 62.94 -11.75 -25.39
C GLY D 314 62.38 -11.70 -23.98
N ILE D 315 61.07 -11.68 -23.84
CA ILE D 315 60.42 -11.66 -22.53
C ILE D 315 59.22 -12.61 -22.60
N GLN D 316 58.58 -12.86 -21.46
CA GLN D 316 57.43 -13.74 -21.43
C GLN D 316 56.31 -13.19 -22.30
N ILE D 317 55.76 -14.03 -23.17
CA ILE D 317 54.64 -13.61 -24.02
C ILE D 317 53.45 -14.49 -23.65
N VAL D 318 52.43 -13.88 -23.06
CA VAL D 318 51.25 -14.61 -22.61
C VAL D 318 50.09 -14.68 -23.58
N ALA D 319 49.54 -15.89 -23.74
CA ALA D 319 48.41 -16.11 -24.62
C ALA D 319 47.14 -16.23 -23.76
N ASP D 320 46.15 -15.40 -24.07
CA ASP D 320 44.88 -15.40 -23.35
C ASP D 320 43.71 -15.67 -24.29
N ASP D 321 43.30 -14.69 -25.09
CA ASP D 321 42.20 -14.93 -26.02
C ASP D 321 42.69 -15.81 -27.17
N LEU D 322 44.01 -15.85 -27.38
CA LEU D 322 44.59 -16.68 -28.43
C LEU D 322 44.37 -18.16 -28.12
N THR D 323 44.60 -18.54 -26.86
CA THR D 323 44.48 -19.93 -26.43
C THR D 323 43.21 -20.32 -25.66
N VAL D 324 42.58 -19.34 -25.02
CA VAL D 324 41.38 -19.56 -24.22
C VAL D 324 41.41 -20.83 -23.37
N THR D 325 42.56 -21.06 -22.75
CA THR D 325 42.77 -22.20 -21.85
C THR D 325 42.30 -23.52 -22.48
N ASN D 326 42.46 -23.61 -23.80
CA ASN D 326 42.06 -24.78 -24.56
C ASN D 326 43.28 -25.51 -25.10
N PRO D 327 43.50 -26.74 -24.66
CA PRO D 327 44.65 -27.54 -25.11
C PRO D 327 44.79 -27.62 -26.64
N LYS D 328 43.65 -27.60 -27.34
CA LYS D 328 43.66 -27.67 -28.80
C LYS D 328 44.32 -26.44 -29.42
N ARG D 329 43.98 -25.25 -28.90
CA ARG D 329 44.57 -24.02 -29.43
C ARG D 329 45.99 -23.85 -28.91
N ILE D 330 46.26 -24.42 -27.74
CA ILE D 330 47.58 -24.35 -27.14
C ILE D 330 48.57 -25.14 -28.02
N ALA D 331 48.13 -26.30 -28.50
CA ALA D 331 48.99 -27.13 -29.36
C ALA D 331 49.31 -26.35 -30.63
N THR D 332 48.34 -25.54 -31.07
CA THR D 332 48.52 -24.72 -32.26
C THR D 332 49.56 -23.64 -31.99
N ALA D 333 49.47 -22.99 -30.83
CA ALA D 333 50.42 -21.94 -30.48
C ALA D 333 51.84 -22.49 -30.37
N ILE D 334 51.96 -23.73 -29.90
CA ILE D 334 53.27 -24.36 -29.77
C ILE D 334 53.84 -24.64 -31.15
N GLU D 335 53.00 -25.21 -32.03
CA GLU D 335 53.39 -25.54 -33.39
C GLU D 335 53.91 -24.31 -34.13
N LYS D 336 53.19 -23.19 -34.01
CA LYS D 336 53.54 -21.93 -34.66
C LYS D 336 54.51 -21.04 -33.88
N LYS D 337 54.89 -21.49 -32.67
CA LYS D 337 55.79 -20.73 -31.82
C LYS D 337 55.29 -19.30 -31.64
N ALA D 338 54.04 -19.19 -31.23
CA ALA D 338 53.38 -17.90 -31.05
C ALA D 338 53.63 -17.22 -29.70
N ALA D 339 53.82 -18.01 -28.65
CA ALA D 339 54.04 -17.46 -27.32
C ALA D 339 54.71 -18.51 -26.44
N ASP D 340 54.98 -18.17 -25.19
CA ASP D 340 55.60 -19.14 -24.27
C ASP D 340 55.00 -19.13 -22.88
N ALA D 341 53.78 -18.63 -22.78
CA ALA D 341 53.06 -18.58 -21.51
C ALA D 341 51.56 -18.63 -21.72
N LEU D 342 50.87 -19.35 -20.83
CA LEU D 342 49.42 -19.49 -20.90
C LEU D 342 48.74 -18.79 -19.73
N LEU D 343 47.71 -18.00 -20.04
CA LEU D 343 46.94 -17.36 -18.98
C LEU D 343 45.85 -18.41 -18.76
N LEU D 344 45.82 -19.00 -17.56
CA LEU D 344 44.86 -20.05 -17.25
C LEU D 344 43.59 -19.53 -16.59
N LYS D 345 42.48 -19.67 -17.30
CA LYS D 345 41.16 -19.23 -16.83
C LYS D 345 40.23 -20.42 -16.85
N VAL D 346 39.98 -21.00 -15.67
CA VAL D 346 39.12 -22.17 -15.58
C VAL D 346 37.76 -22.03 -16.28
N ASN D 347 37.16 -20.84 -16.24
CA ASN D 347 35.85 -20.68 -16.87
C ASN D 347 35.90 -20.47 -18.40
N GLN D 348 37.09 -20.47 -18.99
CA GLN D 348 37.22 -20.32 -20.42
C GLN D 348 37.04 -21.70 -21.06
N ILE D 349 37.42 -22.74 -20.32
CA ILE D 349 37.29 -24.12 -20.81
C ILE D 349 36.08 -24.81 -20.16
N GLY D 350 35.80 -24.55 -18.90
CA GLY D 350 34.63 -25.16 -18.29
C GLY D 350 34.81 -26.21 -17.22
N THR D 351 35.99 -26.83 -17.14
CA THR D 351 36.22 -27.85 -16.11
C THR D 351 37.64 -27.75 -15.58
N LEU D 352 37.82 -28.27 -14.37
CA LEU D 352 39.12 -28.27 -13.72
C LEU D 352 40.07 -29.21 -14.46
N SER D 353 39.59 -30.39 -14.83
CA SER D 353 40.44 -31.34 -15.55
C SER D 353 41.04 -30.74 -16.81
N GLU D 354 40.18 -30.17 -17.67
CA GLU D 354 40.66 -29.57 -18.90
C GLU D 354 41.62 -28.42 -18.62
N SER D 355 41.37 -27.69 -17.53
CA SER D 355 42.24 -26.58 -17.17
C SER D 355 43.59 -27.14 -16.73
N ILE D 356 43.55 -28.22 -15.97
CA ILE D 356 44.78 -28.85 -15.51
C ILE D 356 45.61 -29.39 -16.68
N LYS D 357 44.93 -29.99 -17.65
CA LYS D 357 45.61 -30.53 -18.84
C LYS D 357 46.26 -29.38 -19.60
N ALA D 358 45.55 -28.25 -19.67
CA ALA D 358 46.06 -27.06 -20.37
C ALA D 358 47.38 -26.60 -19.73
N ALA D 359 47.43 -26.60 -18.41
CA ALA D 359 48.64 -26.20 -17.71
C ALA D 359 49.77 -27.18 -18.00
N GLN D 360 49.44 -28.47 -17.96
CA GLN D 360 50.43 -29.52 -18.19
C GLN D 360 51.01 -29.47 -19.60
N ASP D 361 50.15 -29.28 -20.59
CA ASP D 361 50.62 -29.21 -21.96
C ASP D 361 51.57 -28.03 -22.11
N SER D 362 51.23 -26.92 -21.45
CA SER D 362 52.06 -25.72 -21.51
C SER D 362 53.43 -25.98 -20.89
N PHE D 363 53.46 -26.46 -19.65
CA PHE D 363 54.74 -26.72 -18.99
C PHE D 363 55.58 -27.72 -19.79
N ALA D 364 54.94 -28.76 -20.32
CA ALA D 364 55.64 -29.77 -21.10
C ALA D 364 56.35 -29.15 -22.31
N ALA D 365 55.83 -28.03 -22.80
CA ALA D 365 56.45 -27.37 -23.94
C ALA D 365 57.43 -26.29 -23.52
N GLY D 366 57.74 -26.22 -22.22
CA GLY D 366 58.68 -25.22 -21.74
C GLY D 366 58.04 -23.85 -21.52
N TRP D 367 56.72 -23.83 -21.52
CA TRP D 367 55.96 -22.60 -21.30
C TRP D 367 55.76 -22.31 -19.81
N GLY D 368 55.37 -21.08 -19.52
CA GLY D 368 55.08 -20.70 -18.15
C GLY D 368 53.56 -20.73 -18.06
N VAL D 369 53.00 -20.58 -16.86
CA VAL D 369 51.55 -20.55 -16.72
C VAL D 369 51.13 -19.51 -15.71
N MET D 370 50.35 -18.52 -16.12
CA MET D 370 49.87 -17.50 -15.18
C MET D 370 48.40 -17.77 -14.89
N VAL D 371 48.09 -18.18 -13.67
CA VAL D 371 46.72 -18.44 -13.27
C VAL D 371 46.00 -17.12 -13.21
N SER D 372 44.77 -17.07 -13.70
CA SER D 372 44.08 -15.79 -13.74
C SER D 372 42.61 -15.74 -13.34
N HIS D 373 42.21 -14.56 -12.86
CA HIS D 373 40.83 -14.30 -12.47
C HIS D 373 40.18 -13.79 -13.76
N ARG D 374 38.94 -13.29 -13.65
CA ARG D 374 38.22 -12.70 -14.77
C ARG D 374 37.87 -11.31 -14.27
N SER D 375 37.56 -10.39 -15.20
CA SER D 375 37.21 -9.02 -14.82
C SER D 375 36.04 -9.01 -13.84
N GLY D 376 35.16 -9.99 -13.95
CA GLY D 376 34.03 -10.11 -13.05
C GLY D 376 34.37 -11.23 -12.08
N GLU D 377 34.63 -10.91 -10.81
CA GLU D 377 34.99 -11.93 -9.82
C GLU D 377 33.99 -12.08 -8.68
N THR D 378 34.30 -12.98 -7.75
CA THR D 378 33.44 -13.22 -6.59
C THR D 378 34.31 -13.46 -5.37
N GLU D 379 33.67 -13.72 -4.24
CA GLU D 379 34.39 -13.95 -3.00
C GLU D 379 35.08 -15.33 -3.03
N ASP D 380 34.85 -16.10 -4.08
CA ASP D 380 35.46 -17.43 -4.22
C ASP D 380 36.98 -17.26 -4.32
N THR D 381 37.73 -18.15 -3.68
CA THR D 381 39.19 -18.04 -3.70
C THR D 381 39.90 -19.23 -4.34
N PHE D 382 39.19 -19.99 -5.16
CA PHE D 382 39.77 -21.18 -5.78
C PHE D 382 41.15 -21.01 -6.45
N ILE D 383 41.29 -19.99 -7.31
CA ILE D 383 42.54 -19.77 -8.03
C ILE D 383 43.77 -19.57 -7.15
N ALA D 384 43.57 -19.18 -5.89
CA ALA D 384 44.70 -19.01 -4.98
C ALA D 384 45.24 -20.40 -4.69
N ASP D 385 44.35 -21.32 -4.36
CA ASP D 385 44.81 -22.68 -4.10
C ASP D 385 45.31 -23.34 -5.38
N LEU D 386 44.68 -23.01 -6.51
CA LEU D 386 45.09 -23.59 -7.79
C LEU D 386 46.50 -23.17 -8.21
N VAL D 387 46.80 -21.89 -8.14
CA VAL D 387 48.14 -21.45 -8.55
C VAL D 387 49.23 -22.11 -7.71
N VAL D 388 48.93 -22.38 -6.44
CA VAL D 388 49.90 -23.03 -5.56
C VAL D 388 49.95 -24.53 -5.88
N GLY D 389 48.78 -25.12 -6.10
CA GLY D 389 48.72 -26.53 -6.43
C GLY D 389 49.45 -26.83 -7.72
N LEU D 390 49.37 -25.89 -8.67
CA LEU D 390 50.04 -26.04 -9.97
C LEU D 390 51.46 -25.49 -9.94
N ARG D 391 51.83 -24.86 -8.82
CA ARG D 391 53.17 -24.30 -8.63
C ARG D 391 53.69 -23.44 -9.78
N THR D 392 52.81 -22.70 -10.45
CA THR D 392 53.20 -21.88 -11.60
C THR D 392 54.15 -20.74 -11.31
N GLY D 393 54.07 -20.16 -10.11
CA GLY D 393 54.95 -19.06 -9.77
C GLY D 393 54.40 -17.70 -10.18
N GLN D 394 53.19 -17.66 -10.74
CA GLN D 394 52.63 -16.39 -11.16
C GLN D 394 51.11 -16.39 -11.29
N ILE D 395 50.50 -15.35 -10.74
CA ILE D 395 49.05 -15.22 -10.75
C ILE D 395 48.61 -13.79 -11.01
N LYS D 396 47.52 -13.66 -11.75
CA LYS D 396 46.94 -12.36 -12.06
C LYS D 396 45.57 -12.39 -11.39
N THR D 397 45.41 -11.65 -10.30
CA THR D 397 44.14 -11.64 -9.61
C THR D 397 43.66 -10.25 -9.15
N GLY D 398 44.07 -9.22 -9.88
CA GLY D 398 43.62 -7.86 -9.58
C GLY D 398 44.62 -6.95 -8.90
N ALA D 399 44.20 -5.69 -8.71
CA ALA D 399 45.03 -4.72 -8.01
C ALA D 399 44.76 -5.01 -6.55
N PRO D 400 45.60 -4.49 -5.64
CA PRO D 400 45.39 -4.73 -4.22
C PRO D 400 44.23 -3.88 -3.69
N ALA D 401 43.10 -3.94 -4.38
CA ALA D 401 41.90 -3.18 -4.01
C ALA D 401 40.66 -3.94 -4.50
N ARG D 402 39.58 -3.89 -3.70
CA ARG D 402 38.31 -4.58 -3.99
C ARG D 402 38.49 -6.03 -3.52
N SER D 403 37.72 -6.44 -2.51
CA SER D 403 37.87 -7.79 -1.96
C SER D 403 37.69 -9.02 -2.84
N GLU D 404 37.16 -8.87 -4.05
CA GLU D 404 37.05 -10.04 -4.92
C GLU D 404 38.48 -10.30 -5.39
N ARG D 405 39.38 -9.36 -5.11
CA ARG D 405 40.79 -9.52 -5.49
C ARG D 405 41.60 -9.86 -4.23
N LEU D 406 41.46 -9.06 -3.18
CA LEU D 406 42.18 -9.32 -1.94
C LEU D 406 41.84 -10.71 -1.36
N ALA D 407 40.62 -11.19 -1.59
CA ALA D 407 40.24 -12.50 -1.07
C ALA D 407 41.23 -13.57 -1.54
N LYS D 408 41.67 -13.48 -2.78
CA LYS D 408 42.64 -14.44 -3.32
C LYS D 408 44.01 -14.19 -2.70
N LEU D 409 44.38 -12.91 -2.65
CA LEU D 409 45.67 -12.50 -2.09
C LEU D 409 45.79 -12.81 -0.61
N ASN D 410 44.70 -12.63 0.14
CA ASN D 410 44.74 -12.93 1.56
C ASN D 410 44.87 -14.44 1.71
N GLN D 411 44.21 -15.20 0.83
CA GLN D 411 44.30 -16.66 0.90
C GLN D 411 45.72 -17.13 0.63
N LEU D 412 46.43 -16.46 -0.28
CA LEU D 412 47.81 -16.84 -0.56
C LEU D 412 48.66 -16.57 0.70
N LEU D 413 48.32 -15.51 1.41
CA LEU D 413 49.04 -15.18 2.65
C LEU D 413 48.86 -16.30 3.67
N ARG D 414 47.66 -16.87 3.75
CA ARG D 414 47.38 -17.95 4.70
C ARG D 414 48.09 -19.23 4.29
N ILE D 415 48.09 -19.50 2.99
CA ILE D 415 48.74 -20.69 2.47
C ILE D 415 50.24 -20.62 2.77
N GLU D 416 50.85 -19.47 2.46
CA GLU D 416 52.28 -19.29 2.73
C GLU D 416 52.58 -19.54 4.21
N GLU D 417 51.79 -18.92 5.09
CA GLU D 417 51.99 -19.09 6.53
C GLU D 417 51.90 -20.55 6.94
N GLU D 418 50.89 -21.24 6.42
CA GLU D 418 50.65 -22.64 6.72
C GLU D 418 51.78 -23.56 6.23
N LEU D 419 52.35 -23.24 5.06
CA LEU D 419 53.42 -24.05 4.52
C LEU D 419 54.73 -23.90 5.28
N GLY D 420 54.99 -22.69 5.78
CA GLY D 420 56.22 -22.46 6.51
C GLY D 420 57.45 -22.64 5.65
N ASP D 421 58.38 -23.48 6.13
CA ASP D 421 59.62 -23.74 5.42
C ASP D 421 59.44 -24.63 4.20
N ASN D 422 58.25 -25.20 4.04
CA ASN D 422 57.97 -26.07 2.90
C ASN D 422 57.47 -25.23 1.71
N ALA D 423 58.02 -24.04 1.54
CA ALA D 423 57.61 -23.16 0.45
C ALA D 423 58.70 -22.19 0.01
N VAL D 424 58.64 -21.78 -1.25
CA VAL D 424 59.59 -20.82 -1.80
C VAL D 424 58.79 -19.83 -2.64
N PHE D 425 59.24 -18.58 -2.69
CA PHE D 425 58.59 -17.53 -3.46
C PHE D 425 59.23 -17.54 -4.85
N ALA D 426 58.40 -17.53 -5.89
CA ALA D 426 58.89 -17.55 -7.26
C ALA D 426 59.87 -16.42 -7.58
N GLY D 427 59.55 -15.21 -7.11
CA GLY D 427 60.41 -14.06 -7.34
C GLY D 427 60.75 -13.87 -8.81
N GLU D 428 62.03 -13.62 -9.08
CA GLU D 428 62.51 -13.38 -10.43
C GLU D 428 62.37 -14.59 -11.35
N ASN D 429 62.15 -15.77 -10.76
CA ASN D 429 62.02 -17.00 -11.54
C ASN D 429 60.56 -17.36 -11.79
N PHE D 430 59.68 -16.37 -11.76
CA PHE D 430 58.25 -16.59 -11.96
C PHE D 430 57.89 -17.36 -13.23
N HIS D 431 58.55 -17.05 -14.35
CA HIS D 431 58.26 -17.73 -15.61
C HIS D 431 58.33 -19.25 -15.52
N HIS D 432 59.33 -19.76 -14.81
CA HIS D 432 59.47 -21.20 -14.65
C HIS D 432 59.24 -21.60 -13.20
N GLY D 433 58.20 -21.03 -12.59
CA GLY D 433 57.90 -21.34 -11.21
C GLY D 433 57.82 -22.83 -10.94
N ASP D 434 57.27 -23.59 -11.89
CA ASP D 434 57.13 -25.03 -11.70
C ASP D 434 58.46 -25.79 -11.67
N LYS D 435 59.53 -25.19 -12.19
CA LYS D 435 60.83 -25.86 -12.17
C LYS D 435 61.56 -25.61 -10.85
N LEU D 436 60.94 -24.84 -9.97
CA LEU D 436 61.54 -24.53 -8.68
C LEU D 436 61.33 -25.66 -7.68
MG MG E . -33.08 -11.08 -4.00
MG MG F . -33.89 -9.00 -7.50
C1 PAH G . -33.10 -6.81 -5.14
C2 PAH G . -33.42 -8.17 -4.59
N3 PAH G . -33.91 -8.26 -3.38
O3 PAH G . -34.20 -9.54 -2.95
O2 PAH G . -33.23 -9.22 -5.31
O1P PAH G . -35.62 -5.59 -5.24
O2P PAH G . -35.11 -7.27 -7.00
O3P PAH G . -34.00 -5.00 -7.10
P PAH G . -34.51 -6.15 -6.15
MG MG H . -25.79 24.40 6.23
MG MG I . -24.68 22.31 9.52
C1 PAH J . -25.85 20.06 7.34
C2 PAH J . -26.16 21.48 7.03
N3 PAH J . -27.28 21.77 6.37
O3 PAH J . -27.51 23.11 6.15
O2 PAH J . -25.36 22.44 7.42
O1P PAH J . -27.96 19.43 9.07
O2P PAH J . -26.03 20.71 10.01
O3P PAH J . -25.77 18.27 9.52
P PAH J . -26.43 19.60 9.04
MG MG K . 32.14 7.58 9.03
MG MG L . 28.10 7.23 8.29
C1 PAH M . 31.82 5.73 6.30
C2 PAH M . 30.56 5.88 7.09
N3 PAH M . 29.68 4.89 7.08
O3 PAH M . 28.55 5.11 7.84
O2 PAH M . 30.35 6.95 7.80
O1P PAH M . 33.01 3.48 7.41
O2P PAH M . 33.08 5.58 8.77
O3P PAH M . 34.58 5.35 6.74
P PAH M . 33.18 5.00 7.35
MG MG N . 39.62 -10.80 -21.97
MG MG O . 43.61 -10.77 -20.96
C1 PAH P . 39.92 -9.30 -18.89
C2 PAH P . 41.14 -10.02 -19.36
N3 PAH P . 41.92 -10.60 -18.46
O3 PAH P . 43.00 -11.27 -18.95
O2 PAH P . 41.41 -10.12 -20.64
O1P PAH P . 38.43 -11.36 -17.70
O2P PAH P . 38.37 -11.19 -20.19
O3P PAH P . 37.12 -9.50 -18.81
P PAH P . 38.41 -10.39 -18.89
#